data_7FGQ
# 
_entry.id   7FGQ 
# 
_audit_conform.dict_name       mmcif_pdbx.dic 
_audit_conform.dict_version    5.380 
_audit_conform.dict_location   http://mmcif.pdb.org/dictionaries/ascii/mmcif_pdbx.dic 
# 
loop_
_database_2.database_id 
_database_2.database_code 
_database_2.pdbx_database_accession 
_database_2.pdbx_DOI 
PDB   7FGQ         pdb_00007fgq 10.2210/pdb7fgq/pdb 
WWPDB D_1300023245 ?            ?                   
# 
_pdbx_database_related.db_name        SASBDB 
_pdbx_database_related.details        . 
_pdbx_database_related.db_id          SASDKU9 
_pdbx_database_related.content_type   'associated SAS data' 
# 
_pdbx_database_status.status_code                     REL 
_pdbx_database_status.status_code_sf                  REL 
_pdbx_database_status.status_code_mr                  ? 
_pdbx_database_status.entry_id                        7FGQ 
_pdbx_database_status.recvd_initial_deposition_date   2021-07-27 
_pdbx_database_status.SG_entry                        N 
_pdbx_database_status.deposit_site                    PDBJ 
_pdbx_database_status.process_site                    PDBJ 
_pdbx_database_status.status_code_cs                  ? 
_pdbx_database_status.status_code_nmr_data            ? 
_pdbx_database_status.methods_development_category    ? 
_pdbx_database_status.pdb_format_compatible           Y 
# 
loop_
_audit_author.name 
_audit_author.pdbx_ordinal 
_audit_author.identifier_ORCID 
'Ramachandran, R.' 1 0000-0002-0723-9861 
'Vishwakarma, J.'  2 0000-0002-6536-2980 
'Sharma, V.K.'     3 0000-0002-0470-4705 
# 
_citation.abstract                  ? 
_citation.abstract_id_CAS           ? 
_citation.book_id_ISBN              ? 
_citation.book_publisher            ? 
_citation.book_publisher_city       ? 
_citation.book_title                ? 
_citation.coordinate_linkage        ? 
_citation.country                   ? 
_citation.database_id_Medline       ? 
_citation.details                   ? 
_citation.id                        primary 
_citation.journal_abbrev            'To Be Published' 
_citation.journal_id_ASTM           ? 
_citation.journal_id_CSD            0353 
_citation.journal_id_ISSN           ? 
_citation.journal_full              ? 
_citation.journal_issue             ? 
_citation.journal_volume            ? 
_citation.language                  ? 
_citation.page_first                ? 
_citation.page_last                 ? 
_citation.title                     
'Crystal structure of Thymidylate kinase with TMP and its low-resolution (SAXS) solution structure from Brugia malayi' 
_citation.year                      ? 
_citation.database_id_CSD           ? 
_citation.pdbx_database_id_DOI      ? 
_citation.pdbx_database_id_PubMed   ? 
_citation.pdbx_database_id_patent   ? 
_citation.unpublished_flag          ? 
# 
loop_
_citation_author.citation_id 
_citation_author.name 
_citation_author.ordinal 
_citation_author.identifier_ORCID 
primary 'Ramachandran, R.' 1 0000-0002-0723-9861 
primary 'Vishwakarma, J.'  2 0000-0002-6536-2980 
primary 'Sharma, V.K.'     3 0000-0002-0470-4705 
# 
_cell.angle_alpha                  90.00 
_cell.angle_alpha_esd              ? 
_cell.angle_beta                   90.00 
_cell.angle_beta_esd               ? 
_cell.angle_gamma                  90.00 
_cell.angle_gamma_esd              ? 
_cell.entry_id                     7FGQ 
_cell.details                      ? 
_cell.formula_units_Z              ? 
_cell.length_a                     58.670 
_cell.length_a_esd                 ? 
_cell.length_b                     58.670 
_cell.length_b_esd                 ? 
_cell.length_c                     119.610 
_cell.length_c_esd                 ? 
_cell.volume                       ? 
_cell.volume_esd                   ? 
_cell.Z_PDB                        8 
_cell.reciprocal_angle_alpha       ? 
_cell.reciprocal_angle_beta        ? 
_cell.reciprocal_angle_gamma       ? 
_cell.reciprocal_angle_alpha_esd   ? 
_cell.reciprocal_angle_beta_esd    ? 
_cell.reciprocal_angle_gamma_esd   ? 
_cell.reciprocal_length_a          ? 
_cell.reciprocal_length_b          ? 
_cell.reciprocal_length_c          ? 
_cell.reciprocal_length_a_esd      ? 
_cell.reciprocal_length_b_esd      ? 
_cell.reciprocal_length_c_esd      ? 
_cell.pdbx_unique_axis             ? 
# 
_symmetry.entry_id                         7FGQ 
_symmetry.cell_setting                     ? 
_symmetry.Int_Tables_number                92 
_symmetry.space_group_name_Hall            ? 
_symmetry.space_group_name_H-M             'P 41 21 2' 
_symmetry.pdbx_full_space_group_name_H-M   ? 
# 
loop_
_entity.id 
_entity.type 
_entity.src_method 
_entity.pdbx_description 
_entity.formula_weight 
_entity.pdbx_number_of_molecules 
_entity.pdbx_ec 
_entity.pdbx_mutation 
_entity.pdbx_fragment 
_entity.details 
1 polymer     man 'dTMP kinase'            28412.541 1  2.7.4.9 ? ? ? 
2 non-polymer syn "THYMIDINE-5'-PHOSPHATE" 322.208   1  ?       ? ? ? 
3 water       nat water                    18.015    70 ?       ? ? ? 
# 
_entity_name_com.entity_id   1 
_entity_name_com.name        'Thymidylate Kinase' 
# 
_entity_poly.entity_id                      1 
_entity_poly.type                           'polypeptide(L)' 
_entity_poly.nstd_linkage                   no 
_entity_poly.nstd_monomer                   no 
_entity_poly.pdbx_seq_one_letter_code       
;MGSSHHHHHHSSGLVPRGSHMASMTGGQQMGRGMGSRIRGAFIVFEGCDRAGKSLQSRKLVERIKAAGGDVDLISFPDRS
SDLGKFIDRYLKKEVEMDPKEAHLVFAANRQALMPLMMKKLLKGTHLVVDRYAYSGIAYTLAKGADNITMEWAKLADMGE
LRPDCVIYFNLSFEEAQKRSGFGDERFDFGNFQGKVSKVMEQLADEDRDLWKVVDASLTVEEISENVWNLVAPILDNVSR
KSLMFLHHHHHH
;
_entity_poly.pdbx_seq_one_letter_code_can   
;MGSSHHHHHHSSGLVPRGSHMASMTGGQQMGRGMGSRIRGAFIVFEGCDRAGKSLQSRKLVERIKAAGGDVDLISFPDRS
SDLGKFIDRYLKKEVEMDPKEAHLVFAANRQALMPLMMKKLLKGTHLVVDRYAYSGIAYTLAKGADNITMEWAKLADMGE
LRPDCVIYFNLSFEEAQKRSGFGDERFDFGNFQGKVSKVMEQLADEDRDLWKVVDASLTVEEISENVWNLVAPILDNVSR
KSLMFLHHHHHH
;
_entity_poly.pdbx_strand_id                 A 
_entity_poly.pdbx_target_identifier         ? 
# 
loop_
_entity_poly_seq.entity_id 
_entity_poly_seq.num 
_entity_poly_seq.mon_id 
_entity_poly_seq.hetero 
1 1   MET n 
1 2   GLY n 
1 3   SER n 
1 4   SER n 
1 5   HIS n 
1 6   HIS n 
1 7   HIS n 
1 8   HIS n 
1 9   HIS n 
1 10  HIS n 
1 11  SER n 
1 12  SER n 
1 13  GLY n 
1 14  LEU n 
1 15  VAL n 
1 16  PRO n 
1 17  ARG n 
1 18  GLY n 
1 19  SER n 
1 20  HIS n 
1 21  MET n 
1 22  ALA n 
1 23  SER n 
1 24  MET n 
1 25  THR n 
1 26  GLY n 
1 27  GLY n 
1 28  GLN n 
1 29  GLN n 
1 30  MET n 
1 31  GLY n 
1 32  ARG n 
1 33  GLY n 
1 34  MET n 
1 35  GLY n 
1 36  SER n 
1 37  ARG n 
1 38  ILE n 
1 39  ARG n 
1 40  GLY n 
1 41  ALA n 
1 42  PHE n 
1 43  ILE n 
1 44  VAL n 
1 45  PHE n 
1 46  GLU n 
1 47  GLY n 
1 48  CYS n 
1 49  ASP n 
1 50  ARG n 
1 51  ALA n 
1 52  GLY n 
1 53  LYS n 
1 54  SER n 
1 55  LEU n 
1 56  GLN n 
1 57  SER n 
1 58  ARG n 
1 59  LYS n 
1 60  LEU n 
1 61  VAL n 
1 62  GLU n 
1 63  ARG n 
1 64  ILE n 
1 65  LYS n 
1 66  ALA n 
1 67  ALA n 
1 68  GLY n 
1 69  GLY n 
1 70  ASP n 
1 71  VAL n 
1 72  ASP n 
1 73  LEU n 
1 74  ILE n 
1 75  SER n 
1 76  PHE n 
1 77  PRO n 
1 78  ASP n 
1 79  ARG n 
1 80  SER n 
1 81  SER n 
1 82  ASP n 
1 83  LEU n 
1 84  GLY n 
1 85  LYS n 
1 86  PHE n 
1 87  ILE n 
1 88  ASP n 
1 89  ARG n 
1 90  TYR n 
1 91  LEU n 
1 92  LYS n 
1 93  LYS n 
1 94  GLU n 
1 95  VAL n 
1 96  GLU n 
1 97  MET n 
1 98  ASP n 
1 99  PRO n 
1 100 LYS n 
1 101 GLU n 
1 102 ALA n 
1 103 HIS n 
1 104 LEU n 
1 105 VAL n 
1 106 PHE n 
1 107 ALA n 
1 108 ALA n 
1 109 ASN n 
1 110 ARG n 
1 111 GLN n 
1 112 ALA n 
1 113 LEU n 
1 114 MET n 
1 115 PRO n 
1 116 LEU n 
1 117 MET n 
1 118 MET n 
1 119 LYS n 
1 120 LYS n 
1 121 LEU n 
1 122 LEU n 
1 123 LYS n 
1 124 GLY n 
1 125 THR n 
1 126 HIS n 
1 127 LEU n 
1 128 VAL n 
1 129 VAL n 
1 130 ASP n 
1 131 ARG n 
1 132 TYR n 
1 133 ALA n 
1 134 TYR n 
1 135 SER n 
1 136 GLY n 
1 137 ILE n 
1 138 ALA n 
1 139 TYR n 
1 140 THR n 
1 141 LEU n 
1 142 ALA n 
1 143 LYS n 
1 144 GLY n 
1 145 ALA n 
1 146 ASP n 
1 147 ASN n 
1 148 ILE n 
1 149 THR n 
1 150 MET n 
1 151 GLU n 
1 152 TRP n 
1 153 ALA n 
1 154 LYS n 
1 155 LEU n 
1 156 ALA n 
1 157 ASP n 
1 158 MET n 
1 159 GLY n 
1 160 GLU n 
1 161 LEU n 
1 162 ARG n 
1 163 PRO n 
1 164 ASP n 
1 165 CYS n 
1 166 VAL n 
1 167 ILE n 
1 168 TYR n 
1 169 PHE n 
1 170 ASN n 
1 171 LEU n 
1 172 SER n 
1 173 PHE n 
1 174 GLU n 
1 175 GLU n 
1 176 ALA n 
1 177 GLN n 
1 178 LYS n 
1 179 ARG n 
1 180 SER n 
1 181 GLY n 
1 182 PHE n 
1 183 GLY n 
1 184 ASP n 
1 185 GLU n 
1 186 ARG n 
1 187 PHE n 
1 188 ASP n 
1 189 PHE n 
1 190 GLY n 
1 191 ASN n 
1 192 PHE n 
1 193 GLN n 
1 194 GLY n 
1 195 LYS n 
1 196 VAL n 
1 197 SER n 
1 198 LYS n 
1 199 VAL n 
1 200 MET n 
1 201 GLU n 
1 202 GLN n 
1 203 LEU n 
1 204 ALA n 
1 205 ASP n 
1 206 GLU n 
1 207 ASP n 
1 208 ARG n 
1 209 ASP n 
1 210 LEU n 
1 211 TRP n 
1 212 LYS n 
1 213 VAL n 
1 214 VAL n 
1 215 ASP n 
1 216 ALA n 
1 217 SER n 
1 218 LEU n 
1 219 THR n 
1 220 VAL n 
1 221 GLU n 
1 222 GLU n 
1 223 ILE n 
1 224 SER n 
1 225 GLU n 
1 226 ASN n 
1 227 VAL n 
1 228 TRP n 
1 229 ASN n 
1 230 LEU n 
1 231 VAL n 
1 232 ALA n 
1 233 PRO n 
1 234 ILE n 
1 235 LEU n 
1 236 ASP n 
1 237 ASN n 
1 238 VAL n 
1 239 SER n 
1 240 ARG n 
1 241 LYS n 
1 242 SER n 
1 243 LEU n 
1 244 MET n 
1 245 PHE n 
1 246 LEU n 
1 247 HIS n 
1 248 HIS n 
1 249 HIS n 
1 250 HIS n 
1 251 HIS n 
1 252 HIS n 
# 
_entity_src_gen.entity_id                          1 
_entity_src_gen.pdbx_src_id                        1 
_entity_src_gen.pdbx_alt_source_flag               sample 
_entity_src_gen.pdbx_seq_type                      'Biological sequence' 
_entity_src_gen.pdbx_beg_seq_num                   1 
_entity_src_gen.pdbx_end_seq_num                   252 
_entity_src_gen.gene_src_common_name               'Filarial nematode worm' 
_entity_src_gen.gene_src_genus                     ? 
_entity_src_gen.pdbx_gene_src_gene                 'Bm5401, Bm1_23075, BM_Bm5401' 
_entity_src_gen.gene_src_species                   ? 
_entity_src_gen.gene_src_strain                    ? 
_entity_src_gen.gene_src_tissue                    ? 
_entity_src_gen.gene_src_tissue_fraction           ? 
_entity_src_gen.gene_src_details                   ? 
_entity_src_gen.pdbx_gene_src_fragment             ? 
_entity_src_gen.pdbx_gene_src_scientific_name      'Brugia malayi' 
_entity_src_gen.pdbx_gene_src_ncbi_taxonomy_id     6279 
_entity_src_gen.pdbx_gene_src_variant              ? 
_entity_src_gen.pdbx_gene_src_cell_line            ? 
_entity_src_gen.pdbx_gene_src_atcc                 ? 
_entity_src_gen.pdbx_gene_src_organ                ? 
_entity_src_gen.pdbx_gene_src_organelle            ? 
_entity_src_gen.pdbx_gene_src_cell                 ? 
_entity_src_gen.pdbx_gene_src_cellular_location    ? 
_entity_src_gen.host_org_common_name               ? 
_entity_src_gen.pdbx_host_org_scientific_name      'Escherichia coli BL21(DE3)' 
_entity_src_gen.pdbx_host_org_ncbi_taxonomy_id     469008 
_entity_src_gen.host_org_genus                     ? 
_entity_src_gen.pdbx_host_org_gene                 ? 
_entity_src_gen.pdbx_host_org_organ                ? 
_entity_src_gen.host_org_species                   ? 
_entity_src_gen.pdbx_host_org_tissue               ? 
_entity_src_gen.pdbx_host_org_tissue_fraction      ? 
_entity_src_gen.pdbx_host_org_strain               'BL21(DE3)' 
_entity_src_gen.pdbx_host_org_variant              ? 
_entity_src_gen.pdbx_host_org_cell_line            ? 
_entity_src_gen.pdbx_host_org_atcc                 ? 
_entity_src_gen.pdbx_host_org_culture_collection   ? 
_entity_src_gen.pdbx_host_org_cell                 ? 
_entity_src_gen.pdbx_host_org_organelle            ? 
_entity_src_gen.pdbx_host_org_cellular_location    ? 
_entity_src_gen.pdbx_host_org_vector_type          ? 
_entity_src_gen.pdbx_host_org_vector               ? 
_entity_src_gen.host_org_details                   ? 
_entity_src_gen.expression_system_id               ? 
_entity_src_gen.plasmid_name                       pET28a 
_entity_src_gen.plasmid_details                    ? 
_entity_src_gen.pdbx_description                   ? 
# 
_struct_ref.id                         1 
_struct_ref.db_name                    UNP 
_struct_ref.db_code                    A0A1P6BP23_BRUMA 
_struct_ref.pdbx_db_accession          A0A1P6BP23 
_struct_ref.pdbx_db_isoform            ? 
_struct_ref.entity_id                  1 
_struct_ref.pdbx_seq_one_letter_code   
;MGSRIRGAFIVFEGCDRAGKSLQSRKLVERIKAAGGDVDLISFPDRSSDLGKFIDRYLKKEVEMDPKEAHLVFAANRQAL
MPLMMKKLLKGTHLVVDRYAYSGIAYTLAKGADNITMEWAKLADMGELRPDCVIYFNLSFEEAQKRSGFGDERFDFGNFQ
GKVSKVMEQLADEDRDLWKVVDASLTVEEISENVWNLVAPILDNVSRKSLMFL
;
_struct_ref.pdbx_align_begin           1 
# 
_struct_ref_seq.align_id                      1 
_struct_ref_seq.ref_id                        1 
_struct_ref_seq.pdbx_PDB_id_code              7FGQ 
_struct_ref_seq.pdbx_strand_id                A 
_struct_ref_seq.seq_align_beg                 34 
_struct_ref_seq.pdbx_seq_align_beg_ins_code   ? 
_struct_ref_seq.seq_align_end                 246 
_struct_ref_seq.pdbx_seq_align_end_ins_code   ? 
_struct_ref_seq.pdbx_db_accession             A0A1P6BP23 
_struct_ref_seq.db_align_beg                  1 
_struct_ref_seq.pdbx_db_align_beg_ins_code    ? 
_struct_ref_seq.db_align_end                  213 
_struct_ref_seq.pdbx_db_align_end_ins_code    ? 
_struct_ref_seq.pdbx_auth_seq_align_beg       1 
_struct_ref_seq.pdbx_auth_seq_align_end       213 
# 
loop_
_struct_ref_seq_dif.align_id 
_struct_ref_seq_dif.pdbx_pdb_id_code 
_struct_ref_seq_dif.mon_id 
_struct_ref_seq_dif.pdbx_pdb_strand_id 
_struct_ref_seq_dif.seq_num 
_struct_ref_seq_dif.pdbx_pdb_ins_code 
_struct_ref_seq_dif.pdbx_seq_db_name 
_struct_ref_seq_dif.pdbx_seq_db_accession_code 
_struct_ref_seq_dif.db_mon_id 
_struct_ref_seq_dif.pdbx_seq_db_seq_num 
_struct_ref_seq_dif.details 
_struct_ref_seq_dif.pdbx_auth_seq_num 
_struct_ref_seq_dif.pdbx_ordinal 
1 7FGQ MET A 1   ? UNP A0A1P6BP23 ? ? 'expression tag' -32 1  
1 7FGQ GLY A 2   ? UNP A0A1P6BP23 ? ? 'expression tag' -31 2  
1 7FGQ SER A 3   ? UNP A0A1P6BP23 ? ? 'expression tag' -30 3  
1 7FGQ SER A 4   ? UNP A0A1P6BP23 ? ? 'expression tag' -29 4  
1 7FGQ HIS A 5   ? UNP A0A1P6BP23 ? ? 'expression tag' -28 5  
1 7FGQ HIS A 6   ? UNP A0A1P6BP23 ? ? 'expression tag' -27 6  
1 7FGQ HIS A 7   ? UNP A0A1P6BP23 ? ? 'expression tag' -26 7  
1 7FGQ HIS A 8   ? UNP A0A1P6BP23 ? ? 'expression tag' -25 8  
1 7FGQ HIS A 9   ? UNP A0A1P6BP23 ? ? 'expression tag' -24 9  
1 7FGQ HIS A 10  ? UNP A0A1P6BP23 ? ? 'expression tag' -23 10 
1 7FGQ SER A 11  ? UNP A0A1P6BP23 ? ? 'expression tag' -22 11 
1 7FGQ SER A 12  ? UNP A0A1P6BP23 ? ? 'expression tag' -21 12 
1 7FGQ GLY A 13  ? UNP A0A1P6BP23 ? ? 'expression tag' -20 13 
1 7FGQ LEU A 14  ? UNP A0A1P6BP23 ? ? 'expression tag' -19 14 
1 7FGQ VAL A 15  ? UNP A0A1P6BP23 ? ? 'expression tag' -18 15 
1 7FGQ PRO A 16  ? UNP A0A1P6BP23 ? ? 'expression tag' -17 16 
1 7FGQ ARG A 17  ? UNP A0A1P6BP23 ? ? 'expression tag' -16 17 
1 7FGQ GLY A 18  ? UNP A0A1P6BP23 ? ? 'expression tag' -15 18 
1 7FGQ SER A 19  ? UNP A0A1P6BP23 ? ? 'expression tag' -14 19 
1 7FGQ HIS A 20  ? UNP A0A1P6BP23 ? ? 'expression tag' -13 20 
1 7FGQ MET A 21  ? UNP A0A1P6BP23 ? ? 'expression tag' -12 21 
1 7FGQ ALA A 22  ? UNP A0A1P6BP23 ? ? 'expression tag' -11 22 
1 7FGQ SER A 23  ? UNP A0A1P6BP23 ? ? 'expression tag' -10 23 
1 7FGQ MET A 24  ? UNP A0A1P6BP23 ? ? 'expression tag' -9  24 
1 7FGQ THR A 25  ? UNP A0A1P6BP23 ? ? 'expression tag' -8  25 
1 7FGQ GLY A 26  ? UNP A0A1P6BP23 ? ? 'expression tag' -7  26 
1 7FGQ GLY A 27  ? UNP A0A1P6BP23 ? ? 'expression tag' -6  27 
1 7FGQ GLN A 28  ? UNP A0A1P6BP23 ? ? 'expression tag' -5  28 
1 7FGQ GLN A 29  ? UNP A0A1P6BP23 ? ? 'expression tag' -4  29 
1 7FGQ MET A 30  ? UNP A0A1P6BP23 ? ? 'expression tag' -3  30 
1 7FGQ GLY A 31  ? UNP A0A1P6BP23 ? ? 'expression tag' -2  31 
1 7FGQ ARG A 32  ? UNP A0A1P6BP23 ? ? 'expression tag' -1  32 
1 7FGQ GLY A 33  ? UNP A0A1P6BP23 ? ? 'expression tag' 0   33 
1 7FGQ HIS A 247 ? UNP A0A1P6BP23 ? ? 'expression tag' 214 34 
1 7FGQ HIS A 248 ? UNP A0A1P6BP23 ? ? 'expression tag' 215 35 
1 7FGQ HIS A 249 ? UNP A0A1P6BP23 ? ? 'expression tag' 216 36 
1 7FGQ HIS A 250 ? UNP A0A1P6BP23 ? ? 'expression tag' 217 37 
1 7FGQ HIS A 251 ? UNP A0A1P6BP23 ? ? 'expression tag' 218 38 
1 7FGQ HIS A 252 ? UNP A0A1P6BP23 ? ? 'expression tag' 219 39 
# 
loop_
_chem_comp.id 
_chem_comp.type 
_chem_comp.mon_nstd_flag 
_chem_comp.name 
_chem_comp.pdbx_synonyms 
_chem_comp.formula 
_chem_comp.formula_weight 
ALA 'L-peptide linking' y ALANINE                  ? 'C3 H7 N O2'      89.093  
ARG 'L-peptide linking' y ARGININE                 ? 'C6 H15 N4 O2 1'  175.209 
ASN 'L-peptide linking' y ASPARAGINE               ? 'C4 H8 N2 O3'     132.118 
ASP 'L-peptide linking' y 'ASPARTIC ACID'          ? 'C4 H7 N O4'      133.103 
CYS 'L-peptide linking' y CYSTEINE                 ? 'C3 H7 N O2 S'    121.158 
GLN 'L-peptide linking' y GLUTAMINE                ? 'C5 H10 N2 O3'    146.144 
GLU 'L-peptide linking' y 'GLUTAMIC ACID'          ? 'C5 H9 N O4'      147.129 
GLY 'peptide linking'   y GLYCINE                  ? 'C2 H5 N O2'      75.067  
HIS 'L-peptide linking' y HISTIDINE                ? 'C6 H10 N3 O2 1'  156.162 
HOH non-polymer         . WATER                    ? 'H2 O'            18.015  
ILE 'L-peptide linking' y ISOLEUCINE               ? 'C6 H13 N O2'     131.173 
LEU 'L-peptide linking' y LEUCINE                  ? 'C6 H13 N O2'     131.173 
LYS 'L-peptide linking' y LYSINE                   ? 'C6 H15 N2 O2 1'  147.195 
MET 'L-peptide linking' y METHIONINE               ? 'C5 H11 N O2 S'   149.211 
PHE 'L-peptide linking' y PHENYLALANINE            ? 'C9 H11 N O2'     165.189 
PRO 'L-peptide linking' y PROLINE                  ? 'C5 H9 N O2'      115.130 
SER 'L-peptide linking' y SERINE                   ? 'C3 H7 N O3'      105.093 
THR 'L-peptide linking' y THREONINE                ? 'C4 H9 N O3'      119.119 
TMP non-polymer         . "THYMIDINE-5'-PHOSPHATE" ? 'C10 H15 N2 O8 P' 322.208 
TRP 'L-peptide linking' y TRYPTOPHAN               ? 'C11 H12 N2 O2'   204.225 
TYR 'L-peptide linking' y TYROSINE                 ? 'C9 H11 N O3'     181.189 
VAL 'L-peptide linking' y VALINE                   ? 'C5 H11 N O2'     117.146 
# 
_exptl.absorpt_coefficient_mu     ? 
_exptl.absorpt_correction_T_max   ? 
_exptl.absorpt_correction_T_min   ? 
_exptl.absorpt_correction_type    ? 
_exptl.absorpt_process_details    ? 
_exptl.entry_id                   7FGQ 
_exptl.crystals_number            1 
_exptl.details                    ? 
_exptl.method                     'X-RAY DIFFRACTION' 
_exptl.method_details             ? 
# 
_exptl_crystal.colour                      ? 
_exptl_crystal.density_diffrn              ? 
_exptl_crystal.density_Matthews            1.81 
_exptl_crystal.density_method              ? 
_exptl_crystal.density_percent_sol         32.09 
_exptl_crystal.description                 ? 
_exptl_crystal.F_000                       ? 
_exptl_crystal.id                          1 
_exptl_crystal.preparation                 ? 
_exptl_crystal.size_max                    ? 
_exptl_crystal.size_mid                    ? 
_exptl_crystal.size_min                    ? 
_exptl_crystal.size_rad                    ? 
_exptl_crystal.colour_lustre               ? 
_exptl_crystal.colour_modifier             ? 
_exptl_crystal.colour_primary              ? 
_exptl_crystal.density_meas                ? 
_exptl_crystal.density_meas_esd            ? 
_exptl_crystal.density_meas_gt             ? 
_exptl_crystal.density_meas_lt             ? 
_exptl_crystal.density_meas_temp           ? 
_exptl_crystal.density_meas_temp_esd       ? 
_exptl_crystal.density_meas_temp_gt        ? 
_exptl_crystal.density_meas_temp_lt        ? 
_exptl_crystal.pdbx_crystal_image_url      ? 
_exptl_crystal.pdbx_crystal_image_format   ? 
_exptl_crystal.pdbx_mosaicity              ? 
_exptl_crystal.pdbx_mosaicity_esd          ? 
# 
_exptl_crystal_grow.apparatus       ? 
_exptl_crystal_grow.atmosphere      ? 
_exptl_crystal_grow.crystal_id      1 
_exptl_crystal_grow.details         ? 
_exptl_crystal_grow.method          'VAPOR DIFFUSION, HANGING DROP' 
_exptl_crystal_grow.method_ref      ? 
_exptl_crystal_grow.pH              6.0 
_exptl_crystal_grow.pressure        ? 
_exptl_crystal_grow.pressure_esd    ? 
_exptl_crystal_grow.seeding         ? 
_exptl_crystal_grow.seeding_ref     ? 
_exptl_crystal_grow.temp            300 
_exptl_crystal_grow.temp_details    ? 
_exptl_crystal_grow.temp_esd        ? 
_exptl_crystal_grow.time            ? 
_exptl_crystal_grow.pdbx_details    'Diammonium tartrate, Bis-Tris pH 6.0' 
_exptl_crystal_grow.pdbx_pH_range   ? 
# 
_diffrn.ambient_environment              ? 
_diffrn.ambient_temp                     100 
_diffrn.ambient_temp_details             ? 
_diffrn.ambient_temp_esd                 ? 
_diffrn.crystal_id                       1 
_diffrn.crystal_support                  ? 
_diffrn.crystal_treatment                ? 
_diffrn.details                          ? 
_diffrn.id                               1 
_diffrn.ambient_pressure                 ? 
_diffrn.ambient_pressure_esd             ? 
_diffrn.ambient_pressure_gt              ? 
_diffrn.ambient_pressure_lt              ? 
_diffrn.ambient_temp_gt                  ? 
_diffrn.ambient_temp_lt                  ? 
_diffrn.pdbx_serial_crystal_experiment   N 
# 
_diffrn_detector.details                      ? 
_diffrn_detector.detector                     PIXEL 
_diffrn_detector.diffrn_id                    1 
_diffrn_detector.type                         'DECTRIS PILATUS 6M' 
_diffrn_detector.area_resol_mean              ? 
_diffrn_detector.dtime                        ? 
_diffrn_detector.pdbx_frames_total            ? 
_diffrn_detector.pdbx_collection_time_total   ? 
_diffrn_detector.pdbx_collection_date         2019-03-15 
_diffrn_detector.pdbx_frequency               ? 
# 
_diffrn_radiation.collimation                      ? 
_diffrn_radiation.diffrn_id                        1 
_diffrn_radiation.filter_edge                      ? 
_diffrn_radiation.inhomogeneity                    ? 
_diffrn_radiation.monochromator                    ? 
_diffrn_radiation.polarisn_norm                    ? 
_diffrn_radiation.polarisn_ratio                   ? 
_diffrn_radiation.probe                            ? 
_diffrn_radiation.type                             ? 
_diffrn_radiation.xray_symbol                      ? 
_diffrn_radiation.wavelength_id                    1 
_diffrn_radiation.pdbx_monochromatic_or_laue_m_l   M 
_diffrn_radiation.pdbx_wavelength_list             ? 
_diffrn_radiation.pdbx_wavelength                  ? 
_diffrn_radiation.pdbx_diffrn_protocol             'SINGLE WAVELENGTH' 
_diffrn_radiation.pdbx_analyzer                    ? 
_diffrn_radiation.pdbx_scattering_type             x-ray 
# 
_diffrn_radiation_wavelength.id           1 
_diffrn_radiation_wavelength.wavelength   0.97840 
_diffrn_radiation_wavelength.wt           1.0 
# 
_diffrn_source.current                     ? 
_diffrn_source.details                     ? 
_diffrn_source.diffrn_id                   1 
_diffrn_source.power                       ? 
_diffrn_source.size                        ? 
_diffrn_source.source                      SYNCHROTRON 
_diffrn_source.target                      ? 
_diffrn_source.type                        'ELETTRA BEAMLINE 11.2C' 
_diffrn_source.voltage                     ? 
_diffrn_source.take-off_angle              ? 
_diffrn_source.pdbx_wavelength_list        0.97840 
_diffrn_source.pdbx_wavelength             ? 
_diffrn_source.pdbx_synchrotron_beamline   11.2C 
_diffrn_source.pdbx_synchrotron_site       ELETTRA 
# 
_reflns.B_iso_Wilson_estimate                          ? 
_reflns.entry_id                                       7FGQ 
_reflns.data_reduction_details                         ? 
_reflns.data_reduction_method                          ? 
_reflns.d_resolution_high                              1.91 
_reflns.d_resolution_low                               41.8810 
_reflns.details                                        ? 
_reflns.limit_h_max                                    ? 
_reflns.limit_h_min                                    ? 
_reflns.limit_k_max                                    ? 
_reflns.limit_k_min                                    ? 
_reflns.limit_l_max                                    ? 
_reflns.limit_l_min                                    ? 
_reflns.number_all                                     ? 
_reflns.number_obs                                     16977 
_reflns.observed_criterion                             ? 
_reflns.observed_criterion_F_max                       ? 
_reflns.observed_criterion_F_min                       ? 
_reflns.observed_criterion_I_max                       ? 
_reflns.observed_criterion_I_min                       ? 
_reflns.observed_criterion_sigma_F                     ? 
_reflns.observed_criterion_sigma_I                     ? 
_reflns.percent_possible_obs                           100 
_reflns.R_free_details                                 ? 
_reflns.Rmerge_F_all                                   ? 
_reflns.Rmerge_F_obs                                   ? 
_reflns.Friedel_coverage                               ? 
_reflns.number_gt                                      ? 
_reflns.threshold_expression                           ? 
_reflns.pdbx_redundancy                                11.2 
_reflns.pdbx_Rmerge_I_obs                              0.092 
_reflns.pdbx_Rmerge_I_all                              ? 
_reflns.pdbx_Rsym_value                                ? 
_reflns.pdbx_netI_over_av_sigmaI                       16.2 
_reflns.pdbx_netI_over_sigmaI                          2.2 
_reflns.pdbx_res_netI_over_av_sigmaI_2                 ? 
_reflns.pdbx_res_netI_over_sigmaI_2                    ? 
_reflns.pdbx_chi_squared                               0.94 
_reflns.pdbx_scaling_rejects                           ? 
_reflns.pdbx_d_res_high_opt                            ? 
_reflns.pdbx_d_res_low_opt                             ? 
_reflns.pdbx_d_res_opt_method                          ? 
_reflns.phase_calculation_details                      ? 
_reflns.pdbx_Rrim_I_all                                0.101 
_reflns.pdbx_Rpim_I_all                                0.040 
_reflns.pdbx_d_opt                                     ? 
_reflns.pdbx_number_measured_all                       ? 
_reflns.pdbx_diffrn_id                                 1 
_reflns.pdbx_ordinal                                   1 
_reflns.pdbx_CC_half                                   0.999 
_reflns.pdbx_CC_star                                   ? 
_reflns.pdbx_R_split                                   ? 
_reflns.pdbx_aniso_diffraction_limit_axis_1_ortho[1]   ? 
_reflns.pdbx_aniso_diffraction_limit_axis_1_ortho[2]   ? 
_reflns.pdbx_aniso_diffraction_limit_axis_1_ortho[3]   ? 
_reflns.pdbx_aniso_diffraction_limit_axis_2_ortho[1]   ? 
_reflns.pdbx_aniso_diffraction_limit_axis_2_ortho[2]   ? 
_reflns.pdbx_aniso_diffraction_limit_axis_2_ortho[3]   ? 
_reflns.pdbx_aniso_diffraction_limit_axis_3_ortho[1]   ? 
_reflns.pdbx_aniso_diffraction_limit_axis_3_ortho[2]   ? 
_reflns.pdbx_aniso_diffraction_limit_axis_3_ortho[3]   ? 
_reflns.pdbx_aniso_diffraction_limit_1                 ? 
_reflns.pdbx_aniso_diffraction_limit_2                 ? 
_reflns.pdbx_aniso_diffraction_limit_3                 ? 
_reflns.pdbx_aniso_B_tensor_eigenvector_1_ortho[1]     ? 
_reflns.pdbx_aniso_B_tensor_eigenvector_1_ortho[2]     ? 
_reflns.pdbx_aniso_B_tensor_eigenvector_1_ortho[3]     ? 
_reflns.pdbx_aniso_B_tensor_eigenvector_2_ortho[1]     ? 
_reflns.pdbx_aniso_B_tensor_eigenvector_2_ortho[2]     ? 
_reflns.pdbx_aniso_B_tensor_eigenvector_2_ortho[3]     ? 
_reflns.pdbx_aniso_B_tensor_eigenvector_3_ortho[1]     ? 
_reflns.pdbx_aniso_B_tensor_eigenvector_3_ortho[2]     ? 
_reflns.pdbx_aniso_B_tensor_eigenvector_3_ortho[3]     ? 
_reflns.pdbx_aniso_B_tensor_eigenvalue_1               ? 
_reflns.pdbx_aniso_B_tensor_eigenvalue_2               ? 
_reflns.pdbx_aniso_B_tensor_eigenvalue_3               ? 
_reflns.pdbx_orthogonalization_convention              ? 
_reflns.pdbx_percent_possible_ellipsoidal              ? 
_reflns.pdbx_percent_possible_spherical                ? 
_reflns.pdbx_percent_possible_ellipsoidal_anomalous    ? 
_reflns.pdbx_percent_possible_spherical_anomalous      ? 
_reflns.pdbx_redundancy_anomalous                      ? 
_reflns.pdbx_CC_half_anomalous                         ? 
_reflns.pdbx_absDiff_over_sigma_anomalous              ? 
_reflns.pdbx_percent_possible_anomalous                ? 
_reflns.pdbx_observed_signal_threshold                 ? 
_reflns.pdbx_signal_type                               ? 
_reflns.pdbx_signal_details                            ? 
_reflns.pdbx_signal_software_id                        ? 
# 
_reflns_shell.d_res_high                                    1.91 
_reflns_shell.d_res_low                                     8.96 
_reflns_shell.meanI_over_sigI_all                           ? 
_reflns_shell.meanI_over_sigI_obs                           2.2 
_reflns_shell.number_measured_all                           ? 
_reflns_shell.number_measured_obs                           ? 
_reflns_shell.number_possible                               ? 
_reflns_shell.number_unique_all                             ? 
_reflns_shell.number_unique_obs                             16977 
_reflns_shell.percent_possible_all                          100.0 
_reflns_shell.percent_possible_obs                          ? 
_reflns_shell.Rmerge_F_all                                  ? 
_reflns_shell.Rmerge_F_obs                                  ? 
_reflns_shell.Rmerge_I_all                                  ? 
_reflns_shell.Rmerge_I_obs                                  1.107 
_reflns_shell.meanI_over_sigI_gt                            ? 
_reflns_shell.meanI_over_uI_all                             ? 
_reflns_shell.meanI_over_uI_gt                              ? 
_reflns_shell.number_measured_gt                            ? 
_reflns_shell.number_unique_gt                              ? 
_reflns_shell.percent_possible_gt                           ? 
_reflns_shell.Rmerge_F_gt                                   ? 
_reflns_shell.Rmerge_I_gt                                   ? 
_reflns_shell.pdbx_redundancy                               10.7 
_reflns_shell.pdbx_Rsym_value                               ? 
_reflns_shell.pdbx_chi_squared                              0.94 
_reflns_shell.pdbx_netI_over_sigmaI_all                     ? 
_reflns_shell.pdbx_netI_over_sigmaI_obs                     ? 
_reflns_shell.pdbx_Rrim_I_all                               ? 
_reflns_shell.pdbx_Rpim_I_all                               0.504 
_reflns_shell.pdbx_rejects                                  ? 
_reflns_shell.pdbx_ordinal                                  1 
_reflns_shell.pdbx_diffrn_id                                1 
_reflns_shell.pdbx_CC_half                                  0.741 
_reflns_shell.pdbx_CC_star                                  ? 
_reflns_shell.pdbx_R_split                                  ? 
_reflns_shell.pdbx_percent_possible_ellipsoidal             ? 
_reflns_shell.pdbx_percent_possible_spherical               ? 
_reflns_shell.pdbx_percent_possible_ellipsoidal_anomalous   ? 
_reflns_shell.pdbx_percent_possible_spherical_anomalous     ? 
_reflns_shell.pdbx_redundancy_anomalous                     ? 
_reflns_shell.pdbx_CC_half_anomalous                        ? 
_reflns_shell.pdbx_absDiff_over_sigma_anomalous             ? 
_reflns_shell.pdbx_percent_possible_anomalous               ? 
# 
_refine.aniso_B[1][1]                            ? 
_refine.aniso_B[1][2]                            ? 
_refine.aniso_B[1][3]                            ? 
_refine.aniso_B[2][2]                            ? 
_refine.aniso_B[2][3]                            ? 
_refine.aniso_B[3][3]                            ? 
_refine.B_iso_max                                ? 
_refine.B_iso_mean                               ? 
_refine.B_iso_min                                ? 
_refine.correlation_coeff_Fo_to_Fc               ? 
_refine.correlation_coeff_Fo_to_Fc_free          ? 
_refine.details                                  ? 
_refine.diff_density_max                         ? 
_refine.diff_density_max_esd                     ? 
_refine.diff_density_min                         ? 
_refine.diff_density_min_esd                     ? 
_refine.diff_density_rms                         ? 
_refine.diff_density_rms_esd                     ? 
_refine.entry_id                                 7FGQ 
_refine.pdbx_refine_id                           'X-RAY DIFFRACTION' 
_refine.ls_abs_structure_details                 ? 
_refine.ls_abs_structure_Flack                   ? 
_refine.ls_abs_structure_Flack_esd               ? 
_refine.ls_abs_structure_Rogers                  ? 
_refine.ls_abs_structure_Rogers_esd              ? 
_refine.ls_d_res_high                            1.910 
_refine.ls_d_res_low                             41.881 
_refine.ls_extinction_coef                       ? 
_refine.ls_extinction_coef_esd                   ? 
_refine.ls_extinction_expression                 ? 
_refine.ls_extinction_method                     ? 
_refine.ls_goodness_of_fit_all                   ? 
_refine.ls_goodness_of_fit_all_esd               ? 
_refine.ls_goodness_of_fit_obs                   ? 
_refine.ls_goodness_of_fit_obs_esd               ? 
_refine.ls_hydrogen_treatment                    ? 
_refine.ls_matrix_type                           ? 
_refine.ls_number_constraints                    ? 
_refine.ls_number_parameters                     ? 
_refine.ls_number_reflns_all                     ? 
_refine.ls_number_reflns_obs                     16913 
_refine.ls_number_reflns_R_free                  798 
_refine.ls_number_reflns_R_work                  ? 
_refine.ls_number_restraints                     ? 
_refine.ls_percent_reflns_obs                    99.96 
_refine.ls_percent_reflns_R_free                 4.72 
_refine.ls_R_factor_all                          ? 
_refine.ls_R_factor_obs                          0.2210 
_refine.ls_R_factor_R_free                       0.2486 
_refine.ls_R_factor_R_free_error                 ? 
_refine.ls_R_factor_R_free_error_details         ? 
_refine.ls_R_factor_R_work                       0.2196 
_refine.ls_R_Fsqd_factor_obs                     ? 
_refine.ls_R_I_factor_obs                        ? 
_refine.ls_redundancy_reflns_all                 ? 
_refine.ls_redundancy_reflns_obs                 ? 
_refine.ls_restrained_S_all                      ? 
_refine.ls_restrained_S_obs                      ? 
_refine.ls_shift_over_esd_max                    ? 
_refine.ls_shift_over_esd_mean                   ? 
_refine.ls_structure_factor_coef                 ? 
_refine.ls_weighting_details                     ? 
_refine.ls_weighting_scheme                      ? 
_refine.ls_wR_factor_all                         ? 
_refine.ls_wR_factor_obs                         ? 
_refine.ls_wR_factor_R_free                      ? 
_refine.ls_wR_factor_R_work                      ? 
_refine.occupancy_max                            ? 
_refine.occupancy_min                            ? 
_refine.solvent_model_details                    'FLAT BULK SOLVENT MODEL' 
_refine.solvent_model_param_bsol                 ? 
_refine.solvent_model_param_ksol                 ? 
_refine.pdbx_R_complete                          ? 
_refine.ls_R_factor_gt                           ? 
_refine.ls_goodness_of_fit_gt                    ? 
_refine.ls_goodness_of_fit_ref                   ? 
_refine.ls_shift_over_su_max                     ? 
_refine.ls_shift_over_su_max_lt                  ? 
_refine.ls_shift_over_su_mean                    ? 
_refine.ls_shift_over_su_mean_lt                 ? 
_refine.pdbx_ls_sigma_I                          ? 
_refine.pdbx_ls_sigma_F                          1.35 
_refine.pdbx_ls_sigma_Fsqd                       ? 
_refine.pdbx_data_cutoff_high_absF               ? 
_refine.pdbx_data_cutoff_high_rms_absF           ? 
_refine.pdbx_data_cutoff_low_absF                ? 
_refine.pdbx_isotropic_thermal_model             ? 
_refine.pdbx_ls_cross_valid_method               THROUGHOUT 
_refine.pdbx_method_to_determine_struct          'MOLECULAR REPLACEMENT' 
_refine.pdbx_starting_model                      1e9c 
_refine.pdbx_stereochemistry_target_values       ML 
_refine.pdbx_R_Free_selection_details            ? 
_refine.pdbx_stereochem_target_val_spec_case     ? 
_refine.pdbx_overall_ESU_R                       ? 
_refine.pdbx_overall_ESU_R_Free                  ? 
_refine.pdbx_solvent_vdw_probe_radii             1.11 
_refine.pdbx_solvent_ion_probe_radii             ? 
_refine.pdbx_solvent_shrinkage_radii             0.90 
_refine.pdbx_real_space_R                        ? 
_refine.pdbx_density_correlation                 ? 
_refine.pdbx_pd_number_of_powder_patterns        ? 
_refine.pdbx_pd_number_of_points                 ? 
_refine.pdbx_pd_meas_number_of_points            ? 
_refine.pdbx_pd_proc_ls_prof_R_factor            ? 
_refine.pdbx_pd_proc_ls_prof_wR_factor           ? 
_refine.pdbx_pd_Marquardt_correlation_coeff      ? 
_refine.pdbx_pd_Fsqrd_R_factor                   ? 
_refine.pdbx_pd_ls_matrix_band_width             ? 
_refine.pdbx_overall_phase_error                 24.10 
_refine.pdbx_overall_SU_R_free_Cruickshank_DPI   ? 
_refine.pdbx_overall_SU_R_free_Blow_DPI          ? 
_refine.pdbx_overall_SU_R_Blow_DPI               ? 
_refine.pdbx_TLS_residual_ADP_flag               ? 
_refine.pdbx_diffrn_id                           1 
_refine.overall_SU_B                             ? 
_refine.overall_SU_ML                            0.20 
_refine.overall_SU_R_Cruickshank_DPI             ? 
_refine.overall_SU_R_free                        ? 
_refine.overall_FOM_free_R_set                   ? 
_refine.overall_FOM_work_R_set                   ? 
_refine.pdbx_average_fsc_overall                 ? 
_refine.pdbx_average_fsc_work                    ? 
_refine.pdbx_average_fsc_free                    ? 
# 
_refine_hist.pdbx_refine_id                   'X-RAY DIFFRACTION' 
_refine_hist.cycle_id                         LAST 
_refine_hist.details                          ? 
_refine_hist.d_res_high                       1.910 
_refine_hist.d_res_low                        41.881 
_refine_hist.number_atoms_solvent             70 
_refine_hist.number_atoms_total               1597 
_refine_hist.number_reflns_all                ? 
_refine_hist.number_reflns_obs                ? 
_refine_hist.number_reflns_R_free             ? 
_refine_hist.number_reflns_R_work             ? 
_refine_hist.R_factor_all                     ? 
_refine_hist.R_factor_obs                     ? 
_refine_hist.R_factor_R_free                  ? 
_refine_hist.R_factor_R_work                  ? 
_refine_hist.pdbx_number_residues_total       ? 
_refine_hist.pdbx_B_iso_mean_ligand           ? 
_refine_hist.pdbx_B_iso_mean_solvent          ? 
_refine_hist.pdbx_number_atoms_protein        1506 
_refine_hist.pdbx_number_atoms_nucleic_acid   0 
_refine_hist.pdbx_number_atoms_ligand         21 
_refine_hist.pdbx_number_atoms_lipid          ? 
_refine_hist.pdbx_number_atoms_carb           ? 
_refine_hist.pdbx_pseudo_atom_details         ? 
# 
loop_
_refine_ls_restr.pdbx_refine_id 
_refine_ls_restr.criterion 
_refine_ls_restr.dev_ideal 
_refine_ls_restr.dev_ideal_target 
_refine_ls_restr.number 
_refine_ls_restr.rejects 
_refine_ls_restr.type 
_refine_ls_restr.weight 
_refine_ls_restr.pdbx_restraint_function 
'X-RAY DIFFRACTION' ? 0.008  ? 1551 ? f_bond_d           ? ? 
'X-RAY DIFFRACTION' ? 1.080  ? 2088 ? f_angle_d          ? ? 
'X-RAY DIFFRACTION' ? 10.893 ? 937  ? f_dihedral_angle_d ? ? 
'X-RAY DIFFRACTION' ? 0.072  ? 234  ? f_chiral_restr     ? ? 
'X-RAY DIFFRACTION' ? 0.006  ? 262  ? f_plane_restr      ? ? 
# 
loop_
_refine_ls_shell.pdbx_refine_id 
_refine_ls_shell.d_res_high 
_refine_ls_shell.d_res_low 
_refine_ls_shell.number_reflns_all 
_refine_ls_shell.number_reflns_obs 
_refine_ls_shell.number_reflns_R_free 
_refine_ls_shell.number_reflns_R_work 
_refine_ls_shell.percent_reflns_obs 
_refine_ls_shell.percent_reflns_R_free 
_refine_ls_shell.R_factor_all 
_refine_ls_shell.R_factor_obs 
_refine_ls_shell.R_factor_R_free 
_refine_ls_shell.R_factor_R_free_error 
_refine_ls_shell.R_factor_R_work 
_refine_ls_shell.redundancy_reflns_all 
_refine_ls_shell.redundancy_reflns_obs 
_refine_ls_shell.wR_factor_all 
_refine_ls_shell.wR_factor_obs 
_refine_ls_shell.wR_factor_R_free 
_refine_ls_shell.wR_factor_R_work 
_refine_ls_shell.pdbx_R_complete 
_refine_ls_shell.pdbx_total_number_of_bins_used 
_refine_ls_shell.pdbx_phase_error 
_refine_ls_shell.pdbx_fsc_work 
_refine_ls_shell.pdbx_fsc_free 
'X-RAY DIFFRACTION' 1.9101 2.0298 . . 136 2613 100.00 . . . 0.2616 . 0.2338 . . . . . . . . . . . 
'X-RAY DIFFRACTION' 2.0298 2.1865 . . 134 2637 100.00 . . . 0.2335 . 0.2313 . . . . . . . . . . . 
'X-RAY DIFFRACTION' 2.1865 2.4065 . . 121 2625 100.00 . . . 0.2943 . 0.2309 . . . . . . . . . . . 
'X-RAY DIFFRACTION' 2.4065 2.7547 . . 152 2655 100.00 . . . 0.2831 . 0.2355 . . . . . . . . . . . 
'X-RAY DIFFRACTION' 2.7547 3.4704 . . 114 2729 100.00 . . . 0.2617 . 0.2304 . . . . . . . . . . . 
'X-RAY DIFFRACTION' 3.4704 41.8   . . 141 2856 100.00 . . . 0.2215 . 0.2021 . . . . . . . . . . . 
# 
_struct.entry_id                     7FGQ 
_struct.title                        
'Crystal structure of Thymidylate kinase with TMP and its low-resolution (SAXS) solution structure from Brugia malayi' 
_struct.pdbx_model_details           ? 
_struct.pdbx_formula_weight          ? 
_struct.pdbx_formula_weight_method   ? 
_struct.pdbx_model_type_details      ? 
_struct.pdbx_CASP_flag               N 
# 
_struct_keywords.entry_id        7FGQ 
_struct_keywords.text            
'Thymidylate Kinase, Nucleotide biosynthesis, ATP binding, Nucleotide binding, Complexed with dTMP, TRANSFERASE' 
_struct_keywords.pdbx_keywords   TRANSFERASE 
# 
loop_
_struct_asym.id 
_struct_asym.pdbx_blank_PDB_chainid_flag 
_struct_asym.pdbx_modified 
_struct_asym.entity_id 
_struct_asym.details 
A N N 1 ? 
B N N 2 ? 
C N N 3 ? 
# 
loop_
_struct_conf.conf_type_id 
_struct_conf.id 
_struct_conf.pdbx_PDB_helix_id 
_struct_conf.beg_label_comp_id 
_struct_conf.beg_label_asym_id 
_struct_conf.beg_label_seq_id 
_struct_conf.pdbx_beg_PDB_ins_code 
_struct_conf.end_label_comp_id 
_struct_conf.end_label_asym_id 
_struct_conf.end_label_seq_id 
_struct_conf.pdbx_end_PDB_ins_code 
_struct_conf.beg_auth_comp_id 
_struct_conf.beg_auth_asym_id 
_struct_conf.beg_auth_seq_id 
_struct_conf.end_auth_comp_id 
_struct_conf.end_auth_asym_id 
_struct_conf.end_auth_seq_id 
_struct_conf.pdbx_PDB_helix_class 
_struct_conf.details 
_struct_conf.pdbx_PDB_helix_length 
HELX_P HELX_P1 AA1 GLY A 52  ? ALA A 67  ? GLY A 19  ALA A 34  1 ? 16 
HELX_P HELX_P2 AA2 SER A 81  ? LYS A 92  ? SER A 48  LYS A 59  1 ? 12 
HELX_P HELX_P3 AA3 ASP A 98  ? ALA A 112 ? ASP A 65  ALA A 79  1 ? 15 
HELX_P HELX_P4 AA4 LEU A 113 ? LYS A 123 ? LEU A 80  LYS A 90  1 ? 11 
HELX_P HELX_P5 AA5 TYR A 132 ? ALA A 142 ? TYR A 99  ALA A 109 1 ? 11 
HELX_P HELX_P6 AA6 THR A 149 ? LYS A 154 ? THR A 116 LYS A 121 1 ? 6  
HELX_P HELX_P7 AA7 PHE A 192 ? ASP A 207 ? PHE A 159 ASP A 174 1 ? 16 
HELX_P HELX_P8 AA8 THR A 219 ? VAL A 238 ? THR A 186 VAL A 205 1 ? 20 
# 
_struct_conf_type.id          HELX_P 
_struct_conf_type.criteria    ? 
_struct_conf_type.reference   ? 
# 
_struct_mon_prot_cis.pdbx_id                1 
_struct_mon_prot_cis.label_comp_id          PHE 
_struct_mon_prot_cis.label_seq_id           76 
_struct_mon_prot_cis.label_asym_id          A 
_struct_mon_prot_cis.label_alt_id           . 
_struct_mon_prot_cis.pdbx_PDB_ins_code      ? 
_struct_mon_prot_cis.auth_comp_id           PHE 
_struct_mon_prot_cis.auth_seq_id            43 
_struct_mon_prot_cis.auth_asym_id           A 
_struct_mon_prot_cis.pdbx_label_comp_id_2   PRO 
_struct_mon_prot_cis.pdbx_label_seq_id_2    77 
_struct_mon_prot_cis.pdbx_label_asym_id_2   A 
_struct_mon_prot_cis.pdbx_PDB_ins_code_2    ? 
_struct_mon_prot_cis.pdbx_auth_comp_id_2    PRO 
_struct_mon_prot_cis.pdbx_auth_seq_id_2     44 
_struct_mon_prot_cis.pdbx_auth_asym_id_2    A 
_struct_mon_prot_cis.pdbx_PDB_model_num     1 
_struct_mon_prot_cis.pdbx_omega_angle       3.45 
# 
_struct_sheet.id               AA1 
_struct_sheet.type             ? 
_struct_sheet.number_strands   5 
_struct_sheet.details          ? 
# 
loop_
_struct_sheet_order.sheet_id 
_struct_sheet_order.range_id_1 
_struct_sheet_order.range_id_2 
_struct_sheet_order.offset 
_struct_sheet_order.sense 
AA1 1 2 ? parallel 
AA1 2 3 ? parallel 
AA1 3 4 ? parallel 
AA1 4 5 ? parallel 
# 
loop_
_struct_sheet_range.sheet_id 
_struct_sheet_range.id 
_struct_sheet_range.beg_label_comp_id 
_struct_sheet_range.beg_label_asym_id 
_struct_sheet_range.beg_label_seq_id 
_struct_sheet_range.pdbx_beg_PDB_ins_code 
_struct_sheet_range.end_label_comp_id 
_struct_sheet_range.end_label_asym_id 
_struct_sheet_range.end_label_seq_id 
_struct_sheet_range.pdbx_end_PDB_ins_code 
_struct_sheet_range.beg_auth_comp_id 
_struct_sheet_range.beg_auth_asym_id 
_struct_sheet_range.beg_auth_seq_id 
_struct_sheet_range.end_auth_comp_id 
_struct_sheet_range.end_auth_asym_id 
_struct_sheet_range.end_auth_seq_id 
AA1 1 VAL A 71  ? SER A 75  ? VAL A 38  SER A 42  
AA1 2 HIS A 126 ? ASP A 130 ? HIS A 93  ASP A 97  
AA1 3 PHE A 42  ? GLY A 47  ? PHE A 9   GLY A 14  
AA1 4 CYS A 165 ? ASN A 170 ? CYS A 132 ASN A 137 
AA1 5 TRP A 211 ? ASP A 215 ? TRP A 178 ASP A 182 
# 
loop_
_pdbx_struct_sheet_hbond.sheet_id 
_pdbx_struct_sheet_hbond.range_id_1 
_pdbx_struct_sheet_hbond.range_id_2 
_pdbx_struct_sheet_hbond.range_1_label_atom_id 
_pdbx_struct_sheet_hbond.range_1_label_comp_id 
_pdbx_struct_sheet_hbond.range_1_label_asym_id 
_pdbx_struct_sheet_hbond.range_1_label_seq_id 
_pdbx_struct_sheet_hbond.range_1_PDB_ins_code 
_pdbx_struct_sheet_hbond.range_1_auth_atom_id 
_pdbx_struct_sheet_hbond.range_1_auth_comp_id 
_pdbx_struct_sheet_hbond.range_1_auth_asym_id 
_pdbx_struct_sheet_hbond.range_1_auth_seq_id 
_pdbx_struct_sheet_hbond.range_2_label_atom_id 
_pdbx_struct_sheet_hbond.range_2_label_comp_id 
_pdbx_struct_sheet_hbond.range_2_label_asym_id 
_pdbx_struct_sheet_hbond.range_2_label_seq_id 
_pdbx_struct_sheet_hbond.range_2_PDB_ins_code 
_pdbx_struct_sheet_hbond.range_2_auth_atom_id 
_pdbx_struct_sheet_hbond.range_2_auth_comp_id 
_pdbx_struct_sheet_hbond.range_2_auth_asym_id 
_pdbx_struct_sheet_hbond.range_2_auth_seq_id 
AA1 1 2 N ASP A 72  ? N ASP A 39  O HIS A 126 ? O HIS A 93  
AA1 2 3 O VAL A 129 ? O VAL A 96  N PHE A 45  ? N PHE A 12  
AA1 3 4 N VAL A 44  ? N VAL A 11  O ILE A 167 ? O ILE A 134 
AA1 4 5 N TYR A 168 ? N TYR A 135 O LYS A 212 ? O LYS A 179 
# 
_atom_sites.entry_id                    7FGQ 
_atom_sites.Cartn_transf_matrix[1][1]   ? 
_atom_sites.Cartn_transf_matrix[1][2]   ? 
_atom_sites.Cartn_transf_matrix[1][3]   ? 
_atom_sites.Cartn_transf_matrix[2][1]   ? 
_atom_sites.Cartn_transf_matrix[2][2]   ? 
_atom_sites.Cartn_transf_matrix[2][3]   ? 
_atom_sites.Cartn_transf_matrix[3][1]   ? 
_atom_sites.Cartn_transf_matrix[3][2]   ? 
_atom_sites.Cartn_transf_matrix[3][3]   ? 
_atom_sites.Cartn_transf_vector[1]      ? 
_atom_sites.Cartn_transf_vector[2]      ? 
_atom_sites.Cartn_transf_vector[3]      ? 
_atom_sites.fract_transf_matrix[1][1]   0.00955208 
_atom_sites.fract_transf_matrix[1][2]   -0.01340200 
_atom_sites.fract_transf_matrix[1][3]   -0.00443192 
_atom_sites.fract_transf_matrix[2][1]   -0.01296370 
_atom_sites.fract_transf_matrix[2][2]   -0.01044634 
_atom_sites.fract_transf_matrix[2][3]   0.00364887 
_atom_sites.fract_transf_matrix[3][1]   -0.00274000 
_atom_sites.fract_transf_matrix[3][2]   0.00065046 
_atom_sites.fract_transf_matrix[3][3]   -0.00787246 
_atom_sites.fract_transf_vector[1]      -0.294901 
_atom_sites.fract_transf_vector[2]      0.290414 
_atom_sites.fract_transf_vector[3]      -0.022523 
_atom_sites.solution_primary            ? 
_atom_sites.solution_secondary          ? 
_atom_sites.solution_hydrogens          ? 
_atom_sites.special_details             ? 
# 
loop_
_atom_type.symbol 
C 
N 
O 
P 
S 
# 
loop_
_atom_site.group_PDB 
_atom_site.id 
_atom_site.type_symbol 
_atom_site.label_atom_id 
_atom_site.label_alt_id 
_atom_site.label_comp_id 
_atom_site.label_asym_id 
_atom_site.label_entity_id 
_atom_site.label_seq_id 
_atom_site.pdbx_PDB_ins_code 
_atom_site.Cartn_x 
_atom_site.Cartn_y 
_atom_site.Cartn_z 
_atom_site.occupancy 
_atom_site.B_iso_or_equiv 
_atom_site.pdbx_formal_charge 
_atom_site.auth_seq_id 
_atom_site.auth_comp_id 
_atom_site.auth_asym_id 
_atom_site.auth_atom_id 
_atom_site.pdbx_PDB_model_num 
ATOM   1    N N     . ARG A 1 37  ? 8.194   8.504   22.891  1.00 47.32 ? 4   ARG A N     1 
ATOM   2    C CA    . ARG A 1 37  ? 7.774   8.031   21.556  1.00 53.44 ? 4   ARG A CA    1 
ATOM   3    C C     . ARG A 1 37  ? 8.986   7.624   20.698  1.00 52.30 ? 4   ARG A C     1 
ATOM   4    O O     . ARG A 1 37  ? 9.760   8.483   20.288  1.00 47.24 ? 4   ARG A O     1 
ATOM   5    C CB    . ARG A 1 37  ? 6.884   9.070   20.878  1.00 51.73 ? 4   ARG A CB    1 
ATOM   6    C CG    . ARG A 1 37  ? 6.650   8.848   19.391  1.00 50.32 ? 4   ARG A CG    1 
ATOM   7    C CD    . ARG A 1 37  ? 5.625   7.817   18.976  1.00 47.82 ? 4   ARG A CD    1 
ATOM   8    N NE    . ARG A 1 37  ? 4.379   7.837   19.722  1.00 52.75 ? 4   ARG A NE    1 
ATOM   9    C CZ    . ARG A 1 37  ? 3.306   8.536   19.410  1.00 51.53 ? 4   ARG A CZ    1 
ATOM   10   N NH1   . ARG A 1 37  ? 3.339   9.309   18.334  1.00 56.79 ? 4   ARG A NH1   1 
ATOM   11   N NH2   . ARG A 1 37  ? 2.229   8.454   20.176  1.00 44.22 ? 4   ARG A NH2   1 
ATOM   12   N N     . ILE A 1 38  ? 9.085   6.325   20.444  1.00 49.35 ? 5   ILE A N     1 
ATOM   13   C CA    . ILE A 1 38  ? 10.099  5.685   19.573  1.00 46.23 ? 5   ILE A CA    1 
ATOM   14   C C     . ILE A 1 38  ? 9.247   4.802   18.662  1.00 43.55 ? 5   ILE A C     1 
ATOM   15   O O     . ILE A 1 38  ? 8.856   3.753   19.098  1.00 43.00 ? 5   ILE A O     1 
ATOM   16   C CB    . ILE A 1 38  ? 11.091  4.851   20.397  1.00 51.91 ? 5   ILE A CB    1 
ATOM   17   C CG1   . ILE A 1 38  ? 11.529  5.554   21.685  1.00 51.37 ? 5   ILE A CG1   1 
ATOM   18   C CG2   . ILE A 1 38  ? 12.281  4.436   19.561  1.00 50.42 ? 5   ILE A CG2   1 
ATOM   19   C CD1   . ILE A 1 38  ? 12.115  4.650   22.740  1.00 47.24 ? 5   ILE A CD1   1 
ATOM   20   N N     . ARG A 1 39  ? 8.967   5.246   17.449  1.00 38.31 ? 6   ARG A N     1 
ATOM   21   C CA    . ARG A 1 39  ? 8.031   4.566   16.560  1.00 34.91 ? 6   ARG A CA    1 
ATOM   22   C C     . ARG A 1 39  ? 8.710   4.032   15.300  1.00 30.69 ? 6   ARG A C     1 
ATOM   23   O O     . ARG A 1 39  ? 9.716   4.576   14.834  1.00 30.47 ? 6   ARG A O     1 
ATOM   24   C CB    . ARG A 1 39  ? 6.864   5.512   16.169  1.00 31.57 ? 6   ARG A CB    1 
ATOM   25   C CG    . ARG A 1 39  ? 7.098   6.408   14.943  1.00 33.79 ? 6   ARG A CG    1 
ATOM   26   C CD    . ARG A 1 39  ? 5.746   6.884   14.401  1.00 29.74 ? 6   ARG A CD    1 
ATOM   27   N NE    . ARG A 1 39  ? 5.818   7.961   13.420  1.00 29.58 ? 6   ARG A NE    1 
ATOM   28   C CZ    . ARG A 1 39  ? 5.899   7.772   12.111  1.00 35.48 ? 6   ARG A CZ    1 
ATOM   29   N NH1   . ARG A 1 39  ? 5.958   6.536   11.620  1.00 30.44 ? 6   ARG A NH1   1 
ATOM   30   N NH2   . ARG A 1 39  ? 5.949   8.816   11.291  1.00 34.91 ? 6   ARG A NH2   1 
ATOM   31   N N     . GLY A 1 40  ? 8.140   2.939   14.743  1.00 25.92 ? 7   GLY A N     1 
ATOM   32   C CA    . GLY A 1 40  ? 8.617   2.413   13.476  1.00 25.50 ? 7   GLY A CA    1 
ATOM   33   C C     . GLY A 1 40  ? 8.098   3.227   12.301  1.00 27.13 ? 7   GLY A C     1 
ATOM   34   O O     . GLY A 1 40  ? 7.188   4.049   12.446  1.00 26.06 ? 7   GLY A O     1 
ATOM   35   N N     . ALA A 1 41  ? 8.701   2.995   11.133  1.00 27.38 ? 8   ALA A N     1 
ATOM   36   C CA    . ALA A 1 41  ? 8.297   3.630   9.886   1.00 25.98 ? 8   ALA A CA    1 
ATOM   37   C C     . ALA A 1 41  ? 7.193   2.827   9.218   1.00 24.45 ? 8   ALA A C     1 
ATOM   38   O O     . ALA A 1 41  ? 7.086   1.615   9.395   1.00 21.45 ? 8   ALA A O     1 
ATOM   39   C CB    . ALA A 1 41  ? 9.470   3.755   8.909   1.00 24.88 ? 8   ALA A CB    1 
ATOM   40   N N     . PHE A 1 42  ? 6.383   3.522   8.419   1.00 23.78 ? 9   PHE A N     1 
ATOM   41   C CA    . PHE A 1 42  ? 5.259   2.919   7.706   1.00 23.58 ? 9   PHE A CA    1 
ATOM   42   C C     . PHE A 1 42  ? 5.551   3.057   6.214   1.00 21.66 ? 9   PHE A C     1 
ATOM   43   O O     . PHE A 1 42  ? 5.542   4.169   5.675   1.00 24.16 ? 9   PHE A O     1 
ATOM   44   C CB    . PHE A 1 42  ? 3.950   3.597   8.132   1.00 26.32 ? 9   PHE A CB    1 
ATOM   45   C CG    . PHE A 1 42  ? 2.723   3.108   7.408   1.00 25.47 ? 9   PHE A CG    1 
ATOM   46   C CD1   . PHE A 1 42  ? 2.728   1.906   6.696   1.00 22.16 ? 9   PHE A CD1   1 
ATOM   47   C CD2   . PHE A 1 42  ? 1.555   3.861   7.445   1.00 23.12 ? 9   PHE A CD2   1 
ATOM   48   C CE1   . PHE A 1 42  ? 1.592   1.479   6.027   1.00 23.52 ? 9   PHE A CE1   1 
ATOM   49   C CE2   . PHE A 1 42  ? 0.426   3.444   6.770   1.00 24.44 ? 9   PHE A CE2   1 
ATOM   50   C CZ    . PHE A 1 42  ? 0.443   2.253   6.057   1.00 25.94 ? 9   PHE A CZ    1 
ATOM   51   N N     . ILE A 1 43  ? 5.857   1.930   5.560   1.00 19.02 ? 10  ILE A N     1 
ATOM   52   C CA    . ILE A 1 43  ? 6.291   1.895   4.170   1.00 23.50 ? 10  ILE A CA    1 
ATOM   53   C C     . ILE A 1 43  ? 5.249   1.149   3.356   1.00 21.81 ? 10  ILE A C     1 
ATOM   54   O O     . ILE A 1 43  ? 4.919   -0.001  3.671   1.00 22.37 ? 10  ILE A O     1 
ATOM   55   C CB    . ILE A 1 43  ? 7.664   1.207   4.012   1.00 20.64 ? 10  ILE A CB    1 
ATOM   56   C CG1   . ILE A 1 43  ? 8.686   1.800   4.981   1.00 24.97 ? 10  ILE A CG1   1 
ATOM   57   C CG2   . ILE A 1 43  ? 8.142   1.317   2.579   1.00 20.29 ? 10  ILE A CG2   1 
ATOM   58   C CD1   . ILE A 1 43  ? 8.949   3.268   4.778   1.00 28.25 ? 10  ILE A CD1   1 
ATOM   59   N N     . VAL A 1 44  ? 4.757   1.777   2.297   1.00 21.55 ? 11  VAL A N     1 
ATOM   60   C CA    . VAL A 1 44  ? 3.767   1.144   1.428   1.00 21.86 ? 11  VAL A CA    1 
ATOM   61   C C     . VAL A 1 44  ? 4.387   0.882   0.066   1.00 21.64 ? 11  VAL A C     1 
ATOM   62   O O     . VAL A 1 44  ? 5.068   1.752   -0.490  1.00 24.24 ? 11  VAL A O     1 
ATOM   63   C CB    . VAL A 1 44  ? 2.500   2.010   1.306   1.00 22.22 ? 11  VAL A CB    1 
ATOM   64   C CG1   . VAL A 1 44  ? 1.717   1.633   0.046   1.00 20.60 ? 11  VAL A CG1   1 
ATOM   65   C CG2   . VAL A 1 44  ? 1.648   1.839   2.561   1.00 18.10 ? 11  VAL A CG2   1 
ATOM   66   N N     . PHE A 1 45  ? 4.143   -0.318  -0.472  1.00 19.36 ? 12  PHE A N     1 
ATOM   67   C CA    . PHE A 1 45  ? 4.498   -0.650  -1.847  1.00 23.13 ? 12  PHE A CA    1 
ATOM   68   C C     . PHE A 1 45  ? 3.224   -0.619  -2.677  1.00 23.37 ? 12  PHE A C     1 
ATOM   69   O O     . PHE A 1 45  ? 2.231   -1.252  -2.301  1.00 22.75 ? 12  PHE A O     1 
ATOM   70   C CB    . PHE A 1 45  ? 5.108   -2.045  -1.956  1.00 20.57 ? 12  PHE A CB    1 
ATOM   71   C CG    . PHE A 1 45  ? 6.523   -2.144  -1.479  1.00 27.78 ? 12  PHE A CG    1 
ATOM   72   C CD1   . PHE A 1 45  ? 7.104   -1.129  -0.730  1.00 25.44 ? 12  PHE A CD1   1 
ATOM   73   C CD2   . PHE A 1 45  ? 7.275   -3.262  -1.782  1.00 28.88 ? 12  PHE A CD2   1 
ATOM   74   C CE1   . PHE A 1 45  ? 8.421   -1.226  -0.299  1.00 26.72 ? 12  PHE A CE1   1 
ATOM   75   C CE2   . PHE A 1 45  ? 8.589   -3.363  -1.354  1.00 31.05 ? 12  PHE A CE2   1 
ATOM   76   C CZ    . PHE A 1 45  ? 9.157   -2.348  -0.610  1.00 25.57 ? 12  PHE A CZ    1 
ATOM   77   N N     . GLU A 1 46  ? 3.264   0.091   -3.799  1.00 26.62 ? 13  GLU A N     1 
ATOM   78   C CA    . GLU A 1 46  ? 2.119   0.210   -4.700  1.00 26.76 ? 13  GLU A CA    1 
ATOM   79   C C     . GLU A 1 46  ? 2.536   -0.067  -6.135  1.00 32.43 ? 13  GLU A C     1 
ATOM   80   O O     . GLU A 1 46  ? 3.673   0.205   -6.535  1.00 32.20 ? 13  GLU A O     1 
ATOM   81   C CB    . GLU A 1 46  ? 1.500   1.614   -4.638  1.00 28.00 ? 13  GLU A CB    1 
ATOM   82   C CG    . GLU A 1 46  ? 0.572   1.843   -3.464  1.00 23.77 ? 13  GLU A CG    1 
ATOM   83   C CD    . GLU A 1 46  ? -0.700  1.028   -3.534  1.00 25.28 ? 13  GLU A CD    1 
ATOM   84   O OE1   . GLU A 1 46  ? -0.876  0.197   -4.463  1.00 28.94 ? 13  GLU A OE1   1 
ATOM   85   O OE2   . GLU A 1 46  ? -1.546  1.220   -2.646  1.00 25.38 ? 13  GLU A OE2   1 
ATOM   86   N N     . GLY A 1 47  ? 1.599   -0.581  -6.917  1.00 29.87 ? 14  GLY A N     1 
ATOM   87   C CA    . GLY A 1 47  ? 1.822   -0.709  -8.342  1.00 39.21 ? 14  GLY A CA    1 
ATOM   88   C C     . GLY A 1 47  ? 0.804   -1.628  -8.984  1.00 43.75 ? 14  GLY A C     1 
ATOM   89   O O     . GLY A 1 47  ? -0.094  -2.165  -8.330  1.00 42.11 ? 14  GLY A O     1 
ATOM   90   N N     . CYS A 1 48  ? 0.908   -1.804  -10.283 1.00 49.42 ? 15  CYS A N     1 
ATOM   91   C CA    . CYS A 1 48  ? -0.043  -2.692  -10.974 1.00 49.31 ? 15  CYS A CA    1 
ATOM   92   C C     . CYS A 1 48  ? 0.337   -4.128  -10.625 1.00 50.94 ? 15  CYS A C     1 
ATOM   93   O O     . CYS A 1 48  ? 1.408   -4.387  -10.154 1.00 48.54 ? 15  CYS A O     1 
ATOM   94   C CB    . CYS A 1 48  ? 0.072   -2.520  -12.485 1.00 47.00 ? 15  CYS A CB    1 
ATOM   95   S SG    . CYS A 1 48  ? 1.572   -3.283  -13.148 1.00 59.30 ? 15  CYS A SG    1 
ATOM   96   N N     . ASP A 1 49  ? -0.588  -5.007  -10.857 1.00 47.11 ? 16  ASP A N     1 
ATOM   97   C CA    . ASP A 1 49  ? -0.364  -6.437  -10.745 1.00 52.68 ? 16  ASP A CA    1 
ATOM   98   C C     . ASP A 1 49  ? 0.827   -6.832  -11.614 1.00 54.20 ? 16  ASP A C     1 
ATOM   99   O O     . ASP A 1 49  ? 1.110   -6.196  -12.636 1.00 54.05 ? 16  ASP A O     1 
ATOM   100  C CB    . ASP A 1 49  ? -1.631  -7.193  -11.162 1.00 53.12 ? 16  ASP A CB    1 
ATOM   101  C CG    . ASP A 1 49  ? -2.798  -6.952  -10.207 1.00 56.04 ? 16  ASP A CG    1 
ATOM   102  O OD1   . ASP A 1 49  ? -2.701  -7.357  -9.031  1.00 58.97 ? 16  ASP A OD1   1 
ATOM   103  O OD2   . ASP A 1 49  ? -3.807  -6.344  -10.625 1.00 65.39 ? 16  ASP A OD2   1 
ATOM   104  N N     . ARG A 1 50  ? 1.552   -7.863  -11.176 1.00 56.25 ? 17  ARG A N     1 
ATOM   105  C CA    . ARG A 1 50  ? 2.736   -8.426  -11.838 1.00 54.30 ? 17  ARG A CA    1 
ATOM   106  C C     . ARG A 1 50  ? 3.985   -7.567  -11.674 1.00 52.57 ? 17  ARG A C     1 
ATOM   107  O O     . ARG A 1 50  ? 4.991   -7.833  -12.354 1.00 53.59 ? 17  ARG A O     1 
ATOM   108  C CB    . ARG A 1 50  ? 2.521   -8.656  -13.340 1.00 54.45 ? 17  ARG A CB    1 
ATOM   109  C CG    . ARG A 1 50  ? 1.577   -9.785  -13.694 1.00 62.25 ? 17  ARG A CG    1 
ATOM   110  C CD    . ARG A 1 50  ? 0.917   -9.519  -15.042 1.00 64.08 ? 17  ARG A CD    1 
ATOM   111  N NE    . ARG A 1 50  ? 0.273   -10.709 -15.591 1.00 69.50 ? 17  ARG A NE    1 
ATOM   112  C CZ    . ARG A 1 50  ? -0.475  -10.710 -16.690 1.00 70.20 ? 17  ARG A CZ    1 
ATOM   113  N NH1   . ARG A 1 50  ? -1.022  -11.841 -17.122 1.00 71.97 ? 17  ARG A NH1   1 
ATOM   114  N NH2   . ARG A 1 50  ? -0.682  -9.581  -17.356 1.00 70.50 ? 17  ARG A NH2   1 
ATOM   115  N N     . ALA A 1 51  ? 3.970   -6.552  -10.810 1.00 52.06 ? 18  ALA A N     1 
ATOM   116  C CA    . ALA A 1 51  ? 5.098   -5.638  -10.684 1.00 50.87 ? 18  ALA A CA    1 
ATOM   117  C C     . ALA A 1 51  ? 6.173   -6.139  -9.723  1.00 44.41 ? 18  ALA A C     1 
ATOM   118  O O     . ALA A 1 51  ? 7.122   -5.402  -9.448  1.00 44.09 ? 18  ALA A O     1 
ATOM   119  C CB    . ALA A 1 51  ? 4.612   -4.253  -10.243 1.00 44.26 ? 18  ALA A CB    1 
ATOM   120  N N     . GLY A 1 52  ? 6.052   -7.365  -9.216  1.00 45.51 ? 19  GLY A N     1 
ATOM   121  C CA    . GLY A 1 52  ? 7.034   -7.887  -8.285  1.00 45.94 ? 19  GLY A CA    1 
ATOM   122  C C     . GLY A 1 52  ? 6.967   -7.297  -6.896  1.00 45.57 ? 19  GLY A C     1 
ATOM   123  O O     . GLY A 1 52  ? 7.909   -7.478  -6.113  1.00 35.65 ? 19  GLY A O     1 
ATOM   124  N N     . LYS A 1 53  ? 5.870   -6.598  -6.571  1.00 38.93 ? 20  LYS A N     1 
ATOM   125  C CA    . LYS A 1 53  ? 5.699   -6.014  -5.243  1.00 38.18 ? 20  LYS A CA    1 
ATOM   126  C C     . LYS A 1 53  ? 5.819   -7.062  -4.149  1.00 36.22 ? 20  LYS A C     1 
ATOM   127  O O     . LYS A 1 53  ? 6.436   -6.814  -3.105  1.00 40.59 ? 20  LYS A O     1 
ATOM   128  C CB    . LYS A 1 53  ? 4.335   -5.328  -5.151  1.00 34.48 ? 20  LYS A CB    1 
ATOM   129  C CG    . LYS A 1 53  ? 4.208   -4.060  -5.957  1.00 35.79 ? 20  LYS A CG    1 
ATOM   130  C CD    . LYS A 1 53  ? 2.880   -3.370  -5.669  1.00 34.14 ? 20  LYS A CD    1 
ATOM   131  C CE    . LYS A 1 53  ? 1.715   -4.347  -5.698  1.00 37.78 ? 20  LYS A CE    1 
ATOM   132  N NZ    . LYS A 1 53  ? 1.472   -4.902  -7.072  1.00 42.06 ? 20  LYS A NZ    1 
ATOM   133  N N     . SER A 1 54  ? 5.211   -8.229  -4.355  1.00 36.63 ? 21  SER A N     1 
ATOM   134  C CA    . SER A 1 54  ? 5.211   -9.265  -3.332  1.00 39.36 ? 21  SER A CA    1 
ATOM   135  C C     . SER A 1 54  ? 6.632   -9.684  -2.968  1.00 43.38 ? 21  SER A C     1 
ATOM   136  O O     . SER A 1 54  ? 6.973   -9.816  -1.785  1.00 40.13 ? 21  SER A O     1 
ATOM   137  C CB    . SER A 1 54  ? 4.406   -10.469 -3.815  1.00 43.58 ? 21  SER A CB    1 
ATOM   138  O OG    . SER A 1 54  ? 4.312   -11.451 -2.798  1.00 51.09 ? 21  SER A OG    1 
ATOM   139  N N     . LEU A 1 55  ? 7.478   -9.902  -3.978  1.00 39.23 ? 22  LEU A N     1 
ATOM   140  C CA    . LEU A 1 55  ? 8.840   -10.339 -3.692  1.00 41.64 ? 22  LEU A CA    1 
ATOM   141  C C     . LEU A 1 55  ? 9.666   -9.204  -3.103  1.00 36.36 ? 22  LEU A C     1 
ATOM   142  O O     . LEU A 1 55  ? 10.394  -9.402  -2.124  1.00 40.86 ? 22  LEU A O     1 
ATOM   143  C CB    . LEU A 1 55  ? 9.495   -10.900 -4.955  1.00 41.81 ? 22  LEU A CB    1 
ATOM   144  C CG    . LEU A 1 55  ? 10.642  -11.878 -4.680  1.00 47.98 ? 22  LEU A CG    1 
ATOM   145  C CD1   . LEU A 1 55  ? 10.771  -12.907 -5.798  1.00 48.82 ? 22  LEU A CD1   1 
ATOM   146  C CD2   . LEU A 1 55  ? 11.942  -11.138 -4.517  1.00 46.45 ? 22  LEU A CD2   1 
ATOM   147  N N     . GLN A 1 56  ? 9.557   -8.003  -3.675  1.00 36.69 ? 23  GLN A N     1 
ATOM   148  C CA    . GLN A 1 56  ? 10.339  -6.878  -3.170  1.00 35.81 ? 23  GLN A CA    1 
ATOM   149  C C     . GLN A 1 56  ? 9.966   -6.522  -1.742  1.00 36.43 ? 23  GLN A C     1 
ATOM   150  O O     . GLN A 1 56  ? 10.827  -6.070  -0.975  1.00 32.43 ? 23  GLN A O     1 
ATOM   151  C CB    . GLN A 1 56  ? 10.169  -5.660  -4.068  1.00 32.67 ? 23  GLN A CB    1 
ATOM   152  C CG    . GLN A 1 56  ? 10.748  -5.836  -5.467  1.00 38.26 ? 23  GLN A CG    1 
ATOM   153  C CD    . GLN A 1 56  ? 12.248  -6.019  -5.449  1.00 41.32 ? 23  GLN A CD    1 
ATOM   154  O OE1   . GLN A 1 56  ? 12.933  -5.567  -4.518  1.00 33.94 ? 23  GLN A OE1   1 
ATOM   155  N NE2   . GLN A 1 56  ? 12.777  -6.685  -6.483  1.00 35.79 ? 23  GLN A NE2   1 
ATOM   156  N N     . SER A 1 57  ? 8.729   -6.771  -1.367  1.00 33.14 ? 24  SER A N     1 
ATOM   157  C CA    . SER A 1 57  ? 8.362   -6.489  0.029   1.00 30.97 ? 24  SER A CA    1 
ATOM   158  C C     . SER A 1 57  ? 9.056   -7.495  0.949   1.00 33.51 ? 24  SER A C     1 
ATOM   159  O O     . SER A 1 57  ? 9.543   -7.093  1.936   1.00 29.77 ? 24  SER A O     1 
ATOM   160  C CB    . SER A 1 57  ? 6.879   -6.369  0.202   1.00 31.42 ? 24  SER A CB    1 
ATOM   161  O OG    . SER A 1 57  ? 6.276   -7.610  0.197   1.00 35.09 ? 24  SER A OG    1 
ATOM   162  N N     . ARG A 1 58  ? 9.124   -8.762  0.581   1.00 32.80 ? 25  ARG A N     1 
ATOM   163  C CA    . ARG A 1 58  ? 9.796   -9.768  1.438   1.00 34.22 ? 25  ARG A CA    1 
ATOM   164  C C     . ARG A 1 58  ? 11.281  -9.441  1.545   1.00 31.23 ? 25  ARG A C     1 
ATOM   165  O O     . ARG A 1 58  ? 11.832  -9.616  2.586   1.00 34.43 ? 25  ARG A O     1 
ATOM   166  C CB    . ARG A 1 58  ? 9.693   -11.188 0.878   1.00 38.41 ? 25  ARG A CB    1 
ATOM   167  C CG    . ARG A 1 58  ? 8.379   -11.899 1.130   1.00 43.70 ? 25  ARG A CG    1 
ATOM   168  C CD    . ARG A 1 58  ? 8.199   -13.037 0.125   1.00 51.69 ? 25  ARG A CD    1 
ATOM   169  N NE    . ARG A 1 58  ? 6.816   -13.299 -0.202  1.00 57.32 ? 25  ARG A NE    1 
ATOM   170  C CZ    . ARG A 1 58  ? 6.332   -14.404 -0.775  1.00 54.47 ? 25  ARG A CZ    1 
ATOM   171  N NH1   . ARG A 1 58  ? 7.138   -15.393 -1.126  1.00 57.55 ? 25  ARG A NH1   1 
ATOM   172  N NH2   . ARG A 1 58  ? 5.031   -14.508 -0.991  1.00 54.14 ? 25  ARG A NH2   1 
ATOM   173  N N     . LYS A 1 59  ? 11.870  -8.974  0.472   1.00 31.69 ? 26  LYS A N     1 
ATOM   174  C CA    . LYS A 1 59  ? 13.305  -8.632  0.459   1.00 34.27 ? 26  LYS A CA    1 
ATOM   175  C C     . LYS A 1 59  ? 13.600  -7.438  1.383   1.00 34.40 ? 26  LYS A C     1 
ATOM   176  O O     . LYS A 1 59  ? 14.575  -7.514  2.098   1.00 26.88 ? 26  LYS A O     1 
ATOM   177  C CB    . LYS A 1 59  ? 13.726  -8.376  -0.981  1.00 36.37 ? 26  LYS A CB    1 
ATOM   178  C CG    . LYS A 1 59  ? 13.858  -9.639  -1.810  1.00 35.79 ? 26  LYS A CG    1 
ATOM   179  C CD    . LYS A 1 59  ? 14.624  -9.447  -3.057  1.00 40.63 ? 26  LYS A CD    1 
ATOM   180  C CE    . LYS A 1 59  ? 16.047  -9.955  -3.024  1.00 45.21 ? 26  LYS A CE    1 
ATOM   181  N NZ    . LYS A 1 59  ? 16.250  -11.175 -2.230  1.00 39.20 ? 26  LYS A NZ    1 
ATOM   182  N N     . LEU A 1 60  ? 12.765  -6.400  1.333   1.00 27.96 ? 27  LEU A N     1 
ATOM   183  C CA    . LEU A 1 60  ? 12.948  -5.208  2.193   1.00 24.74 ? 27  LEU A CA    1 
ATOM   184  C C     . LEU A 1 60  ? 12.844  -5.637  3.649   1.00 24.23 ? 27  LEU A C     1 
ATOM   185  O O     . LEU A 1 60  ? 13.629  -5.217  4.436   1.00 25.40 ? 27  LEU A O     1 
ATOM   186  C CB    . LEU A 1 60  ? 11.904  -4.144  1.868   1.00 26.77 ? 27  LEU A CB    1 
ATOM   187  C CG    . LEU A 1 60  ? 11.965  -2.923  2.773   1.00 24.78 ? 27  LEU A CG    1 
ATOM   188  C CD1   . LEU A 1 60  ? 13.334  -2.301  2.763   1.00 22.51 ? 27  LEU A CD1   1 
ATOM   189  C CD2   . LEU A 1 60  ? 10.912  -1.911  2.427   1.00 24.84 ? 27  LEU A CD2   1 
ATOM   190  N N     . VAL A 1 61  ? 11.866  -6.461  3.944   1.00 21.95 ? 28  VAL A N     1 
ATOM   191  C CA    . VAL A 1 61  ? 11.721  -6.973  5.302   1.00 21.90 ? 28  VAL A CA    1 
ATOM   192  C C     . VAL A 1 61  ? 12.993  -7.697  5.726   1.00 25.40 ? 28  VAL A C     1 
ATOM   193  O O     . VAL A 1 61  ? 13.440  -7.594  6.876   1.00 26.33 ? 28  VAL A O     1 
ATOM   194  C CB    . VAL A 1 61  ? 10.492  -7.897  5.397   1.00 27.45 ? 28  VAL A CB    1 
ATOM   195  C CG1   . VAL A 1 61  ? 10.567  -8.765  6.646   1.00 28.55 ? 28  VAL A CG1   1 
ATOM   196  C CG2   . VAL A 1 61  ? 9.188   -7.069  5.389   1.00 25.21 ? 28  VAL A CG2   1 
ATOM   197  N N     . GLU A 1 62  ? 13.613  -8.414  4.792   1.00 25.41 ? 29  GLU A N     1 
ATOM   198  C CA    . GLU A 1 62  ? 14.842  -9.124  5.132   1.00 25.59 ? 29  GLU A CA    1 
ATOM   199  C C     . GLU A 1 62  ? 15.990  -8.155  5.393   1.00 23.45 ? 29  GLU A C     1 
ATOM   200  O O     . GLU A 1 62  ? 16.765  -8.353  6.337   1.00 23.60 ? 29  GLU A O     1 
ATOM   201  C CB    . GLU A 1 62  ? 15.180  -10.122 4.023   1.00 24.13 ? 29  GLU A CB    1 
ATOM   202  C CG    . GLU A 1 62  ? 14.336  -11.369 4.121   1.00 30.08 ? 29  GLU A CG    1 
ATOM   203  C CD    . GLU A 1 62  ? 14.429  -12.281 2.909   1.00 36.65 ? 29  GLU A CD    1 
ATOM   204  O OE1   . GLU A 1 62  ? 14.904  -11.852 1.831   1.00 31.98 ? 29  GLU A OE1   1 
ATOM   205  O OE2   . GLU A 1 62  ? 14.017  -13.449 3.062   1.00 39.49 ? 29  GLU A OE2   1 
ATOM   206  N N     . ARG A 1 63  ? 16.106  -7.090  4.594   1.00 23.67 ? 30  ARG A N     1 
ATOM   207  C CA    . ARG A 1 63  ? 17.164  -6.111  4.833   1.00 23.63 ? 30  ARG A CA    1 
ATOM   208  C C     . ARG A 1 63  ? 17.002  -5.436  6.188   1.00 25.54 ? 30  ARG A C     1 
ATOM   209  O O     . ARG A 1 63  ? 17.985  -5.209  6.900   1.00 24.82 ? 30  ARG A O     1 
ATOM   210  C CB    . ARG A 1 63  ? 17.170  -5.047  3.748   1.00 24.98 ? 30  ARG A CB    1 
ATOM   211  C CG    . ARG A 1 63  ? 17.639  -5.511  2.391   1.00 29.74 ? 30  ARG A CG    1 
ATOM   212  C CD    . ARG A 1 63  ? 17.823  -4.304  1.501   1.00 31.51 ? 30  ARG A CD    1 
ATOM   213  N NE    . ARG A 1 63  ? 18.111  -4.697  0.127   1.00 31.64 ? 30  ARG A NE    1 
ATOM   214  C CZ    . ARG A 1 63  ? 19.319  -5.040  -0.305  1.00 36.19 ? 30  ARG A CZ    1 
ATOM   215  N NH1   . ARG A 1 63  ? 20.348  -5.037  0.532   1.00 37.10 ? 30  ARG A NH1   1 
ATOM   216  N NH2   . ARG A 1 63  ? 19.496  -5.393  -1.569  1.00 36.72 ? 30  ARG A NH2   1 
ATOM   217  N N     . ILE A 1 64  ? 15.771  -5.087  6.548   1.00 21.56 ? 31  ILE A N     1 
ATOM   218  C CA    . ILE A 1 64  ? 15.524  -4.446  7.835   1.00 22.11 ? 31  ILE A CA    1 
ATOM   219  C C     . ILE A 1 64  ? 15.882  -5.380  8.984   1.00 23.09 ? 31  ILE A C     1 
ATOM   220  O O     . ILE A 1 64  ? 16.490  -4.959  9.974   1.00 22.48 ? 31  ILE A O     1 
ATOM   221  C CB    . ILE A 1 64  ? 14.062  -3.972  7.904   1.00 22.98 ? 31  ILE A CB    1 
ATOM   222  C CG1   . ILE A 1 64  ? 13.817  -2.883  6.861   1.00 21.02 ? 31  ILE A CG1   1 
ATOM   223  C CG2   . ILE A 1 64  ? 13.733  -3.439  9.289   1.00 22.36 ? 31  ILE A CG2   1 
ATOM   224  C CD1   . ILE A 1 64  ? 12.340  -2.487  6.775   1.00 23.55 ? 31  ILE A CD1   1 
ATOM   225  N N     . LYS A 1 65  ? 15.532  -6.663  8.878   1.00 19.96 ? 32  LYS A N     1 
ATOM   226  C CA    . LYS A 1 65  ? 15.947  -7.595  9.921   1.00 19.91 ? 32  LYS A CA    1 
ATOM   227  C C     . LYS A 1 65  ? 17.461  -7.753  9.951   1.00 20.78 ? 32  LYS A C     1 
ATOM   228  O O     . LYS A 1 65  ? 18.054  -7.927  11.024  1.00 21.69 ? 32  LYS A O     1 
ATOM   229  C CB    . LYS A 1 65  ? 15.281  -8.959  9.727   1.00 22.38 ? 32  LYS A CB    1 
ATOM   230  C CG    . LYS A 1 65  ? 13.764  -8.952  9.925   1.00 22.89 ? 32  LYS A CG    1 
ATOM   231  C CD    . LYS A 1 65  ? 13.200  -10.385 9.815   1.00 24.86 ? 32  LYS A CD    1 
ATOM   232  C CE    . LYS A 1 65  ? 11.675  -10.381 9.825   1.00 26.85 ? 32  LYS A CE    1 
ATOM   233  N NZ    . LYS A 1 65  ? 11.195  -10.591 11.197  1.00 32.12 ? 32  LYS A NZ    1 
ATOM   234  N N     . ALA A 1 66  ? 18.103  -7.708  8.785   1.00 20.26 ? 33  ALA A N     1 
ATOM   235  C CA    . ALA A 1 66  ? 19.566  -7.749  8.746   1.00 25.57 ? 33  ALA A CA    1 
ATOM   236  C C     . ALA A 1 66  ? 20.199  -6.525  9.404   1.00 27.04 ? 33  ALA A C     1 
ATOM   237  O O     . ALA A 1 66  ? 21.386  -6.566  9.760   1.00 26.14 ? 33  ALA A O     1 
ATOM   238  C CB    . ALA A 1 66  ? 20.046  -7.865  7.298   1.00 26.31 ? 33  ALA A CB    1 
ATOM   239  N N     . ALA A 1 67  ? 19.447  -5.427  9.535   1.00 24.70 ? 34  ALA A N     1 
ATOM   240  C CA    . ALA A 1 67  ? 19.861  -4.286  10.343  1.00 24.16 ? 34  ALA A CA    1 
ATOM   241  C C     . ALA A 1 67  ? 19.371  -4.385  11.779  1.00 24.41 ? 34  ALA A C     1 
ATOM   242  O O     . ALA A 1 67  ? 19.222  -3.357  12.447  1.00 29.03 ? 34  ALA A O     1 
ATOM   243  C CB    . ALA A 1 67  ? 19.384  -2.978  9.712   1.00 23.84 ? 34  ALA A CB    1 
ATOM   244  N N     . GLY A 1 68  ? 19.114  -5.590  12.275  1.00 23.76 ? 35  GLY A N     1 
ATOM   245  C CA    . GLY A 1 68  ? 18.640  -5.743  13.638  1.00 26.78 ? 35  GLY A CA    1 
ATOM   246  C C     . GLY A 1 68  ? 17.269  -5.144  13.906  1.00 27.47 ? 35  GLY A C     1 
ATOM   247  O O     . GLY A 1 68  ? 16.851  -5.065  15.064  1.00 26.20 ? 35  GLY A O     1 
ATOM   248  N N     . GLY A 1 69  ? 16.537  -4.758  12.860  1.00 26.00 ? 36  GLY A N     1 
ATOM   249  C CA    . GLY A 1 69  ? 15.278  -4.044  13.048  1.00 25.25 ? 36  GLY A CA    1 
ATOM   250  C C     . GLY A 1 69  ? 14.053  -4.935  13.198  1.00 26.27 ? 36  GLY A C     1 
ATOM   251  O O     . GLY A 1 69  ? 13.967  -6.022  12.631  1.00 25.87 ? 36  GLY A O     1 
ATOM   252  N N     . ASP A 1 70  ? 13.078  -4.431  13.959  1.00 27.11 ? 37  ASP A N     1 
ATOM   253  C CA    . ASP A 1 70  ? 11.804  -5.102  14.174  1.00 26.07 ? 37  ASP A CA    1 
ATOM   254  C C     . ASP A 1 70  ? 10.823  -4.632  13.105  1.00 28.40 ? 37  ASP A C     1 
ATOM   255  O O     . ASP A 1 70  ? 10.581  -3.431  12.978  1.00 23.77 ? 37  ASP A O     1 
ATOM   256  C CB    . ASP A 1 70  ? 11.271  -4.780  15.567  1.00 35.06 ? 37  ASP A CB    1 
ATOM   257  C CG    . ASP A 1 70  ? 10.140  -5.685  15.978  1.00 41.51 ? 37  ASP A CG    1 
ATOM   258  O OD1   . ASP A 1 70  ? 9.986   -6.755  15.352  1.00 49.03 ? 37  ASP A OD1   1 
ATOM   259  O OD2   . ASP A 1 70  ? 9.402   -5.328  16.921  1.00 47.22 ? 37  ASP A OD2   1 
ATOM   260  N N     . VAL A 1 71  ? 10.272  -5.568  12.340  1.00 28.52 ? 38  VAL A N     1 
ATOM   261  C CA    . VAL A 1 71  ? 9.479   -5.234  11.157  1.00 25.54 ? 38  VAL A CA    1 
ATOM   262  C C     . VAL A 1 71  ? 8.415   -6.308  10.975  1.00 31.82 ? 38  VAL A C     1 
ATOM   263  O O     . VAL A 1 71  ? 8.656   -7.489  11.242  1.00 29.26 ? 38  VAL A O     1 
ATOM   264  C CB    . VAL A 1 71  ? 10.381  -5.094  9.904   1.00 24.85 ? 38  VAL A CB    1 
ATOM   265  C CG1   . VAL A 1 71  ? 11.290  -6.316  9.751   1.00 23.25 ? 38  VAL A CG1   1 
ATOM   266  C CG2   . VAL A 1 71  ? 9.541   -4.868  8.616   1.00 21.87 ? 38  VAL A CG2   1 
ATOM   267  N N     . ASP A 1 72  ? 7.223   -5.900  10.537  1.00 25.01 ? 39  ASP A N     1 
ATOM   268  C CA    . ASP A 1 72  ? 6.199   -6.851  10.139  1.00 29.67 ? 39  ASP A CA    1 
ATOM   269  C C     . ASP A 1 72  ? 5.759   -6.571  8.707   1.00 26.20 ? 39  ASP A C     1 
ATOM   270  O O     . ASP A 1 72  ? 5.830   -5.434  8.233   1.00 24.09 ? 39  ASP A O     1 
ATOM   271  C CB    . ASP A 1 72  ? 4.995   -6.790  11.082  1.00 29.67 ? 39  ASP A CB    1 
ATOM   272  C CG    . ASP A 1 72  ? 5.224   -7.554  12.367  1.00 36.22 ? 39  ASP A CG    1 
ATOM   273  O OD1   . ASP A 1 72  ? 5.867   -8.633  12.345  1.00 41.70 ? 39  ASP A OD1   1 
ATOM   274  O OD2   . ASP A 1 72  ? 4.752   -7.077  13.415  1.00 46.31 ? 39  ASP A OD2   1 
ATOM   275  N N     . LEU A 1 73  ? 5.295   -7.617  8.029   1.00 27.24 ? 40  LEU A N     1 
ATOM   276  C CA    . LEU A 1 73  ? 4.828   -7.546  6.648   1.00 25.02 ? 40  LEU A CA    1 
ATOM   277  C C     . LEU A 1 73  ? 3.311   -7.671  6.616   1.00 29.10 ? 40  LEU A C     1 
ATOM   278  O O     . LEU A 1 73  ? 2.757   -8.633  7.154   1.00 27.59 ? 40  LEU A O     1 
ATOM   279  C CB    . LEU A 1 73  ? 5.458   -8.657  5.807   1.00 29.27 ? 40  LEU A CB    1 
ATOM   280  C CG    . LEU A 1 73  ? 5.043   -8.749  4.344   1.00 30.19 ? 40  LEU A CG    1 
ATOM   281  C CD1   . LEU A 1 73  ? 5.282   -7.420  3.631   1.00 32.84 ? 40  LEU A CD1   1 
ATOM   282  C CD2   . LEU A 1 73  ? 5.792   -9.864  3.627   1.00 34.47 ? 40  LEU A CD2   1 
ATOM   283  N N     . ILE A 1 74  ? 2.637   -6.704  5.992   1.00 27.07 ? 41  ILE A N     1 
ATOM   284  C CA    . ILE A 1 74  ? 1.183   -6.728  5.866   1.00 25.66 ? 41  ILE A CA    1 
ATOM   285  C C     . ILE A 1 74  ? 0.824   -6.607  4.396   1.00 25.92 ? 41  ILE A C     1 
ATOM   286  O O     . ILE A 1 74  ? 1.470   -5.867  3.654   1.00 22.72 ? 41  ILE A O     1 
ATOM   287  C CB    . ILE A 1 74  ? 0.511   -5.601  6.676   1.00 26.27 ? 41  ILE A CB    1 
ATOM   288  C CG1   . ILE A 1 74  ? 0.825   -5.757  8.160   1.00 28.10 ? 41  ILE A CG1   1 
ATOM   289  C CG2   . ILE A 1 74  ? -1.003  -5.615  6.445   1.00 28.51 ? 41  ILE A CG2   1 
ATOM   290  C CD1   . ILE A 1 74  ? 0.518   -4.515  8.993   1.00 30.11 ? 41  ILE A CD1   1 
ATOM   291  N N     . SER A 1 75  ? -0.208  -7.326  3.972   1.00 23.67 ? 42  SER A N     1 
ATOM   292  C CA    . SER A 1 75  ? -0.604  -7.312  2.576   1.00 21.92 ? 42  SER A CA    1 
ATOM   293  C C     . SER A 1 75  ? -2.100  -7.039  2.501   1.00 25.12 ? 42  SER A C     1 
ATOM   294  O O     . SER A 1 75  ? -2.869  -7.603  3.283   1.00 24.04 ? 42  SER A O     1 
ATOM   295  C CB    . SER A 1 75  ? -0.253  -8.668  1.905   1.00 28.95 ? 42  SER A CB    1 
ATOM   296  O OG    . SER A 1 75  ? -0.901  -8.778  0.656   1.00 34.41 ? 42  SER A OG    1 
ATOM   297  N N     . PHE A 1 76  ? -2.508  -6.144  1.587   1.00 23.28 ? 43  PHE A N     1 
ATOM   298  C CA    . PHE A 1 76  ? -3.926  -5.887  1.414   1.00 22.24 ? 43  PHE A CA    1 
ATOM   299  C C     . PHE A 1 76  ? -4.369  -6.312  0.018   1.00 21.43 ? 43  PHE A C     1 
ATOM   300  O O     . PHE A 1 76  ? -3.654  -6.068  -0.957  1.00 23.98 ? 43  PHE A O     1 
ATOM   301  C CB    . PHE A 1 76  ? -4.274  -4.396  1.642   1.00 25.30 ? 43  PHE A CB    1 
ATOM   302  C CG    . PHE A 1 76  ? -4.290  -3.986  3.102   1.00 21.15 ? 43  PHE A CG    1 
ATOM   303  C CD1   . PHE A 1 76  ? -5.300  -4.407  3.954   1.00 22.12 ? 43  PHE A CD1   1 
ATOM   304  C CD2   . PHE A 1 76  ? -3.292  -3.169  3.617   1.00 20.17 ? 43  PHE A CD2   1 
ATOM   305  C CE1   . PHE A 1 76  ? -5.296  -4.033  5.316   1.00 20.00 ? 43  PHE A CE1   1 
ATOM   306  C CE2   . PHE A 1 76  ? -3.290  -2.790  4.955   1.00 17.90 ? 43  PHE A CE2   1 
ATOM   307  C CZ    . PHE A 1 76  ? -4.295  -3.222  5.803   1.00 21.14 ? 43  PHE A CZ    1 
ATOM   308  N N     . PRO A 1 77  ? -5.557  -6.924  -0.117  1.00 23.58 ? 44  PRO A N     1 
ATOM   309  C CA    . PRO A 1 77  ? -6.539  -7.177  0.944   1.00 23.89 ? 44  PRO A CA    1 
ATOM   310  C C     . PRO A 1 77  ? -6.067  -8.196  1.973   1.00 27.39 ? 44  PRO A C     1 
ATOM   311  O O     . PRO A 1 77  ? -5.287  -9.089  1.643   1.00 27.38 ? 44  PRO A O     1 
ATOM   312  C CB    . PRO A 1 77  ? -7.746  -7.726  0.178   1.00 24.36 ? 44  PRO A CB    1 
ATOM   313  C CG    . PRO A 1 77  ? -7.161  -8.302  -1.065  1.00 25.52 ? 44  PRO A CG    1 
ATOM   314  C CD    . PRO A 1 77  ? -6.041  -7.376  -1.434  1.00 24.07 ? 44  PRO A CD    1 
ATOM   315  N N     . ASP A 1 78  ? -6.526  -8.047  3.209   1.00 23.45 ? 45  ASP A N     1 
ATOM   316  C CA    . ASP A 1 78  ? -6.178  -8.966  4.290   1.00 26.23 ? 45  ASP A CA    1 
ATOM   317  C C     . ASP A 1 78  ? -7.192  -10.097 4.210   1.00 27.08 ? 45  ASP A C     1 
ATOM   318  O O     . ASP A 1 78  ? -8.337  -9.954  4.639   1.00 26.33 ? 45  ASP A O     1 
ATOM   319  C CB    . ASP A 1 78  ? -6.180  -8.252  5.642   1.00 26.24 ? 45  ASP A CB    1 
ATOM   320  C CG    . ASP A 1 78  ? -6.372  -9.197  6.820   1.00 32.67 ? 45  ASP A CG    1 
ATOM   321  O OD1   . ASP A 1 78  ? -5.862  -10.343 6.768   1.00 33.20 ? 45  ASP A OD1   1 
ATOM   322  O OD2   . ASP A 1 78  ? -7.034  -8.785  7.805   1.00 29.15 ? 45  ASP A OD2   1 
ATOM   323  N N     . ARG A 1 79  ? -6.774  -11.219 3.631   1.00 28.48 ? 46  ARG A N     1 
ATOM   324  C CA    . ARG A 1 79  ? -7.684  -12.323 3.371   1.00 29.84 ? 46  ARG A CA    1 
ATOM   325  C C     . ARG A 1 79  ? -7.945  -13.189 4.591   1.00 30.97 ? 46  ARG A C     1 
ATOM   326  O O     . ARG A 1 79  ? -8.697  -14.164 4.491   1.00 33.83 ? 46  ARG A O     1 
ATOM   327  C CB    . ARG A 1 79  ? -7.137  -13.183 2.222   1.00 28.82 ? 46  ARG A CB    1 
ATOM   328  C CG    . ARG A 1 79  ? -7.004  -12.451 0.890   1.00 34.96 ? 46  ARG A CG    1 
ATOM   329  C CD    . ARG A 1 79  ? -6.630  -13.424 -0.224  1.00 37.26 ? 46  ARG A CD    1 
ATOM   330  N NE    . ARG A 1 79  ? -6.516  -12.811 -1.545  1.00 39.63 ? 46  ARG A NE    1 
ATOM   331  C CZ    . ARG A 1 79  ? -5.510  -12.034 -1.937  1.00 40.46 ? 46  ARG A CZ    1 
ATOM   332  N NH1   . ARG A 1 79  ? -4.516  -11.750 -1.104  1.00 43.25 ? 46  ARG A NH1   1 
ATOM   333  N NH2   . ARG A 1 79  ? -5.496  -11.540 -3.167  1.00 39.61 ? 46  ARG A NH2   1 
ATOM   334  N N     . SER A 1 80  ? -7.377  -12.873 5.742   1.00 32.39 ? 47  SER A N     1 
ATOM   335  C CA    . SER A 1 80  ? -7.540  -13.764 6.884   1.00 31.08 ? 47  SER A CA    1 
ATOM   336  C C     . SER A 1 80  ? -8.810  -13.509 7.682   1.00 35.79 ? 47  SER A C     1 
ATOM   337  O O     . SER A 1 80  ? -9.232  -14.390 8.444   1.00 35.43 ? 47  SER A O     1 
ATOM   338  C CB    . SER A 1 80  ? -6.328  -13.654 7.811   1.00 32.08 ? 47  SER A CB    1 
ATOM   339  O OG    . SER A 1 80  ? -6.264  -12.374 8.405   1.00 32.01 ? 47  SER A OG    1 
ATOM   340  N N     . SER A 1 81  ? -9.430  -12.341 7.540   1.00 30.72 ? 48  SER A N     1 
ATOM   341  C CA    . SER A 1 81  ? -10.658 -12.043 8.260   1.00 29.66 ? 48  SER A CA    1 
ATOM   342  C C     . SER A 1 81  ? -11.868 -12.637 7.539   1.00 25.31 ? 48  SER A C     1 
ATOM   343  O O     . SER A 1 81  ? -11.783 -13.093 6.403   1.00 26.06 ? 48  SER A O     1 
ATOM   344  C CB    . SER A 1 81  ? -10.844 -10.533 8.390   1.00 26.54 ? 48  SER A CB    1 
ATOM   345  O OG    . SER A 1 81  ? -11.070 -9.984  7.100   1.00 23.17 ? 48  SER A OG    1 
ATOM   346  N N     . ASP A 1 82  ? -13.017 -12.610 8.215   1.00 27.17 ? 49  ASP A N     1 
ATOM   347  C CA    . ASP A 1 82  ? -14.256 -13.043 7.574   1.00 29.75 ? 49  ASP A CA    1 
ATOM   348  C C     . ASP A 1 82  ? -14.540 -12.215 6.325   1.00 24.89 ? 49  ASP A C     1 
ATOM   349  O O     . ASP A 1 82  ? -14.833 -12.761 5.260   1.00 24.98 ? 49  ASP A O     1 
ATOM   350  C CB    . ASP A 1 82  ? -15.426 -12.957 8.563   1.00 26.10 ? 49  ASP A CB    1 
ATOM   351  C CG    . ASP A 1 82  ? -15.319 -13.991 9.683   1.00 32.39 ? 49  ASP A CG    1 
ATOM   352  O OD1   . ASP A 1 82  ? -14.851 -15.105 9.400   1.00 36.76 ? 49  ASP A OD1   1 
ATOM   353  O OD2   . ASP A 1 82  ? -15.687 -13.691 10.835  1.00 30.77 ? 49  ASP A OD2   1 
ATOM   354  N N     . LEU A 1 83  ? -14.433 -10.888 6.435   1.00 27.67 ? 50  LEU A N     1 
ATOM   355  C CA    . LEU A 1 83  ? -14.619 -10.043 5.263   1.00 21.06 ? 50  LEU A CA    1 
ATOM   356  C C     . LEU A 1 83  ? -13.539 -10.310 4.222   1.00 21.54 ? 50  LEU A C     1 
ATOM   357  O O     . LEU A 1 83  ? -13.801 -10.278 3.015   1.00 23.62 ? 50  LEU A O     1 
ATOM   358  C CB    . LEU A 1 83  ? -14.621 -8.562  5.684   1.00 22.54 ? 50  LEU A CB    1 
ATOM   359  C CG    . LEU A 1 83  ? -14.903 -7.564  4.557   1.00 23.09 ? 50  LEU A CG    1 
ATOM   360  C CD1   . LEU A 1 83  ? -16.265 -7.868  3.976   1.00 22.27 ? 50  LEU A CD1   1 
ATOM   361  C CD2   . LEU A 1 83  ? -14.841 -6.085  5.058   1.00 19.25 ? 50  LEU A CD2   1 
ATOM   362  N N     . GLY A 1 84  ? -12.322 -10.613 4.663   1.00 25.02 ? 51  GLY A N     1 
ATOM   363  C CA    . GLY A 1 84  ? -11.269 -10.883 3.703   1.00 23.20 ? 51  GLY A CA    1 
ATOM   364  C C     . GLY A 1 84  ? -11.528 -12.135 2.883   1.00 24.50 ? 51  GLY A C     1 
ATOM   365  O O     . GLY A 1 84  ? -11.120 -12.224 1.724   1.00 25.28 ? 51  GLY A O     1 
ATOM   366  N N     . LYS A 1 85  ? -12.197 -13.116 3.467   1.00 24.97 ? 52  LYS A N     1 
ATOM   367  C CA    . LYS A 1 85  ? -12.527 -14.306 2.690   1.00 26.20 ? 52  LYS A CA    1 
ATOM   368  C C     . LYS A 1 85  ? -13.628 -14.002 1.688   1.00 29.87 ? 52  LYS A C     1 
ATOM   369  O O     . LYS A 1 85  ? -13.619 -14.528 0.568   1.00 31.61 ? 52  LYS A O     1 
ATOM   370  C CB    . LYS A 1 85  ? -12.913 -15.442 3.634   1.00 28.99 ? 52  LYS A CB    1 
ATOM   371  C CG    . LYS A 1 85  ? -11.714 -15.975 4.428   1.00 31.87 ? 52  LYS A CG    1 
ATOM   372  C CD    . LYS A 1 85  ? -12.114 -16.600 5.753   1.00 33.45 ? 52  LYS A CD    1 
ATOM   373  C CE    . LYS A 1 85  ? -10.977 -17.435 6.355   1.00 37.85 ? 52  LYS A CE    1 
ATOM   374  N NZ    . LYS A 1 85  ? -10.521 -16.911 7.684   1.00 42.53 ? 52  LYS A NZ    1 
ATOM   375  N N     . PHE A 1 86  ? -14.560 -13.128 2.061   1.00 28.07 ? 53  PHE A N     1 
ATOM   376  C CA    . PHE A 1 86  ? -15.517 -12.609 1.095   1.00 27.89 ? 53  PHE A CA    1 
ATOM   377  C C     . PHE A 1 86  ? -14.795 -11.897 -0.047  1.00 27.67 ? 53  PHE A C     1 
ATOM   378  O O     . PHE A 1 86  ? -15.050 -12.174 -1.224  1.00 26.96 ? 53  PHE A O     1 
ATOM   379  C CB    . PHE A 1 86  ? -16.517 -11.693 1.818   1.00 26.34 ? 53  PHE A CB    1 
ATOM   380  C CG    . PHE A 1 86  ? -17.560 -11.110 0.916   1.00 28.47 ? 53  PHE A CG    1 
ATOM   381  C CD1   . PHE A 1 86  ? -18.729 -11.798 0.656   1.00 28.62 ? 53  PHE A CD1   1 
ATOM   382  C CD2   . PHE A 1 86  ? -17.370 -9.865  0.331   1.00 24.61 ? 53  PHE A CD2   1 
ATOM   383  C CE1   . PHE A 1 86  ? -19.696 -11.263 -0.195  1.00 29.50 ? 53  PHE A CE1   1 
ATOM   384  C CE2   . PHE A 1 86  ? -18.332 -9.322  -0.517  1.00 28.62 ? 53  PHE A CE2   1 
ATOM   385  C CZ    . PHE A 1 86  ? -19.498 -10.023 -0.775  1.00 28.03 ? 53  PHE A CZ    1 
ATOM   386  N N     . ILE A 1 87  ? -13.835 -11.021 0.281   1.00 25.49 ? 54  ILE A N     1 
ATOM   387  C CA    . ILE A 1 87  ? -13.073 -10.336 -0.762  1.00 23.48 ? 54  ILE A CA    1 
ATOM   388  C C     . ILE A 1 87  ? -12.342 -11.343 -1.651  1.00 26.39 ? 54  ILE A C     1 
ATOM   389  O O     . ILE A 1 87  ? -12.266 -11.175 -2.875  1.00 24.34 ? 54  ILE A O     1 
ATOM   390  C CB    . ILE A 1 87  ? -12.093 -9.324  -0.131  1.00 23.99 ? 54  ILE A CB    1 
ATOM   391  C CG1   . ILE A 1 87  ? -12.867 -8.111  0.402   1.00 22.91 ? 54  ILE A CG1   1 
ATOM   392  C CG2   . ILE A 1 87  ? -11.047 -8.890  -1.155  1.00 24.24 ? 54  ILE A CG2   1 
ATOM   393  C CD1   . ILE A 1 87  ? -12.023 -7.150  1.252   1.00 23.40 ? 54  ILE A CD1   1 
ATOM   394  N N     . ASP A 1 88  ? -11.758 -12.384 -1.050  1.00 24.18 ? 55  ASP A N     1 
ATOM   395  C CA    . ASP A 1 88  ? -11.114 -13.418 -1.855  1.00 31.59 ? 55  ASP A CA    1 
ATOM   396  C C     . ASP A 1 88  ? -12.116 -14.044 -2.822  1.00 29.30 ? 55  ASP A C     1 
ATOM   397  O O     . ASP A 1 88  ? -11.834 -14.187 -4.016  1.00 31.80 ? 55  ASP A O     1 
ATOM   398  C CB    . ASP A 1 88  ? -10.488 -14.474 -0.945  1.00 29.94 ? 55  ASP A CB    1 
ATOM   399  C CG    . ASP A 1 88  ? -9.632  -15.472 -1.705  1.00 38.68 ? 55  ASP A CG    1 
ATOM   400  O OD1   . ASP A 1 88  ? -8.571  -15.084 -2.254  1.00 39.44 ? 55  ASP A OD1   1 
ATOM   401  O OD2   . ASP A 1 88  ? -10.028 -16.652 -1.740  1.00 36.97 ? 55  ASP A OD2   1 
ATOM   402  N N     . ARG A 1 89  ? -13.301 -14.357 -2.337  1.00 31.15 ? 56  ARG A N     1 
ATOM   403  C CA    . ARG A 1 89  ? -14.362 -14.882 -3.223  1.00 34.52 ? 56  ARG A CA    1 
ATOM   404  C C     . ARG A 1 89  ? -14.608 -13.861 -4.328  1.00 33.36 ? 56  ARG A C     1 
ATOM   405  O O     . ARG A 1 89  ? -14.655 -14.240 -5.454  1.00 34.02 ? 56  ARG A O     1 
ATOM   406  C CB    . ARG A 1 89  ? -15.611 -15.185 -2.409  1.00 33.62 ? 56  ARG A CB    1 
ATOM   407  C CG    . ARG A 1 89  ? -15.486 -16.428 -1.555  1.00 36.01 ? 56  ARG A CG    1 
ATOM   408  C CD    . ARG A 1 89  ? -16.812 -17.012 -1.130  1.00 37.01 ? 56  ARG A CD    1 
ATOM   409  N NE    . ARG A 1 89  ? -17.539 -16.258 -0.144  1.00 41.39 ? 56  ARG A NE    1 
ATOM   410  C CZ    . ARG A 1 89  ? -18.881 -16.178 -0.110  1.00 43.27 ? 56  ARG A CZ    1 
ATOM   411  N NH1   . ARG A 1 89  ? -19.477 -15.445 0.810   1.00 37.06 ? 56  ARG A NH1   1 
ATOM   412  N NH2   . ARG A 1 89  ? -19.614 -16.892 -0.960  1.00 44.51 ? 56  ARG A NH2   1 
ATOM   413  N N     . TYR A 1 90  ? -14.685 -12.585 -3.987  1.00 30.72 ? 57  TYR A N     1 
ATOM   414  C CA    . TYR A 1 90  ? -14.896 -11.545 -5.016  1.00 29.94 ? 57  TYR A CA    1 
ATOM   415  C C     . TYR A 1 90  ? -13.808 -11.621 -6.074  1.00 30.22 ? 57  TYR A C     1 
ATOM   416  O O     . TYR A 1 90  ? -14.140 -11.575 -7.214  1.00 31.53 ? 57  TYR A O     1 
ATOM   417  C CB    . TYR A 1 90  ? -14.920 -10.152 -4.396  1.00 25.98 ? 57  TYR A CB    1 
ATOM   418  C CG    . TYR A 1 90  ? -14.895 -9.011  -5.367  1.00 28.37 ? 57  TYR A CG    1 
ATOM   419  C CD1   . TYR A 1 90  ? -15.955 -8.749  -6.211  1.00 29.00 ? 57  TYR A CD1   1 
ATOM   420  C CD2   . TYR A 1 90  ? -13.822 -8.174  -5.447  1.00 25.31 ? 57  TYR A CD2   1 
ATOM   421  C CE1   . TYR A 1 90  ? -15.937 -7.700  -7.102  1.00 25.43 ? 57  TYR A CE1   1 
ATOM   422  C CE2   . TYR A 1 90  ? -13.779 -7.128  -6.339  1.00 25.28 ? 57  TYR A CE2   1 
ATOM   423  C CZ    . TYR A 1 90  ? -14.848 -6.874  -7.163  1.00 28.47 ? 57  TYR A CZ    1 
ATOM   424  O OH    . TYR A 1 90  ? -14.827 -5.837  -8.015  1.00 31.40 ? 57  TYR A OH    1 
ATOM   425  N N     . LEU A 1 91  ? -12.552 -11.686 -5.664  1.00 27.90 ? 58  LEU A N     1 
ATOM   426  C CA    . LEU A 1 91  ? -11.449 -11.678 -6.620  1.00 30.00 ? 58  LEU A CA    1 
ATOM   427  C C     . LEU A 1 91  ? -11.435 -12.942 -7.470  1.00 32.76 ? 58  LEU A C     1 
ATOM   428  O O     . LEU A 1 91  ? -10.961 -12.917 -8.612  1.00 36.33 ? 58  LEU A O     1 
ATOM   429  C CB    . LEU A 1 91  ? -10.115 -11.499 -5.883  1.00 28.74 ? 58  LEU A CB    1 
ATOM   430  C CG    . LEU A 1 91  ? -9.926  -10.107 -5.270  1.00 23.71 ? 58  LEU A CG    1 
ATOM   431  C CD1   . LEU A 1 91  ? -8.714  -10.069 -4.301  1.00 30.58 ? 58  LEU A CD1   1 
ATOM   432  C CD2   . LEU A 1 91  ? -9.755  -9.081  -6.359  1.00 29.43 ? 58  LEU A CD2   1 
ATOM   433  N N     . LYS A 1 92  ? -11.965 -14.037 -6.941  1.00 32.60 ? 59  LYS A N     1 
ATOM   434  C CA    . LYS A 1 92  ? -12.094 -15.279 -7.697  1.00 35.68 ? 59  LYS A CA    1 
ATOM   435  C C     . LYS A 1 92  ? -13.331 -15.299 -8.584  1.00 39.02 ? 59  LYS A C     1 
ATOM   436  O O     . LYS A 1 92  ? -13.616 -16.339 -9.199  1.00 37.48 ? 59  LYS A O     1 
ATOM   437  C CB    . LYS A 1 92  ? -12.127 -16.466 -6.735  1.00 35.82 ? 59  LYS A CB    1 
ATOM   438  C CG    . LYS A 1 92  ? -10.777 -16.774 -6.093  1.00 41.28 ? 59  LYS A CG    1 
ATOM   439  C CD    . LYS A 1 92  ? -10.917 -17.713 -4.897  1.00 40.43 ? 59  LYS A CD    1 
ATOM   440  C CE    . LYS A 1 92  ? -9.555  -18.218 -4.450  1.00 39.35 ? 59  LYS A CE    1 
ATOM   441  N NZ    . LYS A 1 92  ? -9.519  -18.554 -3.003  1.00 41.00 ? 59  LYS A NZ    1 
ATOM   442  N N     . LYS A 1 93  ? -14.066 -14.181 -8.649  1.00 35.60 ? 60  LYS A N     1 
ATOM   443  C CA    . LYS A 1 93  ? -15.258 -14.026 -9.478  1.00 37.46 ? 60  LYS A CA    1 
ATOM   444  C C     . LYS A 1 93  ? -16.382 -14.960 -9.040  1.00 38.69 ? 60  LYS A C     1 
ATOM   445  O O     . LYS A 1 93  ? -17.215 -15.364 -9.854  1.00 43.84 ? 60  LYS A O     1 
ATOM   446  C CB    . LYS A 1 93  ? -14.929 -14.218 -10.964 1.00 39.35 ? 60  LYS A CB    1 
ATOM   447  C CG    . LYS A 1 93  ? -13.850 -13.251 -11.462 1.00 40.27 ? 60  LYS A CG    1 
ATOM   448  C CD    . LYS A 1 93  ? -13.492 -13.450 -12.925 1.00 45.32 ? 60  LYS A CD    1 
ATOM   449  C CE    . LYS A 1 93  ? -12.315 -14.415 -13.081 1.00 46.63 ? 60  LYS A CE    1 
ATOM   450  N NZ    . LYS A 1 93  ? -11.023 -13.814 -12.632 1.00 51.72 ? 60  LYS A NZ    1 
ATOM   451  N N     . GLU A 1 94  ? -16.415 -15.295 -7.747  1.00 35.36 ? 61  GLU A N     1 
ATOM   452  C CA    . GLU A 1 94  ? -17.462 -16.114 -7.152  1.00 32.44 ? 61  GLU A CA    1 
ATOM   453  C C     . GLU A 1 94  ? -18.567 -15.302 -6.495  1.00 37.05 ? 61  GLU A C     1 
ATOM   454  O O     . GLU A 1 94  ? -19.646 -15.848 -6.259  1.00 34.83 ? 61  GLU A O     1 
ATOM   455  C CB    . GLU A 1 94  ? -16.882 -17.058 -6.091  1.00 39.51 ? 61  GLU A CB    1 
ATOM   456  C CG    . GLU A 1 94  ? -15.868 -18.058 -6.612  1.00 37.17 ? 61  GLU A CG    1 
ATOM   457  C CD    . GLU A 1 94  ? -15.236 -18.879 -5.500  1.00 40.44 ? 61  GLU A CD    1 
ATOM   458  O OE1   . GLU A 1 94  ? -15.754 -18.874 -4.359  1.00 44.97 ? 61  GLU A OE1   1 
ATOM   459  O OE2   . GLU A 1 94  ? -14.217 -19.540 -5.773  1.00 49.31 ? 61  GLU A OE2   1 
ATOM   460  N N     . VAL A 1 95  ? -18.322 -14.027 -6.227  1.00 35.59 ? 62  VAL A N     1 
ATOM   461  C CA    . VAL A 1 95  ? -19.353 -13.100 -5.688  1.00 34.95 ? 62  VAL A CA    1 
ATOM   462  C C     . VAL A 1 95  ? -19.209 -11.787 -6.435  1.00 34.19 ? 62  VAL A C     1 
ATOM   463  O O     . VAL A 1 95  ? -18.145 -11.519 -6.944  1.00 32.21 ? 62  VAL A O     1 
ATOM   464  C CB    . VAL A 1 95  ? -19.313 -12.855 -4.183  1.00 34.59 ? 62  VAL A CB    1 
ATOM   465  C CG1   . VAL A 1 95  ? -19.685 -14.068 -3.389  1.00 37.59 ? 62  VAL A CG1   1 
ATOM   466  C CG2   . VAL A 1 95  ? -18.000 -12.261 -3.742  1.00 33.67 ? 62  VAL A CG2   1 
ATOM   467  N N     . GLU A 1 96  ? -20.281 -11.027 -6.481  1.00 31.53 ? 63  GLU A N     1 
ATOM   468  C CA    . GLU A 1 96  ? -20.248 -9.773  -7.247  1.00 31.51 ? 63  GLU A CA    1 
ATOM   469  C C     . GLU A 1 96  ? -20.481 -8.566  -6.354  1.00 26.51 ? 63  GLU A C     1 
ATOM   470  O O     . GLU A 1 96  ? -21.140 -8.699  -5.413  1.00 26.57 ? 63  GLU A O     1 
ATOM   471  C CB    . GLU A 1 96  ? -21.314 -9.812  -8.322  1.00 36.54 ? 63  GLU A CB    1 
ATOM   472  C CG    . GLU A 1 96  ? -21.237 -11.073 -9.108  1.00 38.40 ? 63  GLU A CG    1 
ATOM   473  C CD    . GLU A 1 96  ? -20.748 -10.859 -10.512 1.00 49.38 ? 63  GLU A CD    1 
ATOM   474  O OE1   . GLU A 1 96  ? -21.573 -11.041 -11.421 1.00 55.11 ? 63  GLU A OE1   1 
ATOM   475  O OE2   . GLU A 1 96  ? -19.567 -10.511 -10.700 1.00 51.04 ? 63  GLU A OE2   1 
ATOM   476  N N     . MET A 1 97  ? -19.888 -7.462  -6.749  1.00 29.39 ? 64  MET A N     1 
ATOM   477  C CA    . MET A 1 97  ? -19.982 -6.166  -6.055  1.00 29.67 ? 64  MET A CA    1 
ATOM   478  C C     . MET A 1 97  ? -19.887 -5.036  -7.079  1.00 27.80 ? 64  MET A C     1 
ATOM   479  O O     . MET A 1 97  ? -19.107 -5.097  -7.953  1.00 30.63 ? 64  MET A O     1 
ATOM   480  C CB    . MET A 1 97  ? -18.864 -6.005  -5.024  1.00 27.11 ? 64  MET A CB    1 
ATOM   481  C CG    . MET A 1 97  ? -19.117 -6.628  -3.706  1.00 23.69 ? 64  MET A CG    1 
ATOM   482  S SD    . MET A 1 97  ? -17.990 -6.105  -2.423  1.00 24.24 ? 64  MET A SD    1 
ATOM   483  C CE    . MET A 1 97  ? -16.415 -6.653  -3.031  1.00 23.91 ? 64  MET A CE    1 
ATOM   484  N N     . ASP A 1 98  ? -20.707 -4.027  -6.911  1.00 26.80 ? 65  ASP A N     1 
ATOM   485  C CA    . ASP A 1 98  ? -20.672 -2.867  -7.816  1.00 28.61 ? 65  ASP A CA    1 
ATOM   486  C C     . ASP A 1 98  ? -19.437 -2.024  -7.470  1.00 27.52 ? 65  ASP A C     1 
ATOM   487  O O     . ASP A 1 98  ? -18.884 -2.228  -6.431  1.00 26.47 ? 65  ASP A O     1 
ATOM   488  C CB    . ASP A 1 98  ? -22.048 -2.213  -7.798  1.00 30.06 ? 65  ASP A CB    1 
ATOM   489  C CG    . ASP A 1 98  ? -22.152 -0.809  -7.248  1.00 34.56 ? 65  ASP A CG    1 
ATOM   490  O OD1   . ASP A 1 98  ? -21.535 -0.516  -6.260  1.00 32.43 ? 65  ASP A OD1   1 
ATOM   491  O OD2   . ASP A 1 98  ? -22.897 -0.032  -7.830  1.00 43.13 ? 65  ASP A OD2   1 
ATOM   492  N N     . PRO A 1 99  ? -19.052 -1.103  -8.334  1.00 25.67 ? 66  PRO A N     1 
ATOM   493  C CA    . PRO A 1 99  ? -17.863 -0.290  -8.026  1.00 25.25 ? 66  PRO A CA    1 
ATOM   494  C C     . PRO A 1 99  ? -17.814 0.419   -6.665  1.00 23.34 ? 66  PRO A C     1 
ATOM   495  O O     . PRO A 1 99  ? -16.901 0.303   -5.983  1.00 22.75 ? 66  PRO A O     1 
ATOM   496  C CB    . PRO A 1 99  ? -17.696 0.706   -9.178  1.00 23.70 ? 66  PRO A CB    1 
ATOM   497  C CG    . PRO A 1 99  ? -18.156 -0.064  -10.327 1.00 29.61 ? 66  PRO A CG    1 
ATOM   498  C CD    . PRO A 1 99  ? -19.397 -0.690  -9.768  1.00 30.85 ? 66  PRO A CD    1 
ATOM   499  N N     . LYS A 1 100 ? -18.847 1.151   -6.334  1.00 22.56 ? 67  LYS A N     1 
ATOM   500  C CA    . LYS A 1 100 ? -18.852 1.869   -5.058  1.00 21.95 ? 67  LYS A CA    1 
ATOM   501  C C     . LYS A 1 100 ? -18.918 0.905   -3.890  1.00 23.12 ? 67  LYS A C     1 
ATOM   502  O O     . LYS A 1 100 ? -18.288 1.134   -2.851  1.00 20.78 ? 67  LYS A O     1 
ATOM   503  C CB    . LYS A 1 100 ? -20.026 2.849   -4.994  1.00 24.02 ? 67  LYS A CB    1 
ATOM   504  C CG    . LYS A 1 100 ? -19.880 4.043   -5.933  1.00 24.20 ? 67  LYS A CG    1 
ATOM   505  C CD    . LYS A 1 100 ? -20.917 5.121   -5.619  1.00 25.62 ? 67  LYS A CD    1 
ATOM   506  C CE    . LYS A 1 100 ? -20.715 6.304   -6.562  1.00 26.71 ? 67  LYS A CE    1 
ATOM   507  N NZ    . LYS A 1 100 ? -21.586 7.461   -6.242  1.00 26.18 ? 67  LYS A NZ    1 
ATOM   508  N N     . GLU A 1 101 ? -19.731 -0.146  -4.031  1.00 20.85 ? 68  GLU A N     1 
ATOM   509  C CA    . GLU A 1 101 ? -19.802 -1.212  -3.035  1.00 21.03 ? 68  GLU A CA    1 
ATOM   510  C C     . GLU A 1 101 ? -18.430 -1.811  -2.782  1.00 21.89 ? 68  GLU A C     1 
ATOM   511  O O     . GLU A 1 101 ? -17.966 -1.878  -1.636  1.00 18.77 ? 68  GLU A O     1 
ATOM   512  C CB    . GLU A 1 101 ? -20.770 -2.290  -3.533  1.00 21.69 ? 68  GLU A CB    1 
ATOM   513  C CG    . GLU A 1 101 ? -21.078 -3.403  -2.567  1.00 20.34 ? 68  GLU A CG    1 
ATOM   514  C CD    . GLU A 1 101 ? -22.034 -4.451  -3.163  1.00 24.00 ? 68  GLU A CD    1 
ATOM   515  O OE1   . GLU A 1 101 ? -22.233 -4.470  -4.394  1.00 22.78 ? 68  GLU A OE1   1 
ATOM   516  O OE2   . GLU A 1 101 ? -22.581 -5.255  -2.392  1.00 24.73 ? 68  GLU A OE2   1 
ATOM   517  N N     . ALA A 1 102 ? -17.761 -2.243  -3.856  1.00 20.18 ? 69  ALA A N     1 
ATOM   518  C CA    . ALA A 1 102 ? -16.449 -2.869  -3.719  1.00 23.26 ? 69  ALA A CA    1 
ATOM   519  C C     . ALA A 1 102 ? -15.444 -1.899  -3.112  1.00 22.09 ? 69  ALA A C     1 
ATOM   520  O O     . ALA A 1 102 ? -14.627 -2.282  -2.259  1.00 21.34 ? 69  ALA A O     1 
ATOM   521  C CB    . ALA A 1 102 ? -15.969 -3.367  -5.079  1.00 22.63 ? 69  ALA A CB    1 
ATOM   522  N N     . HIS A 1 103 ? -15.509 -0.631  -3.519  1.00 19.69 ? 70  HIS A N     1 
ATOM   523  C CA    . HIS A 1 103 ? -14.589 0.354   -2.980  1.00 21.33 ? 70  HIS A CA    1 
ATOM   524  C C     . HIS A 1 103 ? -14.672 0.411   -1.460  1.00 19.64 ? 70  HIS A C     1 
ATOM   525  O O     . HIS A 1 103 ? -13.646 0.371   -0.765  1.00 18.31 ? 70  HIS A O     1 
ATOM   526  C CB    . HIS A 1 103 ? -14.888 1.729   -3.570  1.00 19.61 ? 70  HIS A CB    1 
ATOM   527  C CG    . HIS A 1 103 ? -13.911 2.772   -3.132  1.00 18.41 ? 70  HIS A CG    1 
ATOM   528  N ND1   . HIS A 1 103 ? -12.588 2.746   -3.516  1.00 21.68 ? 70  HIS A ND1   1 
ATOM   529  C CD2   . HIS A 1 103 ? -14.055 3.854   -2.333  1.00 17.57 ? 70  HIS A CD2   1 
ATOM   530  C CE1   . HIS A 1 103 ? -11.957 3.775   -2.972  1.00 19.23 ? 70  HIS A CE1   1 
ATOM   531  N NE2   . HIS A 1 103 ? -12.823 4.458   -2.250  1.00 19.83 ? 70  HIS A NE2   1 
ATOM   532  N N     . LEU A 1 104 ? -15.892 0.552   -0.925  1.00 18.42 ? 71  LEU A N     1 
ATOM   533  C CA    . LEU A 1 104 ? -16.059 0.629   0.519   1.00 17.78 ? 71  LEU A CA    1 
ATOM   534  C C     . LEU A 1 104 ? -15.681 -0.678  1.207   1.00 20.69 ? 71  LEU A C     1 
ATOM   535  O O     . LEU A 1 104 ? -15.181 -0.647  2.337   1.00 18.94 ? 71  LEU A O     1 
ATOM   536  C CB    . LEU A 1 104 ? -17.494 1.012   0.866   1.00 17.79 ? 71  LEU A CB    1 
ATOM   537  C CG    . LEU A 1 104 ? -17.790 2.483   0.546   1.00 23.53 ? 71  LEU A CG    1 
ATOM   538  C CD1   . LEU A 1 104 ? -19.279 2.739   0.607   1.00 24.86 ? 71  LEU A CD1   1 
ATOM   539  C CD2   . LEU A 1 104 ? -17.083 3.325   1.557   1.00 26.14 ? 71  LEU A CD2   1 
ATOM   540  N N     . VAL A 1 105 ? -15.910 -1.825  0.553   1.00 16.25 ? 72  VAL A N     1 
ATOM   541  C CA    . VAL A 1 105 ? -15.573 -3.105  1.186   1.00 20.50 ? 72  VAL A CA    1 
ATOM   542  C C     . VAL A 1 105 ? -14.061 -3.266  1.306   1.00 16.03 ? 72  VAL A C     1 
ATOM   543  O O     . VAL A 1 105 ? -13.547 -3.651  2.365   1.00 17.32 ? 72  VAL A O     1 
ATOM   544  C CB    . VAL A 1 105 ? -16.227 -4.273  0.424   1.00 19.24 ? 72  VAL A CB    1 
ATOM   545  C CG1   . VAL A 1 105 ? -15.579 -5.646  0.809   1.00 18.37 ? 72  VAL A CG1   1 
ATOM   546  C CG2   . VAL A 1 105 ? -17.752 -4.266  0.691   1.00 20.61 ? 72  VAL A CG2   1 
ATOM   547  N N     . PHE A 1 106 ? -13.313 -2.935  0.251   1.00 18.32 ? 73  PHE A N     1 
ATOM   548  C CA    . PHE A 1 106 ? -11.851 -3.000  0.362   1.00 20.61 ? 73  PHE A CA    1 
ATOM   549  C C     . PHE A 1 106 ? -11.350 -2.015  1.408   1.00 19.35 ? 73  PHE A C     1 
ATOM   550  O O     . PHE A 1 106 ? -10.378 -2.288  2.130   1.00 17.41 ? 73  PHE A O     1 
ATOM   551  C CB    . PHE A 1 106 ? -11.192 -2.704  -0.987  1.00 17.48 ? 73  PHE A CB    1 
ATOM   552  C CG    . PHE A 1 106 ? -11.040 -3.902  -1.879  1.00 25.17 ? 73  PHE A CG    1 
ATOM   553  C CD1   . PHE A 1 106 ? -9.990  -4.783  -1.706  1.00 21.08 ? 73  PHE A CD1   1 
ATOM   554  C CD2   . PHE A 1 106 ? -11.923 -4.118  -2.919  1.00 23.00 ? 73  PHE A CD2   1 
ATOM   555  C CE1   . PHE A 1 106 ? -9.819  -5.886  -2.549  1.00 23.98 ? 73  PHE A CE1   1 
ATOM   556  C CE2   . PHE A 1 106 ? -11.767 -5.221  -3.771  1.00 26.61 ? 73  PHE A CE2   1 
ATOM   557  C CZ    . PHE A 1 106 ? -10.723 -6.104  -3.578  1.00 26.19 ? 73  PHE A CZ    1 
ATOM   558  N N     . ALA A 1 107 ? -12.017 -0.861  1.523   1.00 17.84 ? 74  ALA A N     1 
ATOM   559  C CA    . ALA A 1 107 ? -11.618 0.125   2.524   1.00 17.12 ? 74  ALA A CA    1 
ATOM   560  C C     . ALA A 1 107 ? -11.894 -0.364  3.944   1.00 18.18 ? 74  ALA A C     1 
ATOM   561  O O     . ALA A 1 107 ? -11.071 -0.164  4.843   1.00 19.14 ? 74  ALA A O     1 
ATOM   562  C CB    . ALA A 1 107 ? -12.338 1.451   2.248   1.00 18.81 ? 74  ALA A CB    1 
ATOM   563  N N     . ALA A 1 108 ? -13.048 -1.018  4.160   1.00 16.85 ? 75  ALA A N     1 
ATOM   564  C CA    . ALA A 1 108 ? -13.373 -1.594  5.463   1.00 18.25 ? 75  ALA A CA    1 
ATOM   565  C C     . ALA A 1 108 ? -12.320 -2.611  5.888   1.00 18.60 ? 75  ALA A C     1 
ATOM   566  O O     . ALA A 1 108 ? -11.973 -2.709  7.071   1.00 18.29 ? 75  ALA A O     1 
ATOM   567  C CB    . ALA A 1 108 ? -14.762 -2.255  5.409   1.00 17.26 ? 75  ALA A CB    1 
ATOM   568  N N     . ASN A 1 109 ? -11.828 -3.391  4.929   1.00 17.91 ? 76  ASN A N     1 
ATOM   569  C CA    . ASN A 1 109 ? -10.777 -4.372  5.187   1.00 19.85 ? 76  ASN A CA    1 
ATOM   570  C C     . ASN A 1 109 ? -9.500  -3.693  5.680   1.00 19.00 ? 76  ASN A C     1 
ATOM   571  O O     . ASN A 1 109 ? -8.806  -4.232  6.553   1.00 19.67 ? 76  ASN A O     1 
ATOM   572  C CB    . ASN A 1 109 ? -10.558 -5.168  3.897   1.00 20.81 ? 76  ASN A CB    1 
ATOM   573  C CG    . ASN A 1 109 ? -9.504  -6.262  4.013   1.00 23.01 ? 76  ASN A CG    1 
ATOM   574  O OD1   . ASN A 1 109 ? -8.427  -6.140  3.430   1.00 22.38 ? 76  ASN A OD1   1 
ATOM   575  N ND2   . ASN A 1 109 ? -9.839  -7.362  4.682   1.00 22.29 ? 76  ASN A ND2   1 
ATOM   576  N N     . ARG A 1 110 ? -9.206  -2.490  5.179   1.00 18.93 ? 77  ARG A N     1 
ATOM   577  C CA    . ARG A 1 110 ? -8.070  -1.722  5.688   1.00 19.68 ? 77  ARG A CA    1 
ATOM   578  C C     . ARG A 1 110 ? -8.380  -1.116  7.051   1.00 19.20 ? 77  ARG A C     1 
ATOM   579  O O     . ARG A 1 110 ? -7.565  -1.216  7.976   1.00 21.57 ? 77  ARG A O     1 
ATOM   580  C CB    . ARG A 1 110 ? -7.670  -0.619  4.708   1.00 20.96 ? 77  ARG A CB    1 
ATOM   581  C CG    . ARG A 1 110 ? -6.874  -1.107  3.498   1.00 20.29 ? 77  ARG A CG    1 
ATOM   582  C CD    . ARG A 1 110 ? -6.464  0.044   2.579   1.00 20.49 ? 77  ARG A CD    1 
ATOM   583  N NE    . ARG A 1 110 ? -7.572  0.643   1.826   1.00 18.10 ? 77  ARG A NE    1 
ATOM   584  C CZ    . ARG A 1 110 ? -8.095  0.158   0.702   1.00 22.27 ? 77  ARG A CZ    1 
ATOM   585  N NH1   . ARG A 1 110 ? -7.669  -0.992  0.183   1.00 18.93 ? 77  ARG A NH1   1 
ATOM   586  N NH2   . ARG A 1 110 ? -9.084  0.813   0.107   1.00 19.66 ? 77  ARG A NH2   1 
ATOM   587  N N     . GLN A 1 111 ? -9.554  -0.473  7.197   1.00 19.33 ? 78  GLN A N     1 
ATOM   588  C CA    . GLN A 1 111 ? -9.886  0.160   8.476   1.00 18.66 ? 78  GLN A CA    1 
ATOM   589  C C     . GLN A 1 111 ? -9.814  -0.827  9.629   1.00 20.19 ? 78  GLN A C     1 
ATOM   590  O O     . GLN A 1 111 ? -9.449  -0.440  10.744  1.00 19.31 ? 78  GLN A O     1 
ATOM   591  C CB    . GLN A 1 111 ? -11.290 0.797   8.432   1.00 20.53 ? 78  GLN A CB    1 
ATOM   592  C CG    . GLN A 1 111 ? -11.457 1.914   7.398   1.00 17.14 ? 78  GLN A CG    1 
ATOM   593  C CD    . GLN A 1 111 ? -11.015 3.290   7.924   1.00 22.90 ? 78  GLN A CD    1 
ATOM   594  O OE1   . GLN A 1 111 ? -10.374 3.388   8.974   1.00 20.75 ? 78  GLN A OE1   1 
ATOM   595  N NE2   . GLN A 1 111 ? -11.331 4.349   7.176   1.00 22.72 ? 78  GLN A NE2   1 
ATOM   596  N N     . ALA A 1 112 ? -10.157 -2.097  9.363   1.00 18.88 ? 79  ALA A N     1 
ATOM   597  C CA    . ALA A 1 112 ? -10.176 -3.160  10.366  1.00 23.31 ? 79  ALA A CA    1 
ATOM   598  C C     . ALA A 1 112 ? -8.819  -3.372  11.012  1.00 20.90 ? 79  ALA A C     1 
ATOM   599  O O     . ALA A 1 112 ? -8.741  -3.733  12.194  1.00 21.42 ? 79  ALA A O     1 
ATOM   600  C CB    . ALA A 1 112 ? -10.631 -4.473  9.721   1.00 22.74 ? 79  ALA A CB    1 
ATOM   601  N N     . LEU A 1 113 ? -7.749  -3.169  10.253  1.00 22.96 ? 80  LEU A N     1 
ATOM   602  C CA    . LEU A 1 113 ? -6.395  -3.440  10.718  1.00 21.71 ? 80  LEU A CA    1 
ATOM   603  C C     . LEU A 1 113 ? -5.709  -2.228  11.307  1.00 20.74 ? 80  LEU A C     1 
ATOM   604  O O     . LEU A 1 113 ? -4.545  -2.334  11.707  1.00 25.43 ? 80  LEU A O     1 
ATOM   605  C CB    . LEU A 1 113 ? -5.537  -3.986  9.571   1.00 21.69 ? 80  LEU A CB    1 
ATOM   606  C CG    . LEU A 1 113 ? -5.804  -5.448  9.213   1.00 30.05 ? 80  LEU A CG    1 
ATOM   607  C CD1   . LEU A 1 113 ? -4.691  -6.003  8.333   1.00 28.30 ? 80  LEU A CD1   1 
ATOM   608  C CD2   . LEU A 1 113 ? -6.004  -6.286  10.459  1.00 27.88 ? 80  LEU A CD2   1 
ATOM   609  N N     . MET A 1 114 ? -6.382  -1.077  11.373  1.00 21.26 ? 81  MET A N     1 
ATOM   610  C CA    . MET A 1 114 ? -5.704  0.121   11.863  1.00 20.28 ? 81  MET A CA    1 
ATOM   611  C C     . MET A 1 114 ? -5.317  0.050   13.344  1.00 22.11 ? 81  MET A C     1 
ATOM   612  O O     . MET A 1 114 ? -4.259  0.572   13.714  1.00 23.63 ? 81  MET A O     1 
ATOM   613  C CB    . MET A 1 114 ? -6.570  1.367   11.631  1.00 24.52 ? 81  MET A CB    1 
ATOM   614  C CG    . MET A 1 114 ? -6.577  1.869   10.178  1.00 17.00 ? 81  MET A CG    1 
ATOM   615  S SD    . MET A 1 114 ? -4.937  2.108   9.473   1.00 23.20 ? 81  MET A SD    1 
ATOM   616  C CE    . MET A 1 114 ? -4.968  0.890   8.127   1.00 20.49 ? 81  MET A CE    1 
ATOM   617  N N     . PRO A 1 115 ? -6.131  -0.519  14.231  1.00 21.86 ? 82  PRO A N     1 
ATOM   618  C CA    . PRO A 1 115 ? -5.677  -0.611  15.637  1.00 22.42 ? 82  PRO A CA    1 
ATOM   619  C C     . PRO A 1 115 ? -4.417  -1.446  15.794  1.00 26.07 ? 82  PRO A C     1 
ATOM   620  O O     . PRO A 1 115 ? -3.487  -1.049  16.508  1.00 28.13 ? 82  PRO A O     1 
ATOM   621  C CB    . PRO A 1 115 ? -6.877  -1.252  16.339  1.00 27.80 ? 82  PRO A CB    1 
ATOM   622  C CG    . PRO A 1 115 ? -8.052  -0.754  15.553  1.00 26.12 ? 82  PRO A CG    1 
ATOM   623  C CD    . PRO A 1 115 ? -7.576  -0.791  14.118  1.00 21.88 ? 82  PRO A CD    1 
ATOM   624  N N     . LEU A 1 116 ? -4.372  -2.606  15.140  1.00 24.90 ? 83  LEU A N     1 
ATOM   625  C CA    . LEU A 1 116 ? -3.164  -3.425  15.146  1.00 25.22 ? 83  LEU A CA    1 
ATOM   626  C C     . LEU A 1 116 ? -1.969  -2.675  14.566  1.00 26.55 ? 83  LEU A C     1 
ATOM   627  O O     . LEU A 1 116 ? -0.868  -2.725  15.124  1.00 24.49 ? 83  LEU A O     1 
ATOM   628  C CB    . LEU A 1 116 ? -3.413  -4.713  14.366  1.00 27.92 ? 83  LEU A CB    1 
ATOM   629  C CG    . LEU A 1 116 ? -2.252  -5.707  14.329  1.00 34.42 ? 83  LEU A CG    1 
ATOM   630  C CD1   . LEU A 1 116 ? -1.627  -5.829  15.710  1.00 33.50 ? 83  LEU A CD1   1 
ATOM   631  C CD2   . LEU A 1 116 ? -2.748  -7.069  13.850  1.00 37.94 ? 83  LEU A CD2   1 
ATOM   632  N N     . MET A 1 117 ? -2.156  -1.996  13.428  1.00 22.11 ? 84  MET A N     1 
ATOM   633  C CA    . MET A 1 117 ? -1.034  -1.317  12.777  1.00 20.76 ? 84  MET A CA    1 
ATOM   634  C C     . MET A 1 117 ? -0.519  -0.161  13.616  1.00 23.34 ? 84  MET A C     1 
ATOM   635  O O     . MET A 1 117 ? 0.695   0.057   13.701  1.00 22.33 ? 84  MET A O     1 
ATOM   636  C CB    . MET A 1 117 ? -1.444  -0.816  11.384  1.00 21.11 ? 84  MET A CB    1 
ATOM   637  C CG    . MET A 1 117 ? -1.518  -1.948  10.353  1.00 20.88 ? 84  MET A CG    1 
ATOM   638  S SD    . MET A 1 117 ? -2.351  -1.479  8.797   1.00 23.30 ? 84  MET A SD    1 
ATOM   639  C CE    . MET A 1 117 ? -1.129  -0.395  8.067   1.00 19.86 ? 84  MET A CE    1 
ATOM   640  N N     . MET A 1 118 ? -1.423  0.604   14.233  1.00 22.59 ? 85  MET A N     1 
ATOM   641  C CA    . MET A 1 118 ? -0.983  1.700   15.089  1.00 23.44 ? 85  MET A CA    1 
ATOM   642  C C     . MET A 1 118 ? -0.245  1.181   16.318  1.00 23.57 ? 85  MET A C     1 
ATOM   643  O O     . MET A 1 118 ? 0.767   1.754   16.727  1.00 29.75 ? 85  MET A O     1 
ATOM   644  C CB    . MET A 1 118 ? -2.185  2.558   15.508  1.00 23.89 ? 85  MET A CB    1 
ATOM   645  C CG    . MET A 1 118 ? -2.705  3.442   14.398  1.00 29.33 ? 85  MET A CG    1 
ATOM   646  S SD    . MET A 1 118 ? -4.046  4.555   14.903  1.00 42.32 ? 85  MET A SD    1 
ATOM   647  C CE    . MET A 1 118 ? -5.313  3.371   15.321  1.00 29.84 ? 85  MET A CE    1 
ATOM   648  N N     . LYS A 1 119 ? -0.734  0.100   16.917  1.00 24.34 ? 86  LYS A N     1 
ATOM   649  C CA    . LYS A 1 119 ? -0.019  -0.489  18.046  1.00 28.95 ? 86  LYS A CA    1 
ATOM   650  C C     . LYS A 1 119 ? 1.392   -0.904  17.647  1.00 28.29 ? 86  LYS A C     1 
ATOM   651  O O     . LYS A 1 119 ? 2.362   -0.621  18.361  1.00 28.93 ? 86  LYS A O     1 
ATOM   652  C CB    . LYS A 1 119 ? -0.796  -1.682  18.595  1.00 33.05 ? 86  LYS A CB    1 
ATOM   653  C CG    . LYS A 1 119 ? -0.166  -2.278  19.852  1.00 40.56 ? 86  LYS A CG    1 
ATOM   654  C CD    . LYS A 1 119 ? -1.144  -3.131  20.640  1.00 44.08 ? 86  LYS A CD    1 
ATOM   655  C CE    . LYS A 1 119 ? -1.171  -2.735  22.129  1.00 54.61 ? 86  LYS A CE    1 
ATOM   656  N NZ    . LYS A 1 119 ? -1.679  -1.344  22.385  1.00 52.31 ? 86  LYS A NZ    1 
ATOM   657  N N     . LYS A 1 120 ? 1.533   -1.554  16.495  1.00 27.21 ? 87  LYS A N     1 
ATOM   658  C CA    . LYS A 1 120 ? 2.849   -2.037  16.074  1.00 26.98 ? 87  LYS A CA    1 
ATOM   659  C C     . LYS A 1 120 ? 3.828   -0.892  15.854  1.00 29.82 ? 87  LYS A C     1 
ATOM   660  O O     . LYS A 1 120 ? 4.968   -0.949  16.329  1.00 29.61 ? 87  LYS A O     1 
ATOM   661  C CB    . LYS A 1 120 ? 2.721   -2.895  14.816  1.00 25.65 ? 87  LYS A CB    1 
ATOM   662  C CG    . LYS A 1 120 ? 2.122   -4.247  15.108  1.00 28.87 ? 87  LYS A CG    1 
ATOM   663  C CD    . LYS A 1 120 ? 2.161   -5.177  13.916  1.00 34.39 ? 87  LYS A CD    1 
ATOM   664  C CE    . LYS A 1 120 ? 1.765   -6.594  14.331  1.00 40.92 ? 87  LYS A CE    1 
ATOM   665  N NZ    . LYS A 1 120 ? 2.651   -7.161  15.404  1.00 36.79 ? 87  LYS A NZ    1 
ATOM   666  N N     . LEU A 1 121 ? 3.416   0.151   15.119  1.00 21.87 ? 88  LEU A N     1 
ATOM   667  C CA    . LEU A 1 121 ? 4.318   1.277   14.874  1.00 22.98 ? 88  LEU A CA    1 
ATOM   668  C C     . LEU A 1 121 ? 4.735   1.947   16.179  1.00 33.76 ? 88  LEU A C     1 
ATOM   669  O O     . LEU A 1 121 ? 5.886   2.378   16.322  1.00 30.24 ? 88  LEU A O     1 
ATOM   670  C CB    . LEU A 1 121 ? 3.663   2.308   13.950  1.00 27.76 ? 88  LEU A CB    1 
ATOM   671  C CG    . LEU A 1 121 ? 3.410   1.807   12.521  1.00 24.73 ? 88  LEU A CG    1 
ATOM   672  C CD1   . LEU A 1 121 ? 2.434   2.734   11.765  1.00 21.74 ? 88  LEU A CD1   1 
ATOM   673  C CD2   . LEU A 1 121 ? 4.715   1.653   11.758  1.00 21.92 ? 88  LEU A CD2   1 
ATOM   674  N N     . LEU A 1 122 ? 3.805   2.048   17.139  1.00 28.56 ? 89  LEU A N     1 
ATOM   675  C CA    . LEU A 1 122 ? 4.085   2.739   18.395  1.00 31.08 ? 89  LEU A CA    1 
ATOM   676  C C     . LEU A 1 122 ? 5.041   1.946   19.265  1.00 32.54 ? 89  LEU A C     1 
ATOM   677  O O     . LEU A 1 122 ? 5.785   2.531   20.061  1.00 37.99 ? 89  LEU A O     1 
ATOM   678  C CB    . LEU A 1 122 ? 2.794   3.010   19.167  1.00 31.12 ? 89  LEU A CB    1 
ATOM   679  C CG    . LEU A 1 122 ? 1.880   3.987   18.434  1.00 31.22 ? 89  LEU A CG    1 
ATOM   680  C CD1   . LEU A 1 122 ? 0.807   4.624   19.305  1.00 34.37 ? 89  LEU A CD1   1 
ATOM   681  C CD2   . LEU A 1 122 ? 2.720   4.996   17.724  1.00 35.62 ? 89  LEU A CD2   1 
ATOM   682  N N     . LYS A 1 123 ? 4.991   0.620   19.164  1.00 31.58 ? 90  LYS A N     1 
ATOM   683  C CA    . LYS A 1 123 ? 5.974   -0.246  19.795  1.00 39.05 ? 90  LYS A CA    1 
ATOM   684  C C     . LYS A 1 123 ? 7.350   -0.151  19.147  1.00 36.76 ? 90  LYS A C     1 
ATOM   685  O O     . LYS A 1 123 ? 8.293   -0.768  19.660  1.00 37.01 ? 90  LYS A O     1 
ATOM   686  C CB    . LYS A 1 123 ? 5.491   -1.697  19.753  1.00 35.43 ? 90  LYS A CB    1 
ATOM   687  C CG    . LYS A 1 123 ? 4.367   -2.025  20.726  1.00 41.87 ? 90  LYS A CG    1 
ATOM   688  C CD    . LYS A 1 123 ? 4.097   -3.524  20.749  1.00 46.37 ? 90  LYS A CD    1 
ATOM   689  C CE    . LYS A 1 123 ? 2.922   -3.869  21.659  1.00 49.20 ? 90  LYS A CE    1 
ATOM   690  N NZ    . LYS A 1 123 ? 2.740   -5.348  21.818  1.00 52.33 ? 90  LYS A NZ    1 
ATOM   691  N N     . GLY A 1 124 ? 7.493   0.594   18.051  1.00 32.00 ? 91  GLY A N     1 
ATOM   692  C CA    . GLY A 1 124 ? 8.743   0.690   17.322  1.00 33.32 ? 91  GLY A CA    1 
ATOM   693  C C     . GLY A 1 124 ? 8.902   -0.296  16.180  1.00 32.91 ? 91  GLY A C     1 
ATOM   694  O O     . GLY A 1 124 ? 9.994   -0.391  15.606  1.00 29.33 ? 91  GLY A O     1 
ATOM   695  N N     . THR A 1 125 ? 7.860   -1.036  15.838  1.00 29.24 ? 92  THR A N     1 
ATOM   696  C CA    . THR A 1 125 ? 7.952   -2.022  14.774  1.00 28.31 ? 92  THR A CA    1 
ATOM   697  C C     . THR A 1 125 ? 7.694   -1.353  13.437  1.00 28.85 ? 92  THR A C     1 
ATOM   698  O O     . THR A 1 125 ? 6.675   -0.686  13.268  1.00 23.08 ? 92  THR A O     1 
ATOM   699  C CB    . THR A 1 125 ? 6.934   -3.139  14.987  1.00 29.44 ? 92  THR A CB    1 
ATOM   700  O OG1   . THR A 1 125 ? 7.156   -3.746  16.262  1.00 34.88 ? 92  THR A OG1   1 
ATOM   701  C CG2   . THR A 1 125 ? 7.029   -4.189  13.858  1.00 29.18 ? 92  THR A CG2   1 
ATOM   702  N N     . HIS A 1 126 ? 8.607   -1.541  12.487  1.00 24.19 ? 93  HIS A N     1 
ATOM   703  C CA    . HIS A 1 126 ? 8.387   -1.038  11.136  1.00 25.24 ? 93  HIS A CA    1 
ATOM   704  C C     . HIS A 1 126 ? 7.317   -1.870  10.431  1.00 22.47 ? 93  HIS A C     1 
ATOM   705  O O     . HIS A 1 126 ? 7.191   -3.070  10.657  1.00 24.50 ? 93  HIS A O     1 
ATOM   706  C CB    . HIS A 1 126 ? 9.687   -1.090  10.329  1.00 24.10 ? 93  HIS A CB    1 
ATOM   707  C CG    . HIS A 1 126 ? 10.825  -0.310  10.924  1.00 28.61 ? 93  HIS A CG    1 
ATOM   708  N ND1   . HIS A 1 126 ? 10.794  1.061   11.067  1.00 26.10 ? 93  HIS A ND1   1 
ATOM   709  C CD2   . HIS A 1 126 ? 12.049  -0.704  11.356  1.00 25.95 ? 93  HIS A CD2   1 
ATOM   710  C CE1   . HIS A 1 126 ? 11.944  1.480   11.571  1.00 30.03 ? 93  HIS A CE1   1 
ATOM   711  N NE2   . HIS A 1 126 ? 12.723  0.428   11.756  1.00 29.08 ? 93  HIS A NE2   1 
ATOM   712  N N     . LEU A 1 127 ? 6.559   -1.235  9.534   1.00 21.26 ? 94  LEU A N     1 
ATOM   713  C CA    . LEU A 1 127 ? 5.546   -1.939  8.750   1.00 21.48 ? 94  LEU A CA    1 
ATOM   714  C C     . LEU A 1 127 ? 5.858   -1.780  7.274   1.00 21.78 ? 94  LEU A C     1 
ATOM   715  O O     . LEU A 1 127 ? 6.012   -0.655  6.787   1.00 20.31 ? 94  LEU A O     1 
ATOM   716  C CB    . LEU A 1 127 ? 4.138   -1.398  9.029   1.00 22.91 ? 94  LEU A CB    1 
ATOM   717  C CG    . LEU A 1 127 ? 3.579   -1.555  10.446  1.00 24.79 ? 94  LEU A CG    1 
ATOM   718  C CD1   . LEU A 1 127 ? 2.175   -0.946  10.531  1.00 25.59 ? 94  LEU A CD1   1 
ATOM   719  C CD2   . LEU A 1 127 ? 3.603   -3.008  10.906  1.00 25.74 ? 94  LEU A CD2   1 
ATOM   720  N N     . VAL A 1 128 ? 5.955   -2.898  6.567   1.00 20.04 ? 95  VAL A N     1 
ATOM   721  C CA    . VAL A 1 128 ? 6.065   -2.887  5.119   1.00 21.57 ? 95  VAL A CA    1 
ATOM   722  C C     . VAL A 1 128 ? 4.748   -3.419  4.584   1.00 18.93 ? 95  VAL A C     1 
ATOM   723  O O     . VAL A 1 128 ? 4.361   -4.548  4.895   1.00 23.34 ? 95  VAL A O     1 
ATOM   724  C CB    . VAL A 1 128 ? 7.249   -3.731  4.623   1.00 23.45 ? 95  VAL A CB    1 
ATOM   725  C CG1   . VAL A 1 128 ? 7.280   -3.733  3.083   1.00 20.24 ? 95  VAL A CG1   1 
ATOM   726  C CG2   . VAL A 1 128 ? 8.551   -3.170  5.206   1.00 20.67 ? 95  VAL A CG2   1 
ATOM   727  N N     . VAL A 1 129 ? 4.058   -2.618  3.786   1.00 23.25 ? 96  VAL A N     1 
ATOM   728  C CA    . VAL A 1 129 ? 2.666   -2.910  3.444   1.00 18.78 ? 96  VAL A CA    1 
ATOM   729  C C     . VAL A 1 129 ? 2.539   -2.971  1.933   1.00 19.81 ? 96  VAL A C     1 
ATOM   730  O O     . VAL A 1 129 ? 2.852   -2.001  1.235   1.00 21.08 ? 96  VAL A O     1 
ATOM   731  C CB    . VAL A 1 129 ? 1.702   -1.887  4.064   1.00 20.58 ? 96  VAL A CB    1 
ATOM   732  C CG1   . VAL A 1 129 ? 0.267   -2.252  3.735   1.00 18.70 ? 96  VAL A CG1   1 
ATOM   733  C CG2   . VAL A 1 129 ? 1.869   -1.888  5.590   1.00 19.64 ? 96  VAL A CG2   1 
ATOM   734  N N     . ASP A 1 130 ? 2.106   -4.125  1.441   1.00 21.25 ? 97  ASP A N     1 
ATOM   735  C CA    . ASP A 1 130 ? 1.952   -4.407  0.017   1.00 23.39 ? 97  ASP A CA    1 
ATOM   736  C C     . ASP A 1 130 ? 0.510   -4.079  -0.363  1.00 20.79 ? 97  ASP A C     1 
ATOM   737  O O     . ASP A 1 130 ? -0.398  -4.837  -0.019  1.00 23.13 ? 97  ASP A O     1 
ATOM   738  C CB    . ASP A 1 130 ? 2.280   -5.882  -0.228  1.00 24.43 ? 97  ASP A CB    1 
ATOM   739  C CG    . ASP A 1 130 ? 2.106   -6.306  -1.669  1.00 33.00 ? 97  ASP A CG    1 
ATOM   740  O OD1   . ASP A 1 130 ? 1.820   -5.453  -2.527  1.00 28.97 ? 97  ASP A OD1   1 
ATOM   741  O OD2   . ASP A 1 130 ? 2.282   -7.514  -1.937  1.00 33.32 ? 97  ASP A OD2   1 
ATOM   742  N N     . ARG A 1 131 ? 0.323   -2.951  -1.051  1.00 24.99 ? 98  ARG A N     1 
ATOM   743  C CA    . ARG A 1 131 ? -0.958  -2.356  -1.466  1.00 24.41 ? 98  ARG A CA    1 
ATOM   744  C C     . ARG A 1 131 ? -1.643  -1.642  -0.304  1.00 20.65 ? 98  ARG A C     1 
ATOM   745  O O     . ARG A 1 131 ? -1.555  -2.094  0.837   1.00 20.81 ? 98  ARG A O     1 
ATOM   746  C CB    . ARG A 1 131 ? -1.924  -3.396  -2.042  1.00 26.44 ? 98  ARG A CB    1 
ATOM   747  C CG    . ARG A 1 131 ? -1.502  -4.015  -3.370  1.00 25.38 ? 98  ARG A CG    1 
ATOM   748  C CD    . ARG A 1 131 ? -2.692  -4.666  -4.048  1.00 29.04 ? 98  ARG A CD    1 
ATOM   749  N NE    . ARG A 1 131 ? -2.322  -5.338  -5.291  1.00 29.52 ? 98  ARG A NE    1 
ATOM   750  C CZ    . ARG A 1 131 ? -2.113  -4.721  -6.450  1.00 38.33 ? 98  ARG A CZ    1 
ATOM   751  N NH1   . ARG A 1 131 ? -2.236  -3.399  -6.546  1.00 35.75 ? 98  ARG A NH1   1 
ATOM   752  N NH2   . ARG A 1 131 ? -1.777  -5.435  -7.523  1.00 42.87 ? 98  ARG A NH2   1 
ATOM   753  N N     . TYR A 1 132 ? -2.376  -0.568  -0.589  1.00 23.36 ? 99  TYR A N     1 
ATOM   754  C CA    . TYR A 1 132 ? -2.979  0.237   0.475   1.00 21.08 ? 99  TYR A CA    1 
ATOM   755  C C     . TYR A 1 132 ? -4.138  1.032   -0.120  1.00 21.27 ? 99  TYR A C     1 
ATOM   756  O O     . TYR A 1 132 ? -4.728  0.616   -1.138  1.00 20.22 ? 99  TYR A O     1 
ATOM   757  C CB    . TYR A 1 132 ? -1.903  1.121   1.141   1.00 20.48 ? 99  TYR A CB    1 
ATOM   758  C CG    . TYR A 1 132 ? -2.291  1.658   2.520   1.00 19.10 ? 99  TYR A CG    1 
ATOM   759  C CD1   . TYR A 1 132 ? -2.668  0.799   3.536   1.00 18.92 ? 99  TYR A CD1   1 
ATOM   760  C CD2   . TYR A 1 132 ? -2.281  3.028   2.788   1.00 20.40 ? 99  TYR A CD2   1 
ATOM   761  C CE1   . TYR A 1 132 ? -3.036  1.273   4.800   1.00 20.83 ? 99  TYR A CE1   1 
ATOM   762  C CE2   . TYR A 1 132 ? -2.627  3.514   4.049   1.00 17.31 ? 99  TYR A CE2   1 
ATOM   763  C CZ    . TYR A 1 132 ? -3.002  2.635   5.042   1.00 18.80 ? 99  TYR A CZ    1 
ATOM   764  O OH    . TYR A 1 132 ? -3.325  3.111   6.291   1.00 19.45 ? 99  TYR A OH    1 
ATOM   765  N N     . ALA A 1 133 ? -4.483  2.169   0.498   1.00 19.23 ? 100 ALA A N     1 
ATOM   766  C CA    . ALA A 1 133 ? -5.613  2.973   0.024   1.00 18.31 ? 100 ALA A CA    1 
ATOM   767  C C     . ALA A 1 133 ? -5.455  3.394   -1.428  1.00 21.02 ? 100 ALA A C     1 
ATOM   768  O O     . ALA A 1 133 ? -6.452  3.589   -2.129  1.00 23.60 ? 100 ALA A O     1 
ATOM   769  C CB    . ALA A 1 133 ? -5.767  4.228   0.889   1.00 20.65 ? 100 ALA A CB    1 
ATOM   770  N N     . TYR A 1 134 ? -4.215  3.570   -1.882  1.00 21.49 ? 101 TYR A N     1 
ATOM   771  C CA    . TYR A 1 134 ? -3.952  4.064   -3.230  1.00 21.31 ? 101 TYR A CA    1 
ATOM   772  C C     . TYR A 1 134 ? -4.352  3.043   -4.285  1.00 24.44 ? 101 TYR A C     1 
ATOM   773  O O     . TYR A 1 134 ? -4.996  3.394   -5.284  1.00 23.61 ? 101 TYR A O     1 
ATOM   774  C CB    . TYR A 1 134 ? -2.475  4.436   -3.344  1.00 21.56 ? 101 TYR A CB    1 
ATOM   775  C CG    . TYR A 1 134 ? -2.033  5.264   -2.166  1.00 23.28 ? 101 TYR A CG    1 
ATOM   776  C CD1   . TYR A 1 134 ? -2.452  6.581   -2.032  1.00 25.40 ? 101 TYR A CD1   1 
ATOM   777  C CD2   . TYR A 1 134 ? -1.233  4.729   -1.171  1.00 23.78 ? 101 TYR A CD2   1 
ATOM   778  C CE1   . TYR A 1 134 ? -2.060  7.349   -0.957  1.00 26.07 ? 101 TYR A CE1   1 
ATOM   779  C CE2   . TYR A 1 134 ? -0.833  5.486   -0.092  1.00 23.56 ? 101 TYR A CE2   1 
ATOM   780  C CZ    . TYR A 1 134 ? -1.250  6.802   0.005   1.00 26.12 ? 101 TYR A CZ    1 
ATOM   781  O OH    . TYR A 1 134 ? -0.867  7.578   1.075   1.00 28.04 ? 101 TYR A OH    1 
ATOM   782  N N     . SER A 1 135 ? -3.969  1.777   -4.090  1.00 23.60 ? 102 SER A N     1 
ATOM   783  C CA    . SER A 1 135 ? -4.581  0.698   -4.863  1.00 25.42 ? 102 SER A CA    1 
ATOM   784  C C     . SER A 1 135 ? -6.096  0.777   -4.811  1.00 25.26 ? 102 SER A C     1 
ATOM   785  O O     . SER A 1 135 ? -6.775  0.596   -5.830  1.00 26.26 ? 102 SER A O     1 
ATOM   786  C CB    . SER A 1 135 ? -4.136  -0.665  -4.342  1.00 27.20 ? 102 SER A CB    1 
ATOM   787  O OG    . SER A 1 135 ? -2.908  -1.060  -4.911  1.00 28.08 ? 102 SER A OG    1 
ATOM   788  N N     . GLY A 1 136 ? -6.647  0.988   -3.613  1.00 23.63 ? 103 GLY A N     1 
ATOM   789  C CA    . GLY A 1 136 ? -8.092  1.118   -3.490  1.00 23.89 ? 103 GLY A CA    1 
ATOM   790  C C     . GLY A 1 136 ? -8.646  2.177   -4.414  1.00 25.60 ? 103 GLY A C     1 
ATOM   791  O O     . GLY A 1 136 ? -9.603  1.936   -5.154  1.00 25.03 ? 103 GLY A O     1 
ATOM   792  N N     . ILE A 1 137 ? -8.011  3.351   -4.426  1.00 21.66 ? 104 ILE A N     1 
ATOM   793  C CA    . ILE A 1 137 ? -8.482  4.410   -5.310  1.00 22.15 ? 104 ILE A CA    1 
ATOM   794  C C     . ILE A 1 137 ? -8.272  4.025   -6.770  1.00 28.48 ? 104 ILE A C     1 
ATOM   795  O O     . ILE A 1 137 ? -9.177  4.159   -7.606  1.00 26.63 ? 104 ILE A O     1 
ATOM   796  C CB    . ILE A 1 137 ? -7.791  5.738   -4.961  1.00 20.94 ? 104 ILE A CB    1 
ATOM   797  C CG1   . ILE A 1 137 ? -8.254  6.199   -3.567  1.00 20.98 ? 104 ILE A CG1   1 
ATOM   798  C CG2   . ILE A 1 137 ? -8.139  6.809   -6.004  1.00 28.80 ? 104 ILE A CG2   1 
ATOM   799  C CD1   . ILE A 1 137 ? -7.396  7.324   -2.948  1.00 23.17 ? 104 ILE A CD1   1 
ATOM   800  N N     . ALA A 1 138 ? -7.078  3.542   -7.104  1.00 24.80 ? 105 ALA A N     1 
ATOM   801  C CA    . ALA A 1 138 ? -6.728  3.341   -8.511  1.00 25.15 ? 105 ALA A CA    1 
ATOM   802  C C     . ALA A 1 138 ? -7.595  2.267   -9.163  1.00 23.88 ? 105 ALA A C     1 
ATOM   803  O O     . ALA A 1 138 ? -8.111  2.459   -10.269 1.00 27.40 ? 105 ALA A O     1 
ATOM   804  C CB    . ALA A 1 138 ? -5.247  2.984   -8.622  1.00 27.93 ? 105 ALA A CB    1 
ATOM   805  N N     . TYR A 1 139 ? -7.748  1.136   -8.467  1.00 22.99 ? 106 TYR A N     1 
ATOM   806  C CA    . TYR A 1 139 ? -8.554  -0.006  -8.977  1.00 22.96 ? 106 TYR A CA    1 
ATOM   807  C C     . TYR A 1 139 ? -10.031 0.392   -9.066  1.00 28.01 ? 106 TYR A C     1 
ATOM   808  O O     . TYR A 1 139 ? -10.745 -0.143  -9.937  1.00 29.87 ? 106 TYR A O     1 
ATOM   809  C CB    . TYR A 1 139 ? -8.362  -1.236  -8.085  1.00 23.80 ? 106 TYR A CB    1 
ATOM   810  C CG    . TYR A 1 139 ? -7.019  -1.909  -8.217  1.00 27.26 ? 106 TYR A CG    1 
ATOM   811  C CD1   . TYR A 1 139 ? -6.862  -3.042  -8.999  1.00 31.31 ? 106 TYR A CD1   1 
ATOM   812  C CD2   . TYR A 1 139 ? -5.904  -1.415  -7.562  1.00 29.60 ? 106 TYR A CD2   1 
ATOM   813  C CE1   . TYR A 1 139 ? -5.633  -3.667  -9.125  1.00 32.08 ? 106 TYR A CE1   1 
ATOM   814  C CE2   . TYR A 1 139 ? -4.667  -2.028  -7.678  1.00 34.10 ? 106 TYR A CE2   1 
ATOM   815  C CZ    . TYR A 1 139 ? -4.530  -3.157  -8.462  1.00 37.12 ? 106 TYR A CZ    1 
ATOM   816  O OH    . TYR A 1 139 ? -3.315  -3.767  -8.582  1.00 40.46 ? 106 TYR A OH    1 
ATOM   817  N N     . THR A 1 140 ? -10.469 1.302   -8.189  1.00 24.43 ? 107 THR A N     1 
ATOM   818  C CA    . THR A 1 140 ? -11.885 1.761   -8.171  1.00 24.83 ? 107 THR A CA    1 
ATOM   819  C C     . THR A 1 140 ? -12.131 2.729   -9.334  1.00 27.88 ? 107 THR A C     1 
ATOM   820  O O     . THR A 1 140 ? -13.183 2.603   -9.994  1.00 27.12 ? 107 THR A O     1 
ATOM   821  C CB    . THR A 1 140 ? -12.241 2.402   -6.824  1.00 24.90 ? 107 THR A CB    1 
ATOM   822  O OG1   . THR A 1 140 ? -12.237 1.377   -5.830  1.00 21.11 ? 107 THR A OG1   1 
ATOM   823  C CG2   . THR A 1 140 ? -13.587 3.095   -6.839  1.00 19.74 ? 107 THR A CG2   1 
ATOM   824  N N     . LEU A 1 141 ? -11.195 3.655   -9.567  1.00 25.38 ? 108 LEU A N     1 
ATOM   825  C CA    . LEU A 1 141 ? -11.319 4.638   -10.638 1.00 25.32 ? 108 LEU A CA    1 
ATOM   826  C C     . LEU A 1 141 ? -11.153 4.006   -12.009 1.00 33.57 ? 108 LEU A C     1 
ATOM   827  O O     . LEU A 1 141 ? -11.763 4.468   -12.984 1.00 29.96 ? 108 LEU A O     1 
ATOM   828  C CB    . LEU A 1 141 ? -10.290 5.740   -10.470 1.00 28.70 ? 108 LEU A CB    1 
ATOM   829  C CG    . LEU A 1 141 ? -10.828 7.048   -9.903  1.00 35.72 ? 108 LEU A CG    1 
ATOM   830  C CD1   . LEU A 1 141 ? -11.361 6.789   -8.532  1.00 37.22 ? 108 LEU A CD1   1 
ATOM   831  C CD2   . LEU A 1 141 ? -9.719  8.078   -9.877  1.00 34.73 ? 108 LEU A CD2   1 
ATOM   832  N N     . ALA A 1 142 ? -10.325 2.968   -12.103 1.00 28.01 ? 109 ALA A N     1 
ATOM   833  C CA    . ALA A 1 142 ? -10.129 2.260   -13.357 1.00 33.28 ? 109 ALA A CA    1 
ATOM   834  C C     . ALA A 1 142 ? -11.378 1.537   -13.828 1.00 36.60 ? 109 ALA A C     1 
ATOM   835  O O     . ALA A 1 142 ? -11.444 1.156   -15.001 1.00 31.04 ? 109 ALA A O     1 
ATOM   836  C CB    . ALA A 1 142 ? -8.981  1.260   -13.213 1.00 31.82 ? 109 ALA A CB    1 
ATOM   837  N N     . LYS A 1 143 ? -12.366 1.318   -12.961 1.00 30.73 ? 110 LYS A N     1 
ATOM   838  C CA    . LYS A 1 143 ? -13.581 0.674   -13.432 1.00 30.18 ? 110 LYS A CA    1 
ATOM   839  C C     . LYS A 1 143 ? -14.446 1.605   -14.273 1.00 34.54 ? 110 LYS A C     1 
ATOM   840  O O     . LYS A 1 143 ? -15.343 1.122   -14.970 1.00 35.81 ? 110 LYS A O     1 
ATOM   841  C CB    . LYS A 1 143 ? -14.388 0.121   -12.253 1.00 30.06 ? 110 LYS A CB    1 
ATOM   842  C CG    . LYS A 1 143 ? -13.583 -0.881  -11.413 1.00 30.89 ? 110 LYS A CG    1 
ATOM   843  C CD    . LYS A 1 143 ? -14.414 -1.532  -10.337 1.00 27.52 ? 110 LYS A CD    1 
ATOM   844  C CE    . LYS A 1 143 ? -13.558 -2.391  -9.420  1.00 28.92 ? 110 LYS A CE    1 
ATOM   845  N NZ    . LYS A 1 143 ? -14.320 -2.761  -8.188  1.00 27.26 ? 110 LYS A NZ    1 
ATOM   846  N N     . GLY A 1 144 ? -14.180 2.910   -14.242 1.00 34.28 ? 111 GLY A N     1 
ATOM   847  C CA    . GLY A 1 144 ? -14.934 3.862   -15.041 1.00 37.47 ? 111 GLY A CA    1 
ATOM   848  C C     . GLY A 1 144 ? -16.412 3.895   -14.731 1.00 39.08 ? 111 GLY A C     1 
ATOM   849  O O     . GLY A 1 144 ? -17.226 4.108   -15.636 1.00 36.93 ? 111 GLY A O     1 
ATOM   850  N N     . ALA A 1 145 ? -16.786 3.683   -13.475 1.00 35.41 ? 112 ALA A N     1 
ATOM   851  C CA    . ALA A 1 145 ? -18.196 3.662   -13.139 1.00 38.80 ? 112 ALA A CA    1 
ATOM   852  C C     . ALA A 1 145 ? -18.766 5.077   -13.158 1.00 35.06 ? 112 ALA A C     1 
ATOM   853  O O     . ALA A 1 145 ? -18.047 6.076   -13.020 1.00 34.66 ? 112 ALA A O     1 
ATOM   854  C CB    . ALA A 1 145 ? -18.418 3.017   -11.768 1.00 33.24 ? 112 ALA A CB    1 
ATOM   855  N N     . ASP A 1 146 ? -20.079 5.156   -13.351 1.00 35.92 ? 113 ASP A N     1 
ATOM   856  C CA    . ASP A 1 146 ? -20.760 6.436   -13.239 1.00 34.49 ? 113 ASP A CA    1 
ATOM   857  C C     . ASP A 1 146 ? -20.646 6.973   -11.822 1.00 32.14 ? 113 ASP A C     1 
ATOM   858  O O     . ASP A 1 146 ? -20.587 6.217   -10.851 1.00 28.19 ? 113 ASP A O     1 
ATOM   859  C CB    . ASP A 1 146 ? -22.241 6.302   -13.610 1.00 33.95 ? 113 ASP A CB    1 
ATOM   860  C CG    . ASP A 1 146 ? -22.439 5.727   -14.991 1.00 38.56 ? 113 ASP A CG    1 
ATOM   861  O OD1   . ASP A 1 146 ? -21.568 5.961   -15.852 1.00 37.69 ? 113 ASP A OD1   1 
ATOM   862  O OD2   . ASP A 1 146 ? -23.468 5.053   -15.212 1.00 42.59 ? 113 ASP A OD2   1 
ATOM   863  N N     . ASN A 1 147 ? -20.607 8.301   -11.713 1.00 34.51 ? 114 ASN A N     1 
ATOM   864  C CA    . ASN A 1 147 ? -20.783 9.002   -10.441 1.00 28.81 ? 114 ASN A CA    1 
ATOM   865  C C     . ASN A 1 147 ? -19.707 8.657   -9.422  1.00 29.70 ? 114 ASN A C     1 
ATOM   866  O O     . ASN A 1 147 ? -19.948 8.709   -8.216  1.00 30.61 ? 114 ASN A O     1 
ATOM   867  C CB    . ASN A 1 147 ? -22.169 8.739   -9.861  1.00 30.72 ? 114 ASN A CB    1 
ATOM   868  C CG    . ASN A 1 147 ? -23.244 8.891   -10.901 1.00 32.09 ? 114 ASN A CG    1 
ATOM   869  O OD1   . ASN A 1 147 ? -22.979 9.398   -11.991 1.00 31.56 ? 114 ASN A OD1   1 
ATOM   870  N ND2   . ASN A 1 147 ? -24.452 8.437   -10.593 1.00 35.68 ? 114 ASN A ND2   1 
ATOM   871  N N     . ILE A 1 148 ? -18.504 8.331   -9.880  1.00 23.21 ? 115 ILE A N     1 
ATOM   872  C CA    . ILE A 1 148 ? -17.349 8.247   -8.998  1.00 25.19 ? 115 ILE A CA    1 
ATOM   873  C C     . ILE A 1 148 ? -16.319 9.253   -9.471  1.00 27.74 ? 115 ILE A C     1 
ATOM   874  O O     . ILE A 1 148 ? -16.064 9.371   -10.679 1.00 27.37 ? 115 ILE A O     1 
ATOM   875  C CB    . ILE A 1 148 ? -16.745 6.831   -8.949  1.00 26.01 ? 115 ILE A CB    1 
ATOM   876  C CG1   . ILE A 1 148 ? -17.746 5.842   -8.367  1.00 25.74 ? 115 ILE A CG1   1 
ATOM   877  C CG2   . ILE A 1 148 ? -15.497 6.819   -8.066  1.00 24.73 ? 115 ILE A CG2   1 
ATOM   878  C CD1   . ILE A 1 148 ? -17.238 4.388   -8.409  1.00 28.82 ? 115 ILE A CD1   1 
ATOM   879  N N     . THR A 1 149 ? -15.760 9.991   -8.524  1.00 24.67 ? 116 THR A N     1 
ATOM   880  C CA    . THR A 1 149 ? -14.629 10.881  -8.720  1.00 24.82 ? 116 THR A CA    1 
ATOM   881  C C     . THR A 1 149 ? -13.526 10.482  -7.762  1.00 26.12 ? 116 THR A C     1 
ATOM   882  O O     . THR A 1 149 ? -13.752 9.730   -6.816  1.00 20.86 ? 116 THR A O     1 
ATOM   883  C CB    . THR A 1 149 ? -14.996 12.327  -8.430  1.00 23.81 ? 116 THR A CB    1 
ATOM   884  O OG1   . THR A 1 149 ? -15.447 12.414  -7.068  1.00 23.85 ? 116 THR A OG1   1 
ATOM   885  C CG2   . THR A 1 149 ? -16.085 12.807  -9.398  1.00 25.26 ? 116 THR A CG2   1 
ATOM   886  N N     . MET A 1 150 ? -12.329 11.028  -7.994  1.00 26.75 ? 117 MET A N     1 
ATOM   887  C CA    . MET A 1 150 ? -11.247 10.831  -7.038  1.00 26.12 ? 117 MET A CA    1 
ATOM   888  C C     . MET A 1 150 ? -11.612 11.412  -5.683  1.00 25.18 ? 117 MET A C     1 
ATOM   889  O O     . MET A 1 150 ? -11.264 10.842  -4.645  1.00 24.42 ? 117 MET A O     1 
ATOM   890  C CB    . MET A 1 150 ? -9.950  11.467  -7.547  1.00 34.96 ? 117 MET A CB    1 
ATOM   891  C CG    . MET A 1 150 ? -8.742  11.214  -6.613  1.00 33.01 ? 117 MET A CG    1 
ATOM   892  S SD    . MET A 1 150 ? -7.165  11.572  -7.408  1.00 57.26 ? 117 MET A SD    1 
ATOM   893  C CE    . MET A 1 150 ? -6.973  10.137  -8.464  1.00 44.34 ? 117 MET A CE    1 
ATOM   894  N N     . GLU A 1 151 ? -12.322 12.549  -5.666  1.00 23.76 ? 118 GLU A N     1 
ATOM   895  C CA    . GLU A 1 151 ? -12.720 13.130  -4.386  1.00 26.83 ? 118 GLU A CA    1 
ATOM   896  C C     . GLU A 1 151 ? -13.642 12.187  -3.620  1.00 26.79 ? 118 GLU A C     1 
ATOM   897  O O     . GLU A 1 151 ? -13.489 11.993  -2.405  1.00 26.57 ? 118 GLU A O     1 
ATOM   898  C CB    . GLU A 1 151 ? -13.403 14.485  -4.589  1.00 30.78 ? 118 GLU A CB    1 
ATOM   899  C CG    . GLU A 1 151 ? -13.733 15.177  -3.269  1.00 37.56 ? 118 GLU A CG    1 
ATOM   900  C CD    . GLU A 1 151 ? -14.889 16.170  -3.363  1.00 41.38 ? 118 GLU A CD    1 
ATOM   901  O OE1   . GLU A 1 151 ? -15.324 16.507  -4.491  1.00 45.75 ? 118 GLU A OE1   1 
ATOM   902  O OE2   . GLU A 1 151 ? -15.357 16.628  -2.296  1.00 46.64 ? 118 GLU A OE2   1 
ATOM   903  N N     . TRP A 1 152 ? -14.615 11.596  -4.307  1.00 23.59 ? 119 TRP A N     1 
ATOM   904  C CA    . TRP A 1 152 ? -15.444 10.586  -3.651  1.00 23.47 ? 119 TRP A CA    1 
ATOM   905  C C     . TRP A 1 152 ? -14.604 9.414   -3.154  1.00 19.07 ? 119 TRP A C     1 
ATOM   906  O O     . TRP A 1 152 ? -14.787 8.934   -2.027  1.00 19.14 ? 119 TRP A O     1 
ATOM   907  C CB    . TRP A 1 152 ? -16.523 10.075  -4.607  1.00 21.36 ? 119 TRP A CB    1 
ATOM   908  C CG    . TRP A 1 152 ? -17.444 9.160   -3.874  1.00 20.04 ? 119 TRP A CG    1 
ATOM   909  C CD1   . TRP A 1 152 ? -18.503 9.527   -3.078  1.00 20.62 ? 119 TRP A CD1   1 
ATOM   910  C CD2   . TRP A 1 152 ? -17.332 7.738   -3.767  1.00 22.03 ? 119 TRP A CD2   1 
ATOM   911  N NE1   . TRP A 1 152 ? -19.079 8.408   -2.513  1.00 21.90 ? 119 TRP A NE1   1 
ATOM   912  C CE2   . TRP A 1 152 ? -18.379 7.298   -2.921  1.00 21.40 ? 119 TRP A CE2   1 
ATOM   913  C CE3   . TRP A 1 152 ? -16.463 6.787   -4.320  1.00 22.51 ? 119 TRP A CE3   1 
ATOM   914  C CZ2   . TRP A 1 152 ? -18.589 5.951   -2.625  1.00 22.81 ? 119 TRP A CZ2   1 
ATOM   915  C CZ3   . TRP A 1 152 ? -16.672 5.430   -4.012  1.00 23.35 ? 119 TRP A CZ3   1 
ATOM   916  C CH2   . TRP A 1 152 ? -17.723 5.035   -3.167  1.00 22.86 ? 119 TRP A CH2   1 
ATOM   917  N N     . ALA A 1 153 ? -13.687 8.927   -3.980  1.00 20.86 ? 120 ALA A N     1 
ATOM   918  C CA    . ALA A 1 153 ? -12.987 7.687   -3.633  1.00 20.48 ? 120 ALA A CA    1 
ATOM   919  C C     . ALA A 1 153 ? -12.058 7.851   -2.432  1.00 24.15 ? 120 ALA A C     1 
ATOM   920  O O     . ALA A 1 153 ? -11.741 6.860   -1.761  1.00 20.62 ? 120 ALA A O     1 
ATOM   921  C CB    . ALA A 1 153 ? -12.208 7.186   -4.832  1.00 21.38 ? 120 ALA A CB    1 
ATOM   922  N N     . LYS A 1 154 ? -11.653 9.076   -2.122  1.00 21.85 ? 121 LYS A N     1 
ATOM   923  C CA    . LYS A 1 154 ? -10.802 9.336   -0.963  1.00 22.14 ? 121 LYS A CA    1 
ATOM   924  C C     . LYS A 1 154 ? -11.533 9.289   0.371   1.00 21.82 ? 121 LYS A C     1 
ATOM   925  O O     . LYS A 1 154 ? -10.871 9.224   1.423   1.00 21.28 ? 121 LYS A O     1 
ATOM   926  C CB    . LYS A 1 154 ? -10.129 10.693  -1.146  1.00 26.06 ? 121 LYS A CB    1 
ATOM   927  C CG    . LYS A 1 154 ? -9.045  10.618  -2.203  1.00 26.81 ? 121 LYS A CG    1 
ATOM   928  C CD    . LYS A 1 154 ? -8.435  11.970  -2.526  1.00 30.65 ? 121 LYS A CD    1 
ATOM   929  C CE    . LYS A 1 154 ? -7.212  11.793  -3.417  1.00 41.63 ? 121 LYS A CE    1 
ATOM   930  N NZ    . LYS A 1 154 ? -6.615  13.089  -3.871  1.00 47.71 ? 121 LYS A NZ    1 
ATOM   931  N N     . LEU A 1 155 ? -12.871 9.322   0.369   1.00 18.12 ? 122 LEU A N     1 
ATOM   932  C CA    . LEU A 1 155 ? -13.610 9.393   1.626   1.00 18.47 ? 122 LEU A CA    1 
ATOM   933  C C     . LEU A 1 155 ? -13.502 8.104   2.427   1.00 17.49 ? 122 LEU A C     1 
ATOM   934  O O     . LEU A 1 155 ? -13.443 8.145   3.658   1.00 18.44 ? 122 LEU A O     1 
ATOM   935  C CB    . LEU A 1 155 ? -15.086 9.690   1.364   1.00 17.41 ? 122 LEU A CB    1 
ATOM   936  C CG    . LEU A 1 155 ? -15.458 10.972  0.615   1.00 17.52 ? 122 LEU A CG    1 
ATOM   937  C CD1   . LEU A 1 155 ? -16.888 10.852  0.093   1.00 20.52 ? 122 LEU A CD1   1 
ATOM   938  C CD2   . LEU A 1 155 ? -15.320 12.167  1.556   1.00 27.86 ? 122 LEU A CD2   1 
ATOM   939  N N     . ALA A 1 156 ? -13.517 6.949   1.750   1.00 18.73 ? 123 ALA A N     1 
ATOM   940  C CA    . ALA A 1 156 ? -13.661 5.683   2.464   1.00 19.20 ? 123 ALA A CA    1 
ATOM   941  C C     . ALA A 1 156 ? -12.501 5.430   3.413   1.00 17.42 ? 123 ALA A C     1 
ATOM   942  O O     . ALA A 1 156 ? -12.682 4.837   4.483   1.00 18.87 ? 123 ALA A O     1 
ATOM   943  C CB    . ALA A 1 156 ? -13.778 4.529   1.461   1.00 18.15 ? 123 ALA A CB    1 
ATOM   944  N N     . ASP A 1 157 ? -11.288 5.806   3.015   1.00 17.31 ? 124 ASP A N     1 
ATOM   945  C CA    . ASP A 1 157 ? -10.110 5.442   3.786   1.00 18.06 ? 124 ASP A CA    1 
ATOM   946  C C     . ASP A 1 157 ? -9.686  6.538   4.754   1.00 22.18 ? 124 ASP A C     1 
ATOM   947  O O     . ASP A 1 157 ? -8.628  6.431   5.372   1.00 19.74 ? 124 ASP A O     1 
ATOM   948  C CB    . ASP A 1 157 ? -8.959  5.064   2.833   1.00 18.75 ? 124 ASP A CB    1 
ATOM   949  C CG    . ASP A 1 157 ? -9.218  3.733   2.116   1.00 18.36 ? 124 ASP A CG    1 
ATOM   950  O OD1   . ASP A 1 157 ? -9.265  2.697   2.790   1.00 19.11 ? 124 ASP A OD1   1 
ATOM   951  O OD2   . ASP A 1 157 ? -9.399  3.713   0.880   1.00 21.29 ? 124 ASP A OD2   1 
ATOM   952  N N     . MET A 1 158 ? -10.484 7.579   4.879   1.00 20.36 ? 125 MET A N     1 
ATOM   953  C CA    . MET A 1 158 ? -10.119 8.671   5.801   1.00 23.54 ? 125 MET A CA    1 
ATOM   954  C C     . MET A 1 158 ? -9.952  8.152   7.223   1.00 20.47 ? 125 MET A C     1 
ATOM   955  O O     . MET A 1 158 ? -10.733 7.392   7.641   1.00 20.16 ? 125 MET A O     1 
ATOM   956  C CB    . MET A 1 158 ? -11.175 9.765   5.803   1.00 22.13 ? 125 MET A CB    1 
ATOM   957  C CG    . MET A 1 158 ? -11.409 10.267  4.440   1.00 29.02 ? 125 MET A CG    1 
ATOM   958  S SD    . MET A 1 158 ? -10.565 11.773  4.373   1.00 49.04 ? 125 MET A SD    1 
ATOM   959  C CE    . MET A 1 158 ? -11.912 12.740  5.011   1.00 31.97 ? 125 MET A CE    1 
ATOM   960  N N     . GLY A 1 159 ? -8.954  8.658   7.920   1.00 22.06 ? 126 GLY A N     1 
ATOM   961  C CA    . GLY A 1 159 ? -8.674  8.261   9.307   1.00 23.06 ? 126 GLY A CA    1 
ATOM   962  C C     . GLY A 1 159 ? -7.634  7.162   9.363   1.00 22.95 ? 126 GLY A C     1 
ATOM   963  O O     . GLY A 1 159 ? -7.122  6.917   10.411  1.00 25.10 ? 126 GLY A O     1 
ATOM   964  N N     . GLU A 1 160 ? -7.365  6.514   8.246   1.00 19.11 ? 127 GLU A N     1 
ATOM   965  C CA    . GLU A 1 160 ? -6.354  5.466   8.266   1.00 21.55 ? 127 GLU A CA    1 
ATOM   966  C C     . GLU A 1 160 ? -4.979  6.111   8.344   1.00 21.66 ? 127 GLU A C     1 
ATOM   967  O O     . GLU A 1 160 ? -4.805  7.288   8.021   1.00 18.82 ? 127 GLU A O     1 
ATOM   968  C CB    . GLU A 1 160 ? -6.446  4.592   7.008   1.00 21.87 ? 127 GLU A CB    1 
ATOM   969  C CG    . GLU A 1 160 ? -7.663  3.660   6.968   1.00 19.41 ? 127 GLU A CG    1 
ATOM   970  C CD    . GLU A 1 160 ? -7.854  3.034   5.596   1.00 21.37 ? 127 GLU A CD    1 
ATOM   971  O OE1   . GLU A 1 160 ? -6.874  2.975   4.822   1.00 21.51 ? 127 GLU A OE1   1 
ATOM   972  O OE2   . GLU A 1 160 ? -8.986  2.605   5.289   1.00 20.89 ? 127 GLU A OE2   1 
ATOM   973  N N     . LEU A 1 161 ? -3.997  5.325   8.777   1.00 19.91 ? 128 LEU A N     1 
ATOM   974  C CA    . LEU A 1 161 ? -2.627  5.816   8.817   1.00 22.06 ? 128 LEU A CA    1 
ATOM   975  C C     . LEU A 1 161 ? -2.170  6.249   7.431   1.00 22.41 ? 128 LEU A C     1 
ATOM   976  O O     . LEU A 1 161 ? -2.515  5.630   6.422   1.00 23.10 ? 128 LEU A O     1 
ATOM   977  C CB    . LEU A 1 161 ? -1.707  4.716   9.352   1.00 20.81 ? 128 LEU A CB    1 
ATOM   978  C CG    . LEU A 1 161 ? -1.910  4.359   10.827  1.00 24.33 ? 128 LEU A CG    1 
ATOM   979  C CD1   . LEU A 1 161 ? -1.272  2.993   11.097  1.00 26.35 ? 128 LEU A CD1   1 
ATOM   980  C CD2   . LEU A 1 161 ? -1.271  5.432   11.730  1.00 25.44 ? 128 LEU A CD2   1 
ATOM   981  N N     . ARG A 1 162 ? -1.379  7.326   7.385   1.00 19.77 ? 129 ARG A N     1 
ATOM   982  C CA    . ARG A 1 162 ? -0.700  7.732   6.169   1.00 21.39 ? 129 ARG A CA    1 
ATOM   983  C C     . ARG A 1 162 ? 0.723   7.201   6.189   1.00 24.73 ? 129 ARG A C     1 
ATOM   984  O O     . ARG A 1 162 ? 1.402   7.340   7.218   1.00 26.48 ? 129 ARG A O     1 
ATOM   985  C CB    . ARG A 1 162 ? -0.674  9.250   6.063   1.00 25.76 ? 129 ARG A CB    1 
ATOM   986  C CG    . ARG A 1 162 ? -0.176  9.764   4.751   1.00 30.27 ? 129 ARG A CG    1 
ATOM   987  C CD    . ARG A 1 162 ? -0.436  11.249  4.692   1.00 31.60 ? 129 ARG A CD    1 
ATOM   988  N NE    . ARG A 1 162 ? 0.128   11.880  3.510   1.00 38.74 ? 129 ARG A NE    1 
ATOM   989  C CZ    . ARG A 1 162 ? 1.297   12.508  3.491   1.00 46.94 ? 129 ARG A CZ    1 
ATOM   990  N NH1   . ARG A 1 162 ? 1.719   13.074  2.373   1.00 46.72 ? 129 ARG A NH1   1 
ATOM   991  N NH2   . ARG A 1 162 ? 2.036   12.575  4.596   1.00 49.71 ? 129 ARG A NH2   1 
ATOM   992  N N     . PRO A 1 163 ? 1.209   6.581   5.113   1.00 26.19 ? 130 PRO A N     1 
ATOM   993  C CA    . PRO A 1 163 ? 2.577   6.038   5.136   1.00 27.25 ? 130 PRO A CA    1 
ATOM   994  C C     . PRO A 1 163 ? 3.625   7.138   5.157   1.00 28.60 ? 130 PRO A C     1 
ATOM   995  O O     . PRO A 1 163 ? 3.413   8.249   4.664   1.00 23.88 ? 130 PRO A O     1 
ATOM   996  C CB    . PRO A 1 163 ? 2.666   5.218   3.843   1.00 24.64 ? 130 PRO A CB    1 
ATOM   997  C CG    . PRO A 1 163 ? 1.506   5.669   2.998   1.00 25.90 ? 130 PRO A CG    1 
ATOM   998  C CD    . PRO A 1 163 ? 0.444   6.124   3.938   1.00 26.02 ? 130 PRO A CD    1 
ATOM   999  N N     . ASP A 1 164 ? 4.783   6.807   5.733   1.00 26.33 ? 131 ASP A N     1 
ATOM   1000 C CA    . ASP A 1 164 ? 5.930   7.708   5.654   1.00 26.60 ? 131 ASP A CA    1 
ATOM   1001 C C     . ASP A 1 164 ? 6.560   7.716   4.276   1.00 25.71 ? 131 ASP A C     1 
ATOM   1002 O O     . ASP A 1 164 ? 7.268   8.670   3.936   1.00 33.33 ? 131 ASP A O     1 
ATOM   1003 C CB    . ASP A 1 164 ? 6.977   7.291   6.671   1.00 26.75 ? 131 ASP A CB    1 
ATOM   1004 C CG    . ASP A 1 164 ? 6.448   7.312   8.048   1.00 29.09 ? 131 ASP A CG    1 
ATOM   1005 O OD1   . ASP A 1 164 ? 5.995   8.387   8.486   1.00 35.89 ? 131 ASP A OD1   1 
ATOM   1006 O OD2   . ASP A 1 164 ? 6.416   6.245   8.681   1.00 29.67 ? 131 ASP A OD2   1 
ATOM   1007 N N     . CYS A 1 165 ? 6.344   6.669   3.488   1.00 24.11 ? 132 CYS A N     1 
ATOM   1008 C CA    . CYS A 1 165 ? 6.899   6.567   2.149   1.00 30.45 ? 132 CYS A CA    1 
ATOM   1009 C C     . CYS A 1 165 ? 6.016   5.611   1.362   1.00 29.59 ? 132 CYS A C     1 
ATOM   1010 O O     . CYS A 1 165 ? 5.506   4.634   1.921   1.00 27.05 ? 132 CYS A O     1 
ATOM   1011 C CB    . CYS A 1 165 ? 8.362   6.082   2.187   1.00 36.31 ? 132 CYS A CB    1 
ATOM   1012 S SG    . CYS A 1 165 ? 9.169   5.852   0.575   1.00 46.23 ? 132 CYS A SG    1 
ATOM   1013 N N     . VAL A 1 166 ? 5.781   5.935   0.095   1.00 27.75 ? 133 VAL A N     1 
ATOM   1014 C CA    . VAL A 1 166 ? 5.123   5.040   -0.857  1.00 26.21 ? 133 VAL A CA    1 
ATOM   1015 C C     . VAL A 1 166 ? 6.128   4.748   -1.963  1.00 29.29 ? 133 VAL A C     1 
ATOM   1016 O O     . VAL A 1 166 ? 6.594   5.675   -2.637  1.00 31.83 ? 133 VAL A O     1 
ATOM   1017 C CB    . VAL A 1 166 ? 3.845   5.650   -1.455  1.00 28.63 ? 133 VAL A CB    1 
ATOM   1018 C CG1   . VAL A 1 166 ? 3.297   4.755   -2.547  1.00 28.48 ? 133 VAL A CG1   1 
ATOM   1019 C CG2   . VAL A 1 166 ? 2.799   5.914   -0.377  1.00 26.61 ? 133 VAL A CG2   1 
ATOM   1020 N N     . ILE A 1 167 ? 6.462   3.473   -2.148  1.00 28.30 ? 134 ILE A N     1 
ATOM   1021 C CA    . ILE A 1 167 ? 7.325   3.036   -3.236  1.00 31.45 ? 134 ILE A CA    1 
ATOM   1022 C C     . ILE A 1 167 ? 6.440   2.526   -4.361  1.00 30.38 ? 134 ILE A C     1 
ATOM   1023 O O     . ILE A 1 167 ? 5.728   1.530   -4.192  1.00 29.71 ? 134 ILE A O     1 
ATOM   1024 C CB    . ILE A 1 167 ? 8.297   1.932   -2.802  1.00 27.61 ? 134 ILE A CB    1 
ATOM   1025 C CG1   . ILE A 1 167 ? 9.253   2.397   -1.689  1.00 34.62 ? 134 ILE A CG1   1 
ATOM   1026 C CG2   . ILE A 1 167 ? 9.065   1.453   -4.036  1.00 32.42 ? 134 ILE A CG2   1 
ATOM   1027 C CD1   . ILE A 1 167 ? 10.084  3.604   -2.055  1.00 37.07 ? 134 ILE A CD1   1 
ATOM   1028 N N     . TYR A 1 168 ? 6.504   3.184   -5.511  1.00 32.15 ? 135 TYR A N     1 
ATOM   1029 C CA    . TYR A 1 168 ? 5.685   2.836   -6.662  1.00 31.48 ? 135 TYR A CA    1 
ATOM   1030 C C     . TYR A 1 168 ? 6.551   2.091   -7.668  1.00 32.83 ? 135 TYR A C     1 
ATOM   1031 O O     . TYR A 1 168 ? 7.563   2.620   -8.140  1.00 37.35 ? 135 TYR A O     1 
ATOM   1032 C CB    . TYR A 1 168 ? 5.063   4.087   -7.285  1.00 32.69 ? 135 TYR A CB    1 
ATOM   1033 C CG    . TYR A 1 168 ? 4.359   3.845   -8.599  1.00 36.09 ? 135 TYR A CG    1 
ATOM   1034 C CD1   . TYR A 1 168 ? 3.536   2.745   -8.782  1.00 36.41 ? 135 TYR A CD1   1 
ATOM   1035 C CD2   . TYR A 1 168 ? 4.505   4.732   -9.650  1.00 38.90 ? 135 TYR A CD2   1 
ATOM   1036 C CE1   . TYR A 1 168 ? 2.885   2.527   -9.986  1.00 41.75 ? 135 TYR A CE1   1 
ATOM   1037 C CE2   . TYR A 1 168 ? 3.859   4.532   -10.850 1.00 43.04 ? 135 TYR A CE2   1 
ATOM   1038 C CZ    . TYR A 1 168 ? 3.059   3.430   -11.020 1.00 41.46 ? 135 TYR A CZ    1 
ATOM   1039 O OH    . TYR A 1 168 ? 2.429   3.232   -12.228 1.00 47.52 ? 135 TYR A OH    1 
ATOM   1040 N N     . PHE A 1 169 ? 6.159   0.865   -7.980  1.00 31.58 ? 136 PHE A N     1 
ATOM   1041 C CA    . PHE A 1 169 ? 6.912   0.002   -8.881  1.00 35.37 ? 136 PHE A CA    1 
ATOM   1042 C C     . PHE A 1 169 ? 6.370   0.239   -10.279 1.00 40.30 ? 136 PHE A C     1 
ATOM   1043 O O     . PHE A 1 169 ? 5.316   -0.290  -10.646 1.00 40.97 ? 136 PHE A O     1 
ATOM   1044 C CB    . PHE A 1 169 ? 6.793   -1.451  -8.446  1.00 35.16 ? 136 PHE A CB    1 
ATOM   1045 C CG    . PHE A 1 169 ? 7.511   -1.746  -7.161  1.00 37.26 ? 136 PHE A CG    1 
ATOM   1046 C CD1   . PHE A 1 169 ? 8.725   -2.416  -7.169  1.00 42.58 ? 136 PHE A CD1   1 
ATOM   1047 C CD2   . PHE A 1 169 ? 6.997   -1.318  -5.952  1.00 31.50 ? 136 PHE A CD2   1 
ATOM   1048 C CE1   . PHE A 1 169 ? 9.404   -2.669  -5.985  1.00 37.70 ? 136 PHE A CE1   1 
ATOM   1049 C CE2   . PHE A 1 169 ? 7.658   -1.570  -4.764  1.00 34.87 ? 136 PHE A CE2   1 
ATOM   1050 C CZ    . PHE A 1 169 ? 8.869   -2.246  -4.778  1.00 38.76 ? 136 PHE A CZ    1 
ATOM   1051 N N     . ASN A 1 170 ? 7.089   1.052   -11.051 1.00 37.20 ? 137 ASN A N     1 
ATOM   1052 C CA    . ASN A 1 170 ? 6.634   1.503   -12.360 1.00 43.38 ? 137 ASN A CA    1 
ATOM   1053 C C     . ASN A 1 170 ? 7.106   0.528   -13.429 1.00 45.71 ? 137 ASN A C     1 
ATOM   1054 O O     . ASN A 1 170 ? 8.312   0.347   -13.627 1.00 46.52 ? 137 ASN A O     1 
ATOM   1055 C CB    . ASN A 1 170 ? 7.142   2.909   -12.660 1.00 41.90 ? 137 ASN A CB    1 
ATOM   1056 C CG    . ASN A 1 170 ? 6.436   3.537   -13.844 1.00 47.94 ? 137 ASN A CG    1 
ATOM   1057 O OD1   . ASN A 1 170 ? 6.916   4.510   -14.418 1.00 52.10 ? 137 ASN A OD1   1 
ATOM   1058 N ND2   . ASN A 1 170 ? 5.286   2.977   -14.216 1.00 49.27 ? 137 ASN A ND2   1 
ATOM   1059 N N     . LEU A 1 171 ? 6.153   -0.093  -14.108 1.00 46.75 ? 138 LEU A N     1 
ATOM   1060 C CA    . LEU A 1 171 ? 6.433   -1.107  -15.104 1.00 48.79 ? 138 LEU A CA    1 
ATOM   1061 C C     . LEU A 1 171 ? 5.666   -0.826  -16.397 1.00 51.67 ? 138 LEU A C     1 
ATOM   1062 O O     . LEU A 1 171 ? 6.265   -0.643  -17.462 1.00 53.53 ? 138 LEU A O     1 
ATOM   1063 C CB    . LEU A 1 171 ? 6.066   -2.479  -14.548 1.00 48.92 ? 138 LEU A CB    1 
ATOM   1064 C CG    . LEU A 1 171 ? 6.279   -3.687  -15.445 1.00 51.61 ? 138 LEU A CG    1 
ATOM   1065 C CD1   . LEU A 1 171 ? 7.712   -3.721  -15.949 1.00 49.40 ? 138 LEU A CD1   1 
ATOM   1066 C CD2   . LEU A 1 171 ? 5.944   -4.946  -14.665 1.00 51.83 ? 138 LEU A CD2   1 
ATOM   1067 N N     . ASN A 1 191 ? -6.835  -1.499  -21.641 1.00 56.36 ? 158 ASN A N     1 
ATOM   1068 C CA    . ASN A 1 191 ? -6.727  -2.565  -20.653 1.00 50.81 ? 158 ASN A CA    1 
ATOM   1069 C C     . ASN A 1 191 ? -6.964  -2.036  -19.242 1.00 45.74 ? 158 ASN A C     1 
ATOM   1070 O O     . ASN A 1 191 ? -6.794  -0.841  -18.974 1.00 44.96 ? 158 ASN A O     1 
ATOM   1071 C CB    . ASN A 1 191 ? -5.360  -3.240  -20.730 1.00 50.12 ? 158 ASN A CB    1 
ATOM   1072 C CG    . ASN A 1 191 ? -5.380  -4.641  -20.166 1.00 53.24 ? 158 ASN A CG    1 
ATOM   1073 O OD1   . ASN A 1 191 ? -6.383  -5.345  -20.267 1.00 57.73 ? 158 ASN A OD1   1 
ATOM   1074 N ND2   . ASN A 1 191 ? -4.275  -5.053  -19.561 1.00 56.43 ? 158 ASN A ND2   1 
ATOM   1075 N N     . PHE A 1 192 ? -7.358  -2.934  -18.340 1.00 49.52 ? 159 PHE A N     1 
ATOM   1076 C CA    . PHE A 1 192 ? -7.664  -2.513  -16.977 1.00 48.65 ? 159 PHE A CA    1 
ATOM   1077 C C     . PHE A 1 192 ? -6.412  -2.028  -16.256 1.00 47.81 ? 159 PHE A C     1 
ATOM   1078 O O     . PHE A 1 192 ? -6.395  -0.923  -15.702 1.00 48.31 ? 159 PHE A O     1 
ATOM   1079 C CB    . PHE A 1 192 ? -8.320  -3.649  -16.202 1.00 46.42 ? 159 PHE A CB    1 
ATOM   1080 C CG    . PHE A 1 192 ? -8.864  -3.223  -14.870 1.00 44.60 ? 159 PHE A CG    1 
ATOM   1081 C CD1   . PHE A 1 192 ? -10.103 -2.598  -14.777 1.00 45.81 ? 159 PHE A CD1   1 
ATOM   1082 C CD2   . PHE A 1 192 ? -8.129  -3.420  -13.714 1.00 42.10 ? 159 PHE A CD2   1 
ATOM   1083 C CE1   . PHE A 1 192 ? -10.608 -2.203  -13.549 1.00 39.09 ? 159 PHE A CE1   1 
ATOM   1084 C CE2   . PHE A 1 192 ? -8.629  -3.021  -12.486 1.00 40.47 ? 159 PHE A CE2   1 
ATOM   1085 C CZ    . PHE A 1 192 ? -9.864  -2.406  -12.409 1.00 35.66 ? 159 PHE A CZ    1 
ATOM   1086 N N     . GLN A 1 193 ? -5.351  -2.844  -16.257 1.00 44.52 ? 160 GLN A N     1 
ATOM   1087 C CA    . GLN A 1 193 ? -4.117  -2.454  -15.584 1.00 48.34 ? 160 GLN A CA    1 
ATOM   1088 C C     . GLN A 1 193 ? -3.538  -1.167  -16.154 1.00 47.47 ? 160 GLN A C     1 
ATOM   1089 O O     . GLN A 1 193 ? -2.821  -0.455  -15.444 1.00 45.63 ? 160 GLN A O     1 
ATOM   1090 C CB    . GLN A 1 193 ? -3.095  -3.587  -15.668 1.00 46.74 ? 160 GLN A CB    1 
ATOM   1091 C CG    . GLN A 1 193 ? -3.598  -4.905  -15.094 1.00 48.25 ? 160 GLN A CG    1 
ATOM   1092 C CD    . GLN A 1 193 ? -3.618  -4.914  -13.575 1.00 52.93 ? 160 GLN A CD    1 
ATOM   1093 O OE1   . GLN A 1 193 ? -2.828  -4.225  -12.929 1.00 52.56 ? 160 GLN A OE1   1 
ATOM   1094 N NE2   . GLN A 1 193 ? -4.524  -5.701  -12.995 1.00 48.89 ? 160 GLN A NE2   1 
ATOM   1095 N N     . GLY A 1 194 ? -3.831  -0.874  -17.410 1.00 48.38 ? 161 GLY A N     1 
ATOM   1096 C CA    . GLY A 1 194 ? -3.320  0.356   -18.025 1.00 41.91 ? 161 GLY A CA    1 
ATOM   1097 C C     . GLY A 1 194 ? -3.932  1.580   -17.405 1.00 43.58 ? 161 GLY A C     1 
ATOM   1098 O O     . GLY A 1 194 ? -3.240  2.527   -17.260 1.00 43.98 ? 161 GLY A O     1 
ATOM   1099 N N     . LYS A 1 195 ? -5.217  1.545   -17.067 1.00 44.71 ? 162 LYS A N     1 
ATOM   1100 C CA    . LYS A 1 195 ? -5.801  2.754   -16.438 1.00 43.30 ? 162 LYS A CA    1 
ATOM   1101 C C     . LYS A 1 195 ? -5.487  2.761   -14.950 1.00 35.40 ? 162 LYS A C     1 
ATOM   1102 O O     . LYS A 1 195 ? -5.465  3.800   -14.421 1.00 38.80 ? 162 LYS A O     1 
ATOM   1103 C CB    . LYS A 1 195 ? -7.274  2.986   -16.732 1.00 46.11 ? 162 LYS A CB    1 
ATOM   1104 C CG    . LYS A 1 195 ? -7.862  4.165   -15.978 1.00 47.86 ? 162 LYS A CG    1 
ATOM   1105 C CD    . LYS A 1 195 ? -7.004  5.397   -15.949 1.00 47.03 ? 162 LYS A CD    1 
ATOM   1106 C CE    . LYS A 1 195 ? -7.676  6.657   -15.456 1.00 52.17 ? 162 LYS A CE    1 
ATOM   1107 N NZ    . LYS A 1 195 ? -9.127  6.482   -15.191 1.00 54.85 ? 162 LYS A NZ    1 
ATOM   1108 N N     . VAL A 1 196 ? -5.231  1.617   -14.351 1.00 38.82 ? 163 VAL A N     1 
ATOM   1109 C CA    . VAL A 1 196 ? -4.807  1.655   -12.928 1.00 39.68 ? 163 VAL A CA    1 
ATOM   1110 C C     . VAL A 1 196 ? -3.487  2.435   -12.873 1.00 38.62 ? 163 VAL A C     1 
ATOM   1111 O O     . VAL A 1 196 ? -3.351  3.279   -12.036 1.00 37.36 ? 163 VAL A O     1 
ATOM   1112 C CB    . VAL A 1 196 ? -4.644  0.245   -12.365 1.00 35.91 ? 163 VAL A CB    1 
ATOM   1113 C CG1   . VAL A 1 196 ? -3.856  0.240   -11.083 1.00 26.72 ? 163 VAL A CG1   1 
ATOM   1114 C CG2   . VAL A 1 196 ? -5.953  -0.469  -12.209 1.00 34.16 ? 163 VAL A CG2   1 
ATOM   1115 N N     . SER A 1 197 ? -2.563  2.136   -13.777 1.00 41.45 ? 164 SER A N     1 
ATOM   1116 C CA    . SER A 1 197 ? -1.269  2.858   -13.813 1.00 40.82 ? 164 SER A CA    1 
ATOM   1117 C C     . SER A 1 197 ? -1.506  4.345   -14.021 1.00 39.85 ? 164 SER A C     1 
ATOM   1118 O O     . SER A 1 197 ? -0.843  5.098   -13.424 1.00 43.86 ? 164 SER A O     1 
ATOM   1119 C CB    . SER A 1 197 ? -0.359  2.268   -14.841 1.00 46.58 ? 164 SER A CB    1 
ATOM   1120 O OG    . SER A 1 197 ? -0.261  0.881   -14.624 1.00 49.80 ? 164 SER A OG    1 
ATOM   1121 N N     . LYS A 1 198 ? -2.473  4.720   -14.836 1.00 43.01 ? 165 LYS A N     1 
ATOM   1122 C CA    . LYS A 1 198 ? -2.710  6.157   -15.069 1.00 39.72 ? 165 LYS A CA    1 
ATOM   1123 C C     . LYS A 1 198 ? -3.097  6.842   -13.755 1.00 40.87 ? 165 LYS A C     1 
ATOM   1124 O O     . LYS A 1 198 ? -2.636  7.903   -13.474 1.00 42.18 ? 165 LYS A O     1 
ATOM   1125 C CB    . LYS A 1 198 ? -3.737  6.364   -16.190 1.00 46.02 ? 165 LYS A CB    1 
ATOM   1126 C CG    . LYS A 1 198 ? -3.314  5.968   -17.608 1.00 50.25 ? 165 LYS A CG    1 
ATOM   1127 C CD    . LYS A 1 198 ? -2.348  6.929   -18.258 1.00 50.17 ? 165 LYS A CD    1 
ATOM   1128 C CE    . LYS A 1 198 ? -1.908  6.543   -19.662 1.00 48.25 ? 165 LYS A CE    1 
ATOM   1129 N NZ    . LYS A 1 198 ? -1.804  5.080   -19.855 1.00 49.67 ? 165 LYS A NZ    1 
ATOM   1130 N N     . VAL A 1 199 ? -3.954  6.227   -12.980 1.00 37.55 ? 166 VAL A N     1 
ATOM   1131 C CA    . VAL A 1 199 ? -4.354  6.787   -11.693 1.00 38.46 ? 166 VAL A CA    1 
ATOM   1132 C C     . VAL A 1 199 ? -3.171  6.797   -10.731 1.00 35.81 ? 166 VAL A C     1 
ATOM   1133 O O     . VAL A 1 199 ? -2.979  7.755   -9.974  1.00 39.65 ? 166 VAL A O     1 
ATOM   1134 C CB    . VAL A 1 199 ? -5.553  6.006   -11.119 1.00 37.21 ? 166 VAL A CB    1 
ATOM   1135 C CG1   . VAL A 1 199 ? -6.015  6.631   -9.805  1.00 36.35 ? 166 VAL A CG1   1 
ATOM   1136 C CG2   . VAL A 1 199 ? -6.697  5.971   -12.132 1.00 34.28 ? 166 VAL A CG2   1 
ATOM   1137 N N     . MET A 1 200 ? -2.368  5.750   -10.774 1.00 34.97 ? 167 MET A N     1 
ATOM   1138 C CA    . MET A 1 200 ? -1.195  5.689   -9.872  1.00 36.06 ? 167 MET A CA    1 
ATOM   1139 C C     . MET A 1 200 ? -0.230  6.825   -10.218 1.00 41.22 ? 167 MET A C     1 
ATOM   1140 O O     . MET A 1 200 ? 0.305   7.402   -9.331  1.00 40.80 ? 167 MET A O     1 
ATOM   1141 C CB    . MET A 1 200 ? -0.492  4.335   -9.919  1.00 37.95 ? 167 MET A CB    1 
ATOM   1142 C CG    . MET A 1 200 ? -1.280  3.231   -9.348  1.00 39.24 ? 167 MET A CG    1 
ATOM   1143 S SD    . MET A 1 200 ? -1.040  2.953   -7.624  1.00 45.50 ? 167 MET A SD    1 
ATOM   1144 C CE    . MET A 1 200 ? -1.997  1.469   -7.402  1.00 35.15 ? 167 MET A CE    1 
ATOM   1145 N N     . GLU A 1 201 ? -0.069  7.137   -11.498 1.00 42.32 ? 168 GLU A N     1 
ATOM   1146 C CA    . GLU A 1 201 ? 0.786   8.275   -11.913 1.00 44.51 ? 168 GLU A CA    1 
ATOM   1147 C C     . GLU A 1 201 ? 0.175   9.577   -11.397 1.00 43.84 ? 168 GLU A C     1 
ATOM   1148 O O     . GLU A 1 201 ? 0.902   10.379  -10.900 1.00 48.38 ? 168 GLU A O     1 
ATOM   1149 C CB    . GLU A 1 201 ? 0.948   8.313   -13.434 1.00 44.92 ? 168 GLU A CB    1 
ATOM   1150 C CG    . GLU A 1 201 ? 1.713   7.141   -14.008 1.00 48.12 ? 168 GLU A CG    1 
ATOM   1151 C CD    . GLU A 1 201 ? 1.567   7.006   -15.518 1.00 55.32 ? 168 GLU A CD    1 
ATOM   1152 O OE1   . GLU A 1 201 ? 0.991   7.922   -16.110 1.00 56.94 ? 168 GLU A OE1   1 
ATOM   1153 O OE2   . GLU A 1 201 ? 1.981   5.988   -16.079 1.00 52.24 ? 168 GLU A OE2   1 
ATOM   1154 N N     . GLN A 1 202 ? -1.127  9.771   -11.510 1.00 41.98 ? 169 GLN A N     1 
ATOM   1155 C CA    . GLN A 1 202 ? -1.714  11.037  -11.015 1.00 44.37 ? 169 GLN A CA    1 
ATOM   1156 C C     . GLN A 1 202 ? -1.536  11.153  -9.510  1.00 46.33 ? 169 GLN A C     1 
ATOM   1157 O O     . GLN A 1 202 ? -1.270  12.237  -9.046  1.00 44.66 ? 169 GLN A O     1 
ATOM   1158 C CB    . GLN A 1 202 ? -3.203  11.135  -11.301 1.00 46.78 ? 169 GLN A CB    1 
ATOM   1159 C CG    . GLN A 1 202 ? -3.704  12.548  -11.157 1.00 53.28 ? 169 GLN A CG    1 
ATOM   1160 C CD    . GLN A 1 202 ? -5.193  12.629  -11.349 1.00 53.35 ? 169 GLN A CD    1 
ATOM   1161 O OE1   . GLN A 1 202 ? -5.777  11.824  -12.062 1.00 51.85 ? 169 GLN A OE1   1 
ATOM   1162 N NE2   . GLN A 1 202 ? -5.806  13.581  -10.665 1.00 55.62 ? 169 GLN A NE2   1 
ATOM   1163 N N     . LEU A 1 203 ? -1.746  10.067  -8.787  1.00 44.16 ? 170 LEU A N     1 
ATOM   1164 C CA    . LEU A 1 203 ? -1.535  10.110  -7.343  1.00 40.88 ? 170 LEU A CA    1 
ATOM   1165 C C     . LEU A 1 203 ? -0.083  10.445  -7.027  1.00 40.00 ? 170 LEU A C     1 
ATOM   1166 O O     . LEU A 1 203 ? 0.201   11.334  -6.217  1.00 40.26 ? 170 LEU A O     1 
ATOM   1167 C CB    . LEU A 1 203 ? -1.945  8.775   -6.712  1.00 38.98 ? 170 LEU A CB    1 
ATOM   1168 C CG    . LEU A 1 203 ? -3.443  8.444   -6.699  1.00 37.66 ? 170 LEU A CG    1 
ATOM   1169 C CD1   . LEU A 1 203 ? -3.700  7.011   -6.264  1.00 31.99 ? 170 LEU A CD1   1 
ATOM   1170 C CD2   . LEU A 1 203 ? -4.214  9.418   -5.817  1.00 39.30 ? 170 LEU A CD2   1 
ATOM   1171 N N     . ALA A 1 204 ? 0.848   9.769   -7.701  1.00 41.35 ? 171 ALA A N     1 
ATOM   1172 C CA    . ALA A 1 204 ? 2.271   9.986   -7.452  1.00 43.10 ? 171 ALA A CA    1 
ATOM   1173 C C     . ALA A 1 204 ? 2.655   11.443  -7.673  1.00 47.58 ? 171 ALA A C     1 
ATOM   1174 O O     . ALA A 1 204 ? 3.326   12.053  -6.834  1.00 46.11 ? 171 ALA A O     1 
ATOM   1175 C CB    . ALA A 1 204 ? 3.101   9.070   -8.353  1.00 42.80 ? 171 ALA A CB    1 
ATOM   1176 N N     . ASP A 1 205 ? 2.219   12.027  -8.789  1.00 50.35 ? 172 ASP A N     1 
ATOM   1177 C CA    . ASP A 1 205 ? 2.590   13.408  -9.079  1.00 49.39 ? 172 ASP A CA    1 
ATOM   1178 C C     . ASP A 1 205 ? 1.827   14.407  -8.222  1.00 49.17 ? 172 ASP A C     1 
ATOM   1179 O O     . ASP A 1 205 ? 2.266   15.556  -8.097  1.00 55.44 ? 172 ASP A O     1 
ATOM   1180 C CB    . ASP A 1 205 ? 2.384   13.697  -10.561 1.00 48.03 ? 172 ASP A CB    1 
ATOM   1181 C CG    . ASP A 1 205 ? 3.366   12.943  -11.429 1.00 55.46 ? 172 ASP A CG    1 
ATOM   1182 O OD1   . ASP A 1 205 ? 2.998   12.570  -12.563 1.00 58.10 ? 172 ASP A OD1   1 
ATOM   1183 O OD2   . ASP A 1 205 ? 4.509   12.715  -10.968 1.00 58.87 ? 172 ASP A OD2   1 
ATOM   1184 N N     . GLU A 1 206 ? 0.711   13.998  -7.619  1.00 48.77 ? 173 GLU A N     1 
ATOM   1185 C CA    . GLU A 1 206 ? 0.032   14.862  -6.659  1.00 49.72 ? 173 GLU A CA    1 
ATOM   1186 C C     . GLU A 1 206 ? 0.912   15.158  -5.456  1.00 53.84 ? 173 GLU A C     1 
ATOM   1187 O O     . GLU A 1 206 ? 0.804   16.236  -4.861  1.00 55.92 ? 173 GLU A O     1 
ATOM   1188 C CB    . GLU A 1 206 ? -1.264  14.211  -6.178  1.00 52.83 ? 173 GLU A CB    1 
ATOM   1189 C CG    . GLU A 1 206 ? -2.533  14.750  -6.795  1.00 54.67 ? 173 GLU A CG    1 
ATOM   1190 C CD    . GLU A 1 206 ? -3.700  13.804  -6.597  1.00 54.78 ? 173 GLU A CD    1 
ATOM   1191 O OE1   . GLU A 1 206 ? -4.088  13.559  -5.430  1.00 55.71 ? 173 GLU A OE1   1 
ATOM   1192 O OE2   . GLU A 1 206 ? -4.219  13.292  -7.611  1.00 55.12 ? 173 GLU A OE2   1 
ATOM   1193 N N     . ASP A 1 207 ? 1.786   14.211  -5.081  1.00 51.62 ? 174 ASP A N     1 
ATOM   1194 C CA    . ASP A 1 207 ? 2.521   14.257  -3.816  1.00 51.94 ? 174 ASP A CA    1 
ATOM   1195 C C     . ASP A 1 207 ? 3.884   13.596  -4.043  1.00 50.73 ? 174 ASP A C     1 
ATOM   1196 O O     . ASP A 1 207 ? 4.102   12.418  -3.747  1.00 48.46 ? 174 ASP A O     1 
ATOM   1197 C CB    . ASP A 1 207 ? 1.735   13.566  -2.703  1.00 49.41 ? 174 ASP A CB    1 
ATOM   1198 C CG    . ASP A 1 207 ? 2.345   13.767  -1.331  1.00 50.39 ? 174 ASP A CG    1 
ATOM   1199 O OD1   . ASP A 1 207 ? 3.463   14.313  -1.222  1.00 52.92 ? 174 ASP A OD1   1 
ATOM   1200 O OD2   . ASP A 1 207 ? 1.688   13.372  -0.348  1.00 53.26 ? 174 ASP A OD2   1 
ATOM   1201 N N     . ARG A 1 208 ? 4.825   14.374  -4.576  1.00 51.43 ? 175 ARG A N     1 
ATOM   1202 C CA    . ARG A 1 208 ? 6.150   13.843  -4.858  1.00 51.02 ? 175 ARG A CA    1 
ATOM   1203 C C     . ARG A 1 208 ? 7.029   13.774  -3.618  1.00 48.37 ? 175 ARG A C     1 
ATOM   1204 O O     . ARG A 1 208 ? 8.113   13.193  -3.686  1.00 50.12 ? 175 ARG A O     1 
ATOM   1205 C CB    . ARG A 1 208 ? 6.834   14.676  -5.948  1.00 52.93 ? 175 ARG A CB    1 
ATOM   1206 C CG    . ARG A 1 208 ? 6.670   14.102  -7.356  1.00 58.03 ? 175 ARG A CG    1 
ATOM   1207 C CD    . ARG A 1 208 ? 7.455   12.804  -7.519  1.00 60.61 ? 175 ARG A CD    1 
ATOM   1208 N NE    . ARG A 1 208 ? 8.837   12.944  -7.059  1.00 66.30 ? 175 ARG A NE    1 
ATOM   1209 C CZ    . ARG A 1 208 ? 9.625   11.925  -6.725  1.00 59.83 ? 175 ARG A CZ    1 
ATOM   1210 N NH1   . ARG A 1 208 ? 9.169   10.681  -6.799  1.00 59.38 ? 175 ARG A NH1   1 
ATOM   1211 N NH2   . ARG A 1 208 ? 10.870  12.148  -6.321  1.00 59.16 ? 175 ARG A NH2   1 
ATOM   1212 N N     . ASP A 1 209 ? 6.590   14.356  -2.497  1.00 51.54 ? 176 ASP A N     1 
ATOM   1213 C CA    . ASP A 1 209 ? 7.241   14.114  -1.212  1.00 51.57 ? 176 ASP A CA    1 
ATOM   1214 C C     . ASP A 1 209 ? 7.105   12.653  -0.807  1.00 49.15 ? 176 ASP A C     1 
ATOM   1215 O O     . ASP A 1 209 ? 8.090   11.985  -0.469  1.00 48.84 ? 176 ASP A O     1 
ATOM   1216 C CB    . ASP A 1 209 ? 6.614   14.992  -0.127  1.00 54.70 ? 176 ASP A CB    1 
ATOM   1217 C CG    . ASP A 1 209 ? 7.067   16.435  -0.187  1.00 62.29 ? 176 ASP A CG    1 
ATOM   1218 O OD1   . ASP A 1 209 ? 6.568   17.226  0.648   1.00 64.71 ? 176 ASP A OD1   1 
ATOM   1219 O OD2   . ASP A 1 209 ? 7.907   16.780  -1.049  1.00 62.22 ? 176 ASP A OD2   1 
ATOM   1220 N N     . LEU A 1 210 ? 5.877   12.146  -0.831  1.00 49.39 ? 177 LEU A N     1 
ATOM   1221 C CA    . LEU A 1 210 ? 5.583   10.819  -0.312  1.00 41.33 ? 177 LEU A CA    1 
ATOM   1222 C C     . LEU A 1 210 ? 5.967   9.725   -1.298  1.00 38.28 ? 177 LEU A C     1 
ATOM   1223 O O     . LEU A 1 210 ? 6.537   8.705   -0.903  1.00 34.54 ? 177 LEU A O     1 
ATOM   1224 C CB    . LEU A 1 210 ? 4.096   10.741  0.029   1.00 42.86 ? 177 LEU A CB    1 
ATOM   1225 C CG    . LEU A 1 210 ? 3.527   9.510   0.733   1.00 36.30 ? 177 LEU A CG    1 
ATOM   1226 C CD1   . LEU A 1 210 ? 4.440   9.055   1.825   1.00 35.34 ? 177 LEU A CD1   1 
ATOM   1227 C CD2   . LEU A 1 210 ? 2.163   9.847   1.306   1.00 40.57 ? 177 LEU A CD2   1 
ATOM   1228 N N     . TRP A 1 211 ? 5.661   9.918   -2.578  1.00 36.87 ? 178 TRP A N     1 
ATOM   1229 C CA    . TRP A 1 211 ? 5.786   8.872   -3.585  1.00 34.51 ? 178 TRP A CA    1 
ATOM   1230 C C     . TRP A 1 211 ? 7.176   8.897   -4.206  1.00 41.79 ? 178 TRP A C     1 
ATOM   1231 O O     . TRP A 1 211 ? 7.598   9.920   -4.755  1.00 41.41 ? 178 TRP A O     1 
ATOM   1232 C CB    . TRP A 1 211 ? 4.740   9.050   -4.685  1.00 39.23 ? 178 TRP A CB    1 
ATOM   1233 C CG    . TRP A 1 211 ? 3.351   8.737   -4.275  1.00 31.13 ? 178 TRP A CG    1 
ATOM   1234 C CD1   . TRP A 1 211 ? 2.577   9.436   -3.388  1.00 39.66 ? 178 TRP A CD1   1 
ATOM   1235 C CD2   . TRP A 1 211 ? 2.555   7.646   -4.736  1.00 34.67 ? 178 TRP A CD2   1 
ATOM   1236 N NE1   . TRP A 1 211 ? 1.339   8.842   -3.276  1.00 34.01 ? 178 TRP A NE1   1 
ATOM   1237 C CE2   . TRP A 1 211 ? 1.304   7.738   -4.088  1.00 30.69 ? 178 TRP A CE2   1 
ATOM   1238 C CE3   . TRP A 1 211 ? 2.774   6.599   -5.641  1.00 29.99 ? 178 TRP A CE3   1 
ATOM   1239 C CZ2   . TRP A 1 211 ? 0.279   6.830   -4.319  1.00 29.18 ? 178 TRP A CZ2   1 
ATOM   1240 C CZ3   . TRP A 1 211 ? 1.751   5.682   -5.856  1.00 30.20 ? 178 TRP A CZ3   1 
ATOM   1241 C CH2   . TRP A 1 211 ? 0.517   5.812   -5.194  1.00 31.62 ? 178 TRP A CH2   1 
ATOM   1242 N N     . LYS A 1 212 ? 7.870   7.768   -4.141  1.00 38.53 ? 179 LYS A N     1 
ATOM   1243 C CA    . LYS A 1 212 ? 9.122   7.559   -4.853  1.00 40.70 ? 179 LYS A CA    1 
ATOM   1244 C C     . LYS A 1 212 ? 8.907   6.447   -5.865  1.00 38.39 ? 179 LYS A C     1 
ATOM   1245 O O     . LYS A 1 212 ? 8.282   5.432   -5.554  1.00 40.12 ? 179 LYS A O     1 
ATOM   1246 C CB    . LYS A 1 212 ? 10.256  7.201   -3.885  1.00 40.97 ? 179 LYS A CB    1 
ATOM   1247 C CG    . LYS A 1 212 ? 10.436  8.215   -2.758  1.00 42.14 ? 179 LYS A CG    1 
ATOM   1248 C CD    . LYS A 1 212 ? 10.813  9.570   -3.318  1.00 46.71 ? 179 LYS A CD    1 
ATOM   1249 C CE    . LYS A 1 212 ? 10.703  10.666  -2.272  1.00 49.74 ? 179 LYS A CE    1 
ATOM   1250 N NZ    . LYS A 1 212 ? 10.880  12.016  -2.881  1.00 54.03 ? 179 LYS A NZ    1 
ATOM   1251 N N     . VAL A 1 213 ? 9.410   6.645   -7.082  1.00 43.86 ? 180 VAL A N     1 
ATOM   1252 C CA    . VAL A 1 213 ? 9.138   5.752   -8.207  1.00 41.66 ? 180 VAL A CA    1 
ATOM   1253 C C     . VAL A 1 213 ? 10.392  4.950   -8.520  1.00 38.12 ? 180 VAL A C     1 
ATOM   1254 O O     . VAL A 1 213 ? 11.439  5.527   -8.832  1.00 42.58 ? 180 VAL A O     1 
ATOM   1255 C CB    . VAL A 1 213 ? 8.675   6.534   -9.445  1.00 41.88 ? 180 VAL A CB    1 
ATOM   1256 C CG1   . VAL A 1 213 ? 8.029   5.598   -10.442 1.00 37.05 ? 180 VAL A CG1   1 
ATOM   1257 C CG2   . VAL A 1 213 ? 7.730   7.640   -9.047  1.00 45.45 ? 180 VAL A CG2   1 
ATOM   1258 N N     . VAL A 1 214 ? 10.286  3.619   -8.456  1.00 38.98 ? 181 VAL A N     1 
ATOM   1259 C CA    . VAL A 1 214 ? 11.371  2.722   -8.837  1.00 41.36 ? 181 VAL A CA    1 
ATOM   1260 C C     . VAL A 1 214 ? 11.087  2.142   -10.218 1.00 42.00 ? 181 VAL A C     1 
ATOM   1261 O O     . VAL A 1 214 ? 9.931   2.013   -10.646 1.00 41.03 ? 181 VAL A O     1 
ATOM   1262 C CB    . VAL A 1 214 ? 11.586  1.585   -7.811  1.00 36.74 ? 181 VAL A CB    1 
ATOM   1263 C CG1   . VAL A 1 214 ? 11.675  2.133   -6.409  1.00 42.65 ? 181 VAL A CG1   1 
ATOM   1264 C CG2   . VAL A 1 214 ? 10.486  0.541   -7.917  1.00 38.46 ? 181 VAL A CG2   1 
ATOM   1265 N N     . ASP A 1 215 ? 12.160  1.773   -10.914 1.00 42.93 ? 182 ASP A N     1 
ATOM   1266 C CA    . ASP A 1 215 ? 12.080  1.158   -12.239 1.00 44.66 ? 182 ASP A CA    1 
ATOM   1267 C C     . ASP A 1 215 ? 11.932  -0.347  -12.051 1.00 44.32 ? 182 ASP A C     1 
ATOM   1268 O O     . ASP A 1 215 ? 12.918  -1.068  -11.874 1.00 43.76 ? 182 ASP A O     1 
ATOM   1269 C CB    . ASP A 1 215 ? 13.316  1.511   -13.060 1.00 45.92 ? 182 ASP A CB    1 
ATOM   1270 C CG    . ASP A 1 215 ? 13.205  1.083   -14.508 1.00 48.04 ? 182 ASP A CG    1 
ATOM   1271 O OD1   . ASP A 1 215 ? 12.282  0.312   -14.851 1.00 47.99 ? 182 ASP A OD1   1 
ATOM   1272 O OD2   . ASP A 1 215 ? 14.057  1.520   -15.312 1.00 53.96 ? 182 ASP A OD2   1 
ATOM   1273 N N     . ALA A 1 216 ? 10.693  -0.829  -12.107 1.00 42.13 ? 183 ALA A N     1 
ATOM   1274 C CA    . ALA A 1 216 ? 10.431  -2.241  -11.883 1.00 41.10 ? 183 ALA A CA    1 
ATOM   1275 C C     . ALA A 1 216 ? 10.856  -3.116  -13.053 1.00 45.52 ? 183 ALA A C     1 
ATOM   1276 O O     . ALA A 1 216 ? 10.620  -4.332  -12.999 1.00 45.10 ? 183 ALA A O     1 
ATOM   1277 C CB    . ALA A 1 216 ? 8.947   -2.464  -11.584 1.00 43.22 ? 183 ALA A CB    1 
ATOM   1278 N N     . SER A 1 217 ? 11.469  -2.538  -14.092 1.00 45.21 ? 184 SER A N     1 
ATOM   1279 C CA    . SER A 1 217 ? 12.009  -3.319  -15.202 1.00 51.47 ? 184 SER A CA    1 
ATOM   1280 C C     . SER A 1 217 ? 13.422  -3.832  -14.936 1.00 49.24 ? 184 SER A C     1 
ATOM   1281 O O     . SER A 1 217 ? 13.814  -4.860  -15.506 1.00 44.80 ? 184 SER A O     1 
ATOM   1282 C CB    . SER A 1 217 ? 12.008  -2.489  -16.492 1.00 46.77 ? 184 SER A CB    1 
ATOM   1283 O OG    . SER A 1 217 ? 12.877  -1.374  -16.385 1.00 47.17 ? 184 SER A OG    1 
ATOM   1284 N N     . LEU A 1 218 ? 14.191  -3.145  -14.084 1.00 45.49 ? 185 LEU A N     1 
ATOM   1285 C CA    . LEU A 1 218 ? 15.545  -3.566  -13.734 1.00 46.06 ? 185 LEU A CA    1 
ATOM   1286 C C     . LEU A 1 218 ? 15.523  -4.933  -13.059 1.00 46.60 ? 185 LEU A C     1 
ATOM   1287 O O     . LEU A 1 218 ? 14.451  -5.521  -12.879 1.00 45.71 ? 185 LEU A O     1 
ATOM   1288 C CB    . LEU A 1 218 ? 16.210  -2.537  -12.825 1.00 40.76 ? 185 LEU A CB    1 
ATOM   1289 C CG    . LEU A 1 218 ? 16.059  -1.093  -13.277 1.00 47.36 ? 185 LEU A CG    1 
ATOM   1290 C CD1   . LEU A 1 218 ? 16.786  -0.168  -12.336 1.00 45.66 ? 185 LEU A CD1   1 
ATOM   1291 C CD2   . LEU A 1 218 ? 16.587  -0.939  -14.694 1.00 48.84 ? 185 LEU A CD2   1 
ATOM   1292 N N     . THR A 1 219 ? 16.684  -5.401  -12.631 1.00 44.54 ? 186 THR A N     1 
ATOM   1293 C CA    . THR A 1 219 ? 16.733  -6.737  -12.007 1.00 39.35 ? 186 THR A CA    1 
ATOM   1294 C C     . THR A 1 219 ? 16.178  -6.756  -10.589 1.00 44.12 ? 186 THR A C     1 
ATOM   1295 O O     . THR A 1 219 ? 16.197  -5.751  -9.989  1.00 41.06 ? 186 THR A O     1 
ATOM   1296 C CB    . THR A 1 219 ? 18.144  -7.096  -11.573 1.00 51.40 ? 186 THR A CB    1 
ATOM   1297 O OG1   . THR A 1 219 ? 19.047  -6.061  -11.975 1.00 48.53 ? 186 THR A OG1   1 
ATOM   1298 C CG2   . THR A 1 219 ? 18.451  -8.531  -11.932 1.00 49.78 ? 186 THR A CG2   1 
ATOM   1299 N N     . VAL A 1 220 ? 15.746  -7.926  -10.151 1.00 41.77 ? 187 VAL A N     1 
ATOM   1300 C CA    . VAL A 1 220 ? 15.198  -8.153  -8.800  1.00 45.87 ? 187 VAL A CA    1 
ATOM   1301 C C     . VAL A 1 220 ? 16.192  -7.601  -7.795  1.00 47.32 ? 187 VAL A C     1 
ATOM   1302 O O     . VAL A 1 220 ? 15.803  -6.808  -6.998  1.00 44.36 ? 187 VAL A O     1 
ATOM   1303 C CB    . VAL A 1 220 ? 14.962  -9.638  -8.554  1.00 47.19 ? 187 VAL A CB    1 
ATOM   1304 C CG1   . VAL A 1 220 ? 14.649  -9.888  -7.106  1.00 48.76 ? 187 VAL A CG1   1 
ATOM   1305 C CG2   . VAL A 1 220 ? 13.859  -10.201 -9.408  1.00 49.96 ? 187 VAL A CG2   1 
ATOM   1306 N N     . GLU A 1 221 ? 17.430  -8.057  -7.842  1.00 48.11 ? 188 GLU A N     1 
ATOM   1307 C CA    . GLU A 1 221 ? 18.443  -7.584  -6.883  1.00 46.86 ? 188 GLU A CA    1 
ATOM   1308 C C     . GLU A 1 221 ? 18.666  -6.087  -7.094  1.00 43.38 ? 188 GLU A C     1 
ATOM   1309 O O     . GLU A 1 221 ? 18.848  -5.389  -6.144  1.00 43.63 ? 188 GLU A O     1 
ATOM   1310 C CB    . GLU A 1 221 ? 19.687  -8.468  -7.024  1.00 47.79 ? 188 GLU A CB    1 
ATOM   1311 C CG    . GLU A 1 221 ? 20.385  -8.706  -5.718  1.00 51.78 ? 188 GLU A CG    1 
ATOM   1312 C CD    . GLU A 1 221 ? 19.536  -9.082  -4.520  1.00 53.97 ? 188 GLU A CD    1 
ATOM   1313 O OE1   . GLU A 1 221 ? 19.039  -10.206 -4.457  1.00 54.79 ? 188 GLU A OE1   1 
ATOM   1314 O OE2   . GLU A 1 221 ? 19.439  -8.273  -3.638  1.00 53.31 ? 188 GLU A OE2   1 
ATOM   1315 N N     . GLU A 1 222 ? 18.617  -5.616  -8.317  1.00 42.61 ? 189 GLU A N     1 
ATOM   1316 C CA    . GLU A 1 222 ? 18.847  -4.175  -8.543  1.00 42.18 ? 189 GLU A CA    1 
ATOM   1317 C C     . GLU A 1 222 ? 17.696  -3.332  -7.976  1.00 41.83 ? 189 GLU A C     1 
ATOM   1318 O O     . GLU A 1 222 ? 17.948  -2.264  -7.451  1.00 40.60 ? 189 GLU A O     1 
ATOM   1319 C CB    . GLU A 1 222 ? 18.956  -3.997  -10.042 1.00 47.50 ? 189 GLU A CB    1 
ATOM   1320 C CG    . GLU A 1 222 ? 18.786  -2.580  -10.492 1.00 48.57 ? 189 GLU A CG    1 
ATOM   1321 C CD    . GLU A 1 222 ? 19.926  -1.615  -10.267 1.00 55.20 ? 189 GLU A CD    1 
ATOM   1322 O OE1   . GLU A 1 222 ? 20.110  -1.199  -9.129  1.00 56.43 ? 189 GLU A OE1   1 
ATOM   1323 O OE2   . GLU A 1 222 ? 20.583  -1.250  -11.248 1.00 57.83 ? 189 GLU A OE2   1 
ATOM   1324 N N     . ILE A 1 223 ? 16.474  -3.801  -8.144  1.00 40.91 ? 190 ILE A N     1 
ATOM   1325 C CA    . ILE A 1 223 ? 15.312  -3.052  -7.601  1.00 41.72 ? 190 ILE A CA    1 
ATOM   1326 C C     . ILE A 1 223 ? 15.471  -3.059  -6.082  1.00 36.98 ? 190 ILE A C     1 
ATOM   1327 O O     . ILE A 1 223 ? 15.410  -2.040  -5.505  1.00 37.27 ? 190 ILE A O     1 
ATOM   1328 C CB    . ILE A 1 223 ? 13.979  -3.664  -8.053  1.00 38.65 ? 190 ILE A CB    1 
ATOM   1329 C CG1   . ILE A 1 223 ? 13.823  -3.596  -9.568  1.00 39.06 ? 190 ILE A CG1   1 
ATOM   1330 C CG2   . ILE A 1 223 ? 12.839  -2.938  -7.377  1.00 36.67 ? 190 ILE A CG2   1 
ATOM   1331 C CD1   . ILE A 1 223 ? 12.849  -4.585  -10.081 1.00 41.93 ? 190 ILE A CD1   1 
ATOM   1332 N N     . SER A 1 224 ? 15.672  -4.221  -5.512  1.00 39.94 ? 191 SER A N     1 
ATOM   1333 C CA    . SER A 1 224 ? 15.894  -4.331  -4.070  1.00 36.39 ? 191 SER A CA    1 
ATOM   1334 C C     . SER A 1 224 ? 16.890  -3.289  -3.571  1.00 38.92 ? 191 SER A C     1 
ATOM   1335 O O     . SER A 1 224 ? 16.666  -2.640  -2.539  1.00 32.63 ? 191 SER A O     1 
ATOM   1336 C CB    . SER A 1 224 ? 16.381  -5.746  -3.738  1.00 37.99 ? 191 SER A CB    1 
ATOM   1337 O OG    . SER A 1 224 ? 16.407  -5.998  -2.344  1.00 41.03 ? 191 SER A OG    1 
ATOM   1338 N N     . GLU A 1 225 ? 17.995  -3.114  -4.298  1.00 37.19 ? 192 GLU A N     1 
ATOM   1339 C CA    . GLU A 1 225 ? 19.008  -2.139  -3.909  1.00 39.13 ? 192 GLU A CA    1 
ATOM   1340 C C     . GLU A 1 225 ? 18.468  -0.716  -3.957  1.00 37.85 ? 192 GLU A C     1 
ATOM   1341 O O     . GLU A 1 225 ? 18.741  0.092   -3.061  1.00 36.36 ? 192 GLU A O     1 
ATOM   1342 C CB    . GLU A 1 225 ? 20.225  -2.277  -4.828  1.00 41.92 ? 192 GLU A CB    1 
ATOM   1343 C CG    . GLU A 1 225 ? 21.348  -1.313  -4.520  1.00 42.93 ? 192 GLU A CG    1 
ATOM   1344 C CD    . GLU A 1 225 ? 22.011  -1.608  -3.186  1.00 46.99 ? 192 GLU A CD    1 
ATOM   1345 O OE1   . GLU A 1 225 ? 21.845  -2.735  -2.670  1.00 48.51 ? 192 GLU A OE1   1 
ATOM   1346 O OE2   . GLU A 1 225 ? 22.711  -0.715  -2.663  1.00 47.65 ? 192 GLU A OE2   1 
ATOM   1347 N N     . ASN A 1 226 ? 17.733  -0.380  -5.019  1.00 36.94 ? 193 ASN A N     1 
ATOM   1348 C CA    . ASN A 1 226 ? 17.202  0.969   -5.155  1.00 33.93 ? 193 ASN A CA    1 
ATOM   1349 C C     . ASN A 1 226 ? 16.142  1.249   -4.101  1.00 32.34 ? 193 ASN A C     1 
ATOM   1350 O O     . ASN A 1 226 ? 16.037  2.376   -3.602  1.00 30.47 ? 193 ASN A O     1 
ATOM   1351 C CB    . ASN A 1 226 ? 16.613  1.165   -6.546  1.00 35.43 ? 193 ASN A CB    1 
ATOM   1352 C CG    . ASN A 1 226 ? 17.670  1.416   -7.591  1.00 43.78 ? 193 ASN A CG    1 
ATOM   1353 O OD1   . ASN A 1 226 ? 17.765  0.688   -8.576  1.00 46.08 ? 193 ASN A OD1   1 
ATOM   1354 N ND2   . ASN A 1 226 ? 18.475  2.447   -7.380  1.00 40.84 ? 193 ASN A ND2   1 
ATOM   1355 N N     . VAL A 1 227 ? 15.352  0.237   -3.750  1.00 32.26 ? 194 VAL A N     1 
ATOM   1356 C CA    . VAL A 1 227 ? 14.351  0.429   -2.711  1.00 32.75 ? 194 VAL A CA    1 
ATOM   1357 C C     . VAL A 1 227 ? 15.029  0.659   -1.374  1.00 31.85 ? 194 VAL A C     1 
ATOM   1358 O O     . VAL A 1 227 ? 14.675  1.583   -0.635  1.00 29.49 ? 194 VAL A O     1 
ATOM   1359 C CB    . VAL A 1 227 ? 13.391  -0.768  -2.671  1.00 34.68 ? 194 VAL A CB    1 
ATOM   1360 C CG1   . VAL A 1 227 ? 12.599  -0.766  -1.372  1.00 26.67 ? 194 VAL A CG1   1 
ATOM   1361 C CG2   . VAL A 1 227 ? 12.469  -0.717  -3.875  1.00 31.15 ? 194 VAL A CG2   1 
ATOM   1362 N N     . TRP A 1 228 ? 16.041  -0.155  -1.056  1.00 30.63 ? 195 TRP A N     1 
ATOM   1363 C CA    . TRP A 1 228 ? 16.777  0.062   0.182   1.00 31.19 ? 195 TRP A CA    1 
ATOM   1364 C C     . TRP A 1 228 ? 17.318  1.485   0.262   1.00 28.62 ? 195 TRP A C     1 
ATOM   1365 O O     . TRP A 1 228 ? 17.212  2.144   1.306   1.00 30.70 ? 195 TRP A O     1 
ATOM   1366 C CB    . TRP A 1 228 ? 17.922  -0.953  0.314   1.00 31.12 ? 195 TRP A CB    1 
ATOM   1367 C CG    . TRP A 1 228 ? 18.690  -0.667  1.532   1.00 28.08 ? 195 TRP A CG    1 
ATOM   1368 C CD1   . TRP A 1 228 ? 19.922  -0.076  1.608   1.00 34.81 ? 195 TRP A CD1   1 
ATOM   1369 C CD2   . TRP A 1 228 ? 18.251  -0.862  2.884   1.00 28.34 ? 195 TRP A CD2   1 
ATOM   1370 N NE1   . TRP A 1 228 ? 20.287  0.082   2.929   1.00 28.48 ? 195 TRP A NE1   1 
ATOM   1371 C CE2   . TRP A 1 228 ? 19.280  -0.395  3.729   1.00 27.48 ? 195 TRP A CE2   1 
ATOM   1372 C CE3   . TRP A 1 228 ? 17.094  -1.408  3.461   1.00 29.87 ? 195 TRP A CE3   1 
ATOM   1373 C CZ2   . TRP A 1 228 ? 19.182  -0.435  5.121   1.00 28.04 ? 195 TRP A CZ2   1 
ATOM   1374 C CZ3   . TRP A 1 228 ? 17.004  -1.463  4.844   1.00 29.85 ? 195 TRP A CZ3   1 
ATOM   1375 C CH2   . TRP A 1 228 ? 18.053  -0.982  5.663   1.00 27.65 ? 195 TRP A CH2   1 
ATOM   1376 N N     . ASN A 1 229 ? 17.881  1.986   -0.838  1.00 32.95 ? 196 ASN A N     1 
ATOM   1377 C CA    . ASN A 1 229 ? 18.484  3.312   -0.818  1.00 31.11 ? 196 ASN A CA    1 
ATOM   1378 C C     . ASN A 1 229 ? 17.444  4.402   -0.582  1.00 31.92 ? 196 ASN A C     1 
ATOM   1379 O O     . ASN A 1 229 ? 17.765  5.451   -0.015  1.00 35.24 ? 196 ASN A O     1 
ATOM   1380 C CB    . ASN A 1 229 ? 19.252  3.557   -2.123  1.00 32.13 ? 196 ASN A CB    1 
ATOM   1381 C CG    . ASN A 1 229 ? 20.523  2.698   -2.230  1.00 39.82 ? 196 ASN A CG    1 
ATOM   1382 O OD1   . ASN A 1 229 ? 21.047  2.204   -1.223  1.00 37.23 ? 196 ASN A OD1   1 
ATOM   1383 N ND2   . ASN A 1 229 ? 21.016  2.522   -3.444  1.00 42.29 ? 196 ASN A ND2   1 
ATOM   1384 N N     . LEU A 1 230 ? 16.197  4.182   -0.990  1.00 32.24 ? 197 LEU A N     1 
ATOM   1385 C CA    . LEU A 1 230 ? 15.173  5.171   -0.670  1.00 32.16 ? 197 LEU A CA    1 
ATOM   1386 C C     . LEU A 1 230 ? 14.662  5.010   0.760   1.00 32.35 ? 197 LEU A C     1 
ATOM   1387 O O     . LEU A 1 230 ? 14.408  6.004   1.444   1.00 33.60 ? 197 LEU A O     1 
ATOM   1388 C CB    . LEU A 1 230 ? 14.013  5.076   -1.659  1.00 33.35 ? 197 LEU A CB    1 
ATOM   1389 C CG    . LEU A 1 230 ? 14.301  5.289   -3.143  1.00 39.37 ? 197 LEU A CG    1 
ATOM   1390 C CD1   . LEU A 1 230 ? 13.180  4.697   -3.985  1.00 36.86 ? 197 LEU A CD1   1 
ATOM   1391 C CD2   . LEU A 1 230 ? 14.466  6.774   -3.446  1.00 39.81 ? 197 LEU A CD2   1 
ATOM   1392 N N     . VAL A 1 231 ? 14.530  3.773   1.238   1.00 30.50 ? 198 VAL A N     1 
ATOM   1393 C CA    . VAL A 1 231 ? 13.835  3.537   2.503   1.00 27.20 ? 198 VAL A CA    1 
ATOM   1394 C C     . VAL A 1 231 ? 14.750  3.786   3.700   1.00 29.75 ? 198 VAL A C     1 
ATOM   1395 O O     . VAL A 1 231 ? 14.322  4.353   4.714   1.00 28.57 ? 198 VAL A O     1 
ATOM   1396 C CB    . VAL A 1 231 ? 13.263  2.109   2.511   1.00 27.99 ? 198 VAL A CB    1 
ATOM   1397 C CG1   . VAL A 1 231 ? 12.844  1.692   3.924   1.00 27.12 ? 198 VAL A CG1   1 
ATOM   1398 C CG2   . VAL A 1 231 ? 12.091  2.011   1.522   1.00 30.51 ? 198 VAL A CG2   1 
ATOM   1399 N N     . ALA A 1 232 ? 16.016  3.379   3.605   1.00 28.45 ? 199 ALA A N     1 
ATOM   1400 C CA    . ALA A 1 232 ? 16.932  3.481   4.742   1.00 29.37 ? 199 ALA A CA    1 
ATOM   1401 C C     . ALA A 1 232 ? 16.930  4.851   5.415   1.00 29.03 ? 199 ALA A C     1 
ATOM   1402 O O     . ALA A 1 232 ? 16.823  4.900   6.647   1.00 28.97 ? 199 ALA A O     1 
ATOM   1403 C CB    . ALA A 1 232 ? 18.346  3.074   4.297   1.00 32.44 ? 199 ALA A CB    1 
ATOM   1404 N N     . PRO A 1 233 ? 17.011  5.978   4.702   1.00 32.14 ? 200 PRO A N     1 
ATOM   1405 C CA    . PRO A 1 233 ? 16.944  7.270   5.408   1.00 34.43 ? 200 PRO A CA    1 
ATOM   1406 C C     . PRO A 1 233 ? 15.646  7.478   6.183   1.00 36.67 ? 200 PRO A C     1 
ATOM   1407 O O     . PRO A 1 233 ? 15.658  8.134   7.231   1.00 33.24 ? 200 PRO A O     1 
ATOM   1408 C CB    . PRO A 1 233 ? 17.106  8.289   4.271   1.00 36.38 ? 200 PRO A CB    1 
ATOM   1409 C CG    . PRO A 1 233 ? 17.850  7.562   3.232   1.00 37.01 ? 200 PRO A CG    1 
ATOM   1410 C CD    . PRO A 1 233 ? 17.296  6.169   3.269   1.00 36.22 ? 200 PRO A CD    1 
ATOM   1411 N N     . ILE A 1 234 ? 14.535  6.892   5.730   1.00 33.37 ? 201 ILE A N     1 
ATOM   1412 C CA    . ILE A 1 234 ? 13.266  7.069   6.438   1.00 35.33 ? 201 ILE A CA    1 
ATOM   1413 C C     . ILE A 1 234 ? 13.272  6.314   7.761   1.00 36.64 ? 201 ILE A C     1 
ATOM   1414 O O     . ILE A 1 234 ? 12.742  6.799   8.772   1.00 33.93 ? 201 ILE A O     1 
ATOM   1415 C CB    . ILE A 1 234 ? 12.098  6.634   5.534   1.00 35.92 ? 201 ILE A CB    1 
ATOM   1416 C CG1   . ILE A 1 234 ? 11.832  7.712   4.486   1.00 40.59 ? 201 ILE A CG1   1 
ATOM   1417 C CG2   . ILE A 1 234 ? 10.840  6.358   6.355   1.00 36.51 ? 201 ILE A CG2   1 
ATOM   1418 C CD1   . ILE A 1 234 ? 11.640  7.176   3.079   1.00 39.87 ? 201 ILE A CD1   1 
ATOM   1419 N N     . LEU A 1 235 ? 13.874  5.117   7.782   1.00 33.76 ? 202 LEU A N     1 
ATOM   1420 C CA    . LEU A 1 235 ? 13.916  4.322   9.006   1.00 34.15 ? 202 LEU A CA    1 
ATOM   1421 C C     . LEU A 1 235 ? 14.583  5.085   10.139  1.00 37.91 ? 202 LEU A C     1 
ATOM   1422 O O     . LEU A 1 235 ? 14.169  4.981   11.302  1.00 42.54 ? 202 LEU A O     1 
ATOM   1423 C CB    . LEU A 1 235 ? 14.659  3.014   8.762   1.00 31.08 ? 202 LEU A CB    1 
ATOM   1424 C CG    . LEU A 1 235 ? 14.162  2.165   7.602   1.00 30.17 ? 202 LEU A CG    1 
ATOM   1425 C CD1   . LEU A 1 235 ? 15.070  0.969   7.432   1.00 27.46 ? 202 LEU A CD1   1 
ATOM   1426 C CD2   . LEU A 1 235 ? 12.715  1.748   7.881   1.00 28.16 ? 202 LEU A CD2   1 
ATOM   1427 N N     . ASP A 1 236 ? 15.632  5.842   9.821   1.00 35.81 ? 203 ASP A N     1 
ATOM   1428 C CA    . ASP A 1 236 ? 16.308  6.644   10.837  1.00 39.96 ? 203 ASP A CA    1 
ATOM   1429 C C     . ASP A 1 236 ? 15.453  7.829   11.276  1.00 42.39 ? 203 ASP A C     1 
ATOM   1430 O O     . ASP A 1 236 ? 15.385  8.149   12.469  1.00 49.68 ? 203 ASP A O     1 
ATOM   1431 C CB    . ASP A 1 236 ? 17.659  7.133   10.300  1.00 34.85 ? 203 ASP A CB    1 
ATOM   1432 C CG    . ASP A 1 236 ? 18.619  5.992   9.980   1.00 41.52 ? 203 ASP A CG    1 
ATOM   1433 O OD1   . ASP A 1 236 ? 18.406  4.862   10.485  1.00 37.23 ? 203 ASP A OD1   1 
ATOM   1434 O OD2   . ASP A 1 236 ? 19.600  6.232   9.230   1.00 39.11 ? 203 ASP A OD2   1 
ATOM   1435 N N     . ASN A 1 237 ? 14.779  8.482   10.330  1.00 44.21 ? 204 ASN A N     1 
ATOM   1436 C CA    . ASN A 1 237 ? 14.228  9.811   10.568  1.00 44.84 ? 204 ASN A CA    1 
ATOM   1437 C C     . ASN A 1 237 ? 12.886  9.809   11.292  1.00 44.69 ? 204 ASN A C     1 
ATOM   1438 O O     . ASN A 1 237 ? 12.524  10.833  11.882  1.00 43.95 ? 204 ASN A O     1 
ATOM   1439 C CB    . ASN A 1 237 ? 14.072  10.545  9.239   1.00 43.65 ? 204 ASN A CB    1 
ATOM   1440 C CG    . ASN A 1 237 ? 15.393  11.051  8.689   1.00 53.68 ? 204 ASN A CG    1 
ATOM   1441 O OD1   . ASN A 1 237 ? 16.475  10.652  9.142   1.00 54.84 ? 204 ASN A OD1   1 
ATOM   1442 N ND2   . ASN A 1 237 ? 15.314  11.931  7.697   1.00 56.79 ? 204 ASN A ND2   1 
ATOM   1443 N N     . VAL A 1 238 ? 12.135  8.703   11.271  1.00 42.76 ? 205 VAL A N     1 
ATOM   1444 C CA    . VAL A 1 238 ? 10.757  8.760   11.753  1.00 41.53 ? 205 VAL A CA    1 
ATOM   1445 C C     . VAL A 1 238 ? 10.636  8.602   13.254  1.00 40.79 ? 205 VAL A C     1 
ATOM   1446 O O     . VAL A 1 238 ? 9.602   8.973   13.816  1.00 39.12 ? 205 VAL A O     1 
ATOM   1447 C CB    . VAL A 1 238 ? 9.857   7.682   11.129  1.00 36.26 ? 205 VAL A CB    1 
ATOM   1448 C CG1   . VAL A 1 238 ? 9.613   7.987   9.667   1.00 37.47 ? 205 VAL A CG1   1 
ATOM   1449 C CG2   . VAL A 1 238 ? 10.464  6.298   11.356  1.00 34.58 ? 205 VAL A CG2   1 
ATOM   1450 N N     . SER A 1 239 ? 11.644  8.046   13.920  1.00 42.46 ? 206 SER A N     1 
ATOM   1451 C CA    . SER A 1 239 ? 11.462  7.598   15.293  1.00 41.00 ? 206 SER A CA    1 
ATOM   1452 C C     . SER A 1 239 ? 11.031  8.735   16.215  1.00 42.64 ? 206 SER A C     1 
ATOM   1453 O O     . SER A 1 239 ? 10.002  8.636   16.880  1.00 45.53 ? 206 SER A O     1 
ATOM   1454 C CB    . SER A 1 239 ? 12.746  6.954   15.815  1.00 45.02 ? 206 SER A CB    1 
ATOM   1455 O OG    . SER A 1 239 ? 12.514  6.351   17.070  1.00 52.81 ? 206 SER A OG    1 
ATOM   1456 N N     . LYS A 1 241 ? 8.809   10.890  15.543  1.00 40.33 ? 208 LYS A N     1 
ATOM   1457 C CA    . LYS A 1 241 ? 7.776   11.664  14.859  1.00 44.37 ? 208 LYS A CA    1 
ATOM   1458 C C     . LYS A 1 241 ? 6.374   11.206  15.235  1.00 43.88 ? 208 LYS A C     1 
ATOM   1459 O O     . LYS A 1 241 ? 6.168   10.065  15.656  1.00 43.69 ? 208 LYS A O     1 
ATOM   1460 C CB    . LYS A 1 241 ? 7.942   11.571  13.344  1.00 44.46 ? 208 LYS A CB    1 
ATOM   1461 C CG    . LYS A 1 241 ? 8.742   12.705  12.733  1.00 47.48 ? 208 LYS A CG    1 
ATOM   1462 C CD    . LYS A 1 241 ? 9.677   12.182  11.662  1.00 45.56 ? 208 LYS A CD    1 
ATOM   1463 C CE    . LYS A 1 241 ? 9.931   13.218  10.587  1.00 55.91 ? 208 LYS A CE    1 
ATOM   1464 N NZ    . LYS A 1 241 ? 10.426  14.502  11.158  1.00 59.24 ? 208 LYS A NZ    1 
ATOM   1465 N N     . SER A 1 242 ? 5.412   12.109  15.082  1.00 42.02 ? 209 SER A N     1 
ATOM   1466 C CA    . SER A 1 242 ? 4.017   11.745  15.247  1.00 41.74 ? 209 SER A CA    1 
ATOM   1467 C C     . SER A 1 242 ? 3.552   10.903  14.065  1.00 36.79 ? 209 SER A C     1 
ATOM   1468 O O     . SER A 1 242 ? 4.090   10.994  12.957  1.00 32.82 ? 209 SER A O     1 
ATOM   1469 C CB    . SER A 1 242 ? 3.144   12.996  15.370  1.00 43.07 ? 209 SER A CB    1 
ATOM   1470 O OG    . SER A 1 242 ? 3.001   13.393  16.727  1.00 46.66 ? 209 SER A OG    1 
ATOM   1471 N N     . LEU A 1 243 ? 2.555   10.063  14.324  1.00 38.04 ? 210 LEU A N     1 
ATOM   1472 C CA    . LEU A 1 243 ? 1.871   9.341   13.265  1.00 33.53 ? 210 LEU A CA    1 
ATOM   1473 C C     . LEU A 1 243 ? 1.140   10.322  12.347  1.00 36.04 ? 210 LEU A C     1 
ATOM   1474 O O     . LEU A 1 243 ? 0.658   11.372  12.781  1.00 36.41 ? 210 LEU A O     1 
ATOM   1475 C CB    . LEU A 1 243 ? 0.885   8.346   13.875  1.00 32.48 ? 210 LEU A CB    1 
ATOM   1476 C CG    . LEU A 1 243 ? 1.396   7.178   14.720  1.00 35.73 ? 210 LEU A CG    1 
ATOM   1477 C CD1   . LEU A 1 243 ? 0.225   6.478   15.426  1.00 34.05 ? 210 LEU A CD1   1 
ATOM   1478 C CD2   . LEU A 1 243 ? 2.174   6.197   13.859  1.00 35.50 ? 210 LEU A CD2   1 
ATOM   1479 N N     . MET A 1 244 ? 1.082   9.983   11.061  1.00 33.44 ? 211 MET A N     1 
ATOM   1480 C CA    . MET A 1 244 ? 0.349   10.765  10.076  1.00 31.36 ? 211 MET A CA    1 
ATOM   1481 C C     . MET A 1 244 ? -0.875  9.982   9.621   1.00 27.47 ? 211 MET A C     1 
ATOM   1482 O O     . MET A 1 244 ? -0.864  8.750   9.608   1.00 26.80 ? 211 MET A O     1 
ATOM   1483 C CB    . MET A 1 244 ? 1.218   11.104  8.871   1.00 34.14 ? 211 MET A CB    1 
ATOM   1484 C CG    . MET A 1 244 ? 2.352   12.081  9.135   1.00 41.52 ? 211 MET A CG    1 
ATOM   1485 S SD    . MET A 1 244 ? 2.890   12.784  7.555   1.00 53.10 ? 211 MET A SD    1 
ATOM   1486 C CE    . MET A 1 244 ? 1.764   14.183  7.424   1.00 45.62 ? 211 MET A CE    1 
ATOM   1487 N N     . PHE A 1 245 ? -1.935  10.700  9.243   1.00 26.60 ? 212 PHE A N     1 
ATOM   1488 C CA    . PHE A 1 245 ? -3.195  10.063  8.884   1.00 24.63 ? 212 PHE A CA    1 
ATOM   1489 C C     . PHE A 1 245 ? -3.722  10.617  7.566   1.00 20.12 ? 212 PHE A C     1 
ATOM   1490 O O     . PHE A 1 245 ? -3.300  11.674  7.090   1.00 21.97 ? 212 PHE A O     1 
ATOM   1491 C CB    . PHE A 1 245 ? -4.235  10.232  9.992   1.00 22.40 ? 212 PHE A CB    1 
ATOM   1492 C CG    . PHE A 1 245 ? -3.810  9.634   11.306  1.00 25.26 ? 212 PHE A CG    1 
ATOM   1493 C CD1   . PHE A 1 245 ? -4.233  8.367   11.668  1.00 24.57 ? 212 PHE A CD1   1 
ATOM   1494 C CD2   . PHE A 1 245 ? -2.955  10.322  12.158  1.00 25.75 ? 212 PHE A CD2   1 
ATOM   1495 C CE1   . PHE A 1 245 ? -3.839  7.798   12.861  1.00 25.04 ? 212 PHE A CE1   1 
ATOM   1496 C CE2   . PHE A 1 245 ? -2.551  9.752   13.351  1.00 25.47 ? 212 PHE A CE2   1 
ATOM   1497 C CZ    . PHE A 1 245 ? -3.001  8.486   13.698  1.00 25.52 ? 212 PHE A CZ    1 
ATOM   1498 N N     . LEU A 1 246 ? -4.624  9.855   6.953   1.00 19.73 ? 213 LEU A N     1 
ATOM   1499 C CA    . LEU A 1 246 ? -5.208  10.268  5.689   1.00 19.32 ? 213 LEU A CA    1 
ATOM   1500 C C     . LEU A 1 246 ? -6.327  11.239  6.004   1.00 22.19 ? 213 LEU A C     1 
ATOM   1501 O O     . LEU A 1 246 ? -7.326  10.806  6.575   1.00 20.65 ? 213 LEU A O     1 
ATOM   1502 C CB    . LEU A 1 246 ? -5.742  9.052   4.908   1.00 22.53 ? 213 LEU A CB    1 
ATOM   1503 C CG    . LEU A 1 246 ? -4.704  8.019   4.437   1.00 21.95 ? 213 LEU A CG    1 
ATOM   1504 C CD1   . LEU A 1 246 ? -5.403  6.869   3.705   1.00 24.44 ? 213 LEU A CD1   1 
ATOM   1505 C CD2   . LEU A 1 246 ? -3.686  8.706   3.533   1.00 22.30 ? 213 LEU A CD2   1 
HETATM 1506 P P     . TMP B 2 .   ? -2.942  -8.987  -4.590  1.00 48.09 ? 301 TMP A P     1 
HETATM 1507 O O1P   . TMP B 2 .   ? -3.376  -9.865  -3.516  1.00 42.39 ? 301 TMP A O1P   1 
HETATM 1508 O O2P   . TMP B 2 .   ? -1.945  -8.007  -4.218  1.00 41.14 ? 301 TMP A O2P   1 
HETATM 1509 O O3P   . TMP B 2 .   ? -2.561  -9.740  -5.743  1.00 45.92 ? 301 TMP A O3P   1 
HETATM 1510 O "O5'" . TMP B 2 .   ? -4.191  -8.067  -4.947  1.00 40.65 ? 301 TMP A "O5'" 1 
HETATM 1511 C "C5'" . TMP B 2 .   ? -5.479  -8.596  -5.074  1.00 37.96 ? 301 TMP A "C5'" 1 
HETATM 1512 C "C4'" . TMP B 2 .   ? -6.257  -7.757  -6.059  1.00 32.85 ? 301 TMP A "C4'" 1 
HETATM 1513 O "O4'" . TMP B 2 .   ? -7.122  -6.833  -5.380  1.00 26.94 ? 301 TMP A "O4'" 1 
HETATM 1514 C "C3'" . TMP B 2 .   ? -5.443  -6.960  -7.058  1.00 35.12 ? 301 TMP A "C3'" 1 
HETATM 1515 O "O3'" . TMP B 2 .   ? -5.926  -7.205  -8.368  1.00 32.97 ? 301 TMP A "O3'" 1 
HETATM 1516 C "C2'" . TMP B 2 .   ? -5.650  -5.528  -6.617  1.00 34.61 ? 301 TMP A "C2'" 1 
HETATM 1517 C "C1'" . TMP B 2 .   ? -7.016  -5.574  -5.985  1.00 35.44 ? 301 TMP A "C1'" 1 
HETATM 1518 N N1    . TMP B 2 .   ? -7.328  -4.535  -4.996  1.00 28.88 ? 301 TMP A N1    1 
HETATM 1519 C C2    . TMP B 2 .   ? -8.428  -3.746  -5.239  1.00 29.47 ? 301 TMP A C2    1 
HETATM 1520 O O2    . TMP B 2 .   ? -9.141  -3.915  -6.195  1.00 26.46 ? 301 TMP A O2    1 
HETATM 1521 N N3    . TMP B 2 .   ? -8.695  -2.806  -4.285  1.00 24.05 ? 301 TMP A N3    1 
HETATM 1522 C C4    . TMP B 2 .   ? -7.970  -2.575  -3.139  1.00 24.37 ? 301 TMP A C4    1 
HETATM 1523 O O4    . TMP B 2 .   ? -8.296  -1.710  -2.386  1.00 22.44 ? 301 TMP A O4    1 
HETATM 1524 C C5    . TMP B 2 .   ? -6.841  -3.443  -2.938  1.00 26.17 ? 301 TMP A C5    1 
HETATM 1525 C C5M   . TMP B 2 .   ? -6.012  -3.239  -1.708  1.00 25.54 ? 301 TMP A C5M   1 
HETATM 1526 C C6    . TMP B 2 .   ? -6.582  -4.375  -3.864  1.00 26.62 ? 301 TMP A C6    1 
HETATM 1527 O O     . HOH C 3 .   ? -15.485 16.760  -6.795  1.00 35.51 ? 401 HOH A O     1 
HETATM 1528 O O     . HOH C 3 .   ? 16.510  -10.643 0.663   1.00 34.10 ? 402 HOH A O     1 
HETATM 1529 O O     . HOH C 3 .   ? -19.453 5.509   -16.724 1.00 41.07 ? 403 HOH A O     1 
HETATM 1530 O O     . HOH C 3 .   ? -15.269 15.620  -0.116  1.00 44.77 ? 404 HOH A O     1 
HETATM 1531 O O     . HOH C 3 .   ? -10.224 6.127   0.016   1.00 29.96 ? 405 HOH A O     1 
HETATM 1532 O O     . HOH C 3 .   ? -22.453 7.630   -3.934  1.00 31.17 ? 406 HOH A O     1 
HETATM 1533 O O     . HOH C 3 .   ? -16.312 7.573   -13.994 1.00 38.96 ? 407 HOH A O     1 
HETATM 1534 O O     . HOH C 3 .   ? 20.860  7.894   7.807   1.00 45.95 ? 408 HOH A O     1 
HETATM 1535 O O     . HOH C 3 .   ? -16.237 -14.832 4.756   1.00 33.82 ? 409 HOH A O     1 
HETATM 1536 O O     . HOH C 3 .   ? -16.877 14.391  -6.285  1.00 34.23 ? 410 HOH A O     1 
HETATM 1537 O O     . HOH C 3 .   ? -7.260  -9.880  10.119  1.00 33.11 ? 411 HOH A O     1 
HETATM 1538 O O     . HOH C 3 .   ? 12.735  -4.523  -1.852  1.00 31.24 ? 412 HOH A O     1 
HETATM 1539 O O     . HOH C 3 .   ? -11.288 -7.375  7.184   1.00 21.32 ? 413 HOH A O     1 
HETATM 1540 O O     . HOH C 3 .   ? -22.726 -7.758  -3.152  1.00 24.12 ? 414 HOH A O     1 
HETATM 1541 O O     . HOH C 3 .   ? -14.412 -0.522  -6.788  1.00 21.70 ? 415 HOH A O     1 
HETATM 1542 O O     . HOH C 3 .   ? -15.154 4.187   -11.452 1.00 31.72 ? 416 HOH A O     1 
HETATM 1543 O O     . HOH C 3 .   ? -6.410  4.845   11.925  1.00 28.62 ? 417 HOH A O     1 
HETATM 1544 O O     . HOH C 3 .   ? -1.186  -7.363  -1.583  1.00 30.84 ? 418 HOH A O     1 
HETATM 1545 O O     . HOH C 3 .   ? -23.438 2.363   -6.718  1.00 30.14 ? 419 HOH A O     1 
HETATM 1546 O O     . HOH C 3 .   ? 17.448  3.457   12.577  1.00 32.25 ? 420 HOH A O     1 
HETATM 1547 O O     . HOH C 3 .   ? -11.742 -3.277  -6.537  1.00 30.49 ? 421 HOH A O     1 
HETATM 1548 O O     . HOH C 3 .   ? -16.759 -3.477  -9.108  1.00 29.58 ? 422 HOH A O     1 
HETATM 1549 O O     . HOH C 3 .   ? 11.104  -7.649  -8.375  1.00 45.24 ? 423 HOH A O     1 
HETATM 1550 O O     . HOH C 3 .   ? 2.822   8.202   9.372   1.00 35.91 ? 424 HOH A O     1 
HETATM 1551 O O     . HOH C 3 .   ? -24.282 -5.959  -5.395  1.00 35.94 ? 425 HOH A O     1 
HETATM 1552 O O     . HOH C 3 .   ? -12.732 13.602  -0.306  1.00 36.64 ? 426 HOH A O     1 
HETATM 1553 O O     . HOH C 3 .   ? -8.281  8.303   1.235   1.00 35.03 ? 427 HOH A O     1 
HETATM 1554 O O     . HOH C 3 .   ? -6.721  -4.276  13.993  1.00 27.99 ? 428 HOH A O     1 
HETATM 1555 O O     . HOH C 3 .   ? -20.980 1.878   -8.383  1.00 32.14 ? 429 HOH A O     1 
HETATM 1556 O O     . HOH C 3 .   ? 0.252   14.039  12.156  1.00 41.16 ? 430 HOH A O     1 
HETATM 1557 O O     . HOH C 3 .   ? -8.624  -12.532 -12.109 1.00 44.94 ? 431 HOH A O     1 
HETATM 1558 O O     . HOH C 3 .   ? -8.876  -6.708  7.895   1.00 24.62 ? 432 HOH A O     1 
HETATM 1559 O O     . HOH C 3 .   ? -21.580 3.879   -9.722  1.00 40.33 ? 433 HOH A O     1 
HETATM 1560 O O     . HOH C 3 .   ? -1.596  10.268  1.074   1.00 31.59 ? 434 HOH A O     1 
HETATM 1561 O O     . HOH C 3 .   ? -21.380 2.701   -13.613 1.00 40.65 ? 435 HOH A O     1 
HETATM 1562 O O     . HOH C 3 .   ? -4.041  -11.661 3.140   1.00 40.96 ? 436 HOH A O     1 
HETATM 1563 O O     . HOH C 3 .   ? -8.164  -3.896  1.455   1.00 21.07 ? 437 HOH A O     1 
HETATM 1564 O O     . HOH C 3 .   ? 0.358   13.660  17.719  1.00 39.00 ? 438 HOH A O     1 
HETATM 1565 O O     . HOH C 3 .   ? 6.189   -10.208 8.757   1.00 35.62 ? 439 HOH A O     1 
HETATM 1566 O O     . HOH C 3 .   ? -11.032 0.548   -1.965  1.00 19.37 ? 440 HOH A O     1 
HETATM 1567 O O     . HOH C 3 .   ? -15.198 6.522   -0.528  1.00 22.28 ? 441 HOH A O     1 
HETATM 1568 O O     . HOH C 3 .   ? 8.428   -10.277 10.526  1.00 42.69 ? 442 HOH A O     1 
HETATM 1569 O O     . HOH C 3 .   ? 12.392  3.703   14.222  1.00 39.30 ? 443 HOH A O     1 
HETATM 1570 O O     . HOH C 3 .   ? 5.435   13.095  18.251  1.00 53.81 ? 444 HOH A O     1 
HETATM 1571 O O     . HOH C 3 .   ? -10.924 -0.931  -4.492  1.00 22.63 ? 445 HOH A O     1 
HETATM 1572 O O     . HOH C 3 .   ? 11.848  -8.035  12.981  1.00 33.81 ? 446 HOH A O     1 
HETATM 1573 O O     . HOH C 3 .   ? -16.615 19.134  -4.832  1.00 39.70 ? 447 HOH A O     1 
HETATM 1574 O O     . HOH C 3 .   ? -13.229 -11.458 11.004  1.00 33.28 ? 448 HOH A O     1 
HETATM 1575 O O     . HOH C 3 .   ? 14.989  -4.092  -0.448  1.00 30.22 ? 449 HOH A O     1 
HETATM 1576 O O     . HOH C 3 .   ? -18.618 -7.664  -9.542  1.00 35.25 ? 450 HOH A O     1 
HETATM 1577 O O     . HOH C 3 .   ? 3.124   -7.516  -7.578  1.00 41.84 ? 451 HOH A O     1 
HETATM 1578 O O     . HOH C 3 .   ? -6.804  -7.534  -13.916 1.00 45.44 ? 452 HOH A O     1 
HETATM 1579 O O     . HOH C 3 .   ? 20.581  -12.589 -3.259  1.00 40.45 ? 453 HOH A O     1 
HETATM 1580 O O     . HOH C 3 .   ? -14.887 6.502   5.905   1.00 22.42 ? 454 HOH A O     1 
HETATM 1581 O O     . HOH C 3 .   ? -14.071 6.502   -12.338 1.00 41.15 ? 455 HOH A O     1 
HETATM 1582 O O     . HOH C 3 .   ? -3.204  -10.720 5.039   1.00 40.11 ? 456 HOH A O     1 
HETATM 1583 O O     . HOH C 3 .   ? 3.844   17.393  -5.390  1.00 50.26 ? 457 HOH A O     1 
HETATM 1584 O O     . HOH C 3 .   ? -1.330  14.345  7.398   1.00 43.09 ? 458 HOH A O     1 
HETATM 1585 O O     . HOH C 3 .   ? -1.692  13.984  10.137  1.00 27.07 ? 459 HOH A O     1 
HETATM 1586 O O     . HOH C 3 .   ? 18.807  -9.682  -0.445  1.00 46.12 ? 460 HOH A O     1 
HETATM 1587 O O     . HOH C 3 .   ? -9.968  -10.402 -11.774 1.00 41.87 ? 461 HOH A O     1 
HETATM 1588 O O     . HOH C 3 .   ? 3.812   3.873   22.946  1.00 49.20 ? 462 HOH A O     1 
HETATM 1589 O O     . HOH C 3 .   ? -9.382  -7.721  10.613  1.00 31.60 ? 463 HOH A O     1 
HETATM 1590 O O     . HOH C 3 .   ? -11.620 -5.580  -10.268 1.00 38.50 ? 464 HOH A O     1 
HETATM 1591 O O     . HOH C 3 .   ? -23.599 4.760   -8.277  1.00 34.18 ? 465 HOH A O     1 
HETATM 1592 O O     . HOH C 3 .   ? -0.467  15.880  5.618   1.00 48.17 ? 466 HOH A O     1 
HETATM 1593 O O     . HOH C 3 .   ? 3.198   -7.947  -18.737 1.00 45.42 ? 467 HOH A O     1 
HETATM 1594 O O     . HOH C 3 .   ? -9.526  -6.169  -10.903 1.00 39.66 ? 468 HOH A O     1 
HETATM 1595 O O     . HOH C 3 .   ? -8.851  -8.320  -12.330 1.00 43.78 ? 469 HOH A O     1 
HETATM 1596 O O     . HOH C 3 .   ? 4.942   -6.530  -18.772 1.00 56.78 ? 470 HOH A O     1 
# 
loop_
_pdbx_poly_seq_scheme.asym_id 
_pdbx_poly_seq_scheme.entity_id 
_pdbx_poly_seq_scheme.seq_id 
_pdbx_poly_seq_scheme.mon_id 
_pdbx_poly_seq_scheme.ndb_seq_num 
_pdbx_poly_seq_scheme.pdb_seq_num 
_pdbx_poly_seq_scheme.auth_seq_num 
_pdbx_poly_seq_scheme.pdb_mon_id 
_pdbx_poly_seq_scheme.auth_mon_id 
_pdbx_poly_seq_scheme.pdb_strand_id 
_pdbx_poly_seq_scheme.pdb_ins_code 
_pdbx_poly_seq_scheme.hetero 
A 1 1   MET 1   -32 ?   ?   ?   A . n 
A 1 2   GLY 2   -31 ?   ?   ?   A . n 
A 1 3   SER 3   -30 ?   ?   ?   A . n 
A 1 4   SER 4   -29 ?   ?   ?   A . n 
A 1 5   HIS 5   -28 ?   ?   ?   A . n 
A 1 6   HIS 6   -27 ?   ?   ?   A . n 
A 1 7   HIS 7   -26 ?   ?   ?   A . n 
A 1 8   HIS 8   -25 ?   ?   ?   A . n 
A 1 9   HIS 9   -24 ?   ?   ?   A . n 
A 1 10  HIS 10  -23 ?   ?   ?   A . n 
A 1 11  SER 11  -22 ?   ?   ?   A . n 
A 1 12  SER 12  -21 ?   ?   ?   A . n 
A 1 13  GLY 13  -20 ?   ?   ?   A . n 
A 1 14  LEU 14  -19 ?   ?   ?   A . n 
A 1 15  VAL 15  -18 ?   ?   ?   A . n 
A 1 16  PRO 16  -17 ?   ?   ?   A . n 
A 1 17  ARG 17  -16 ?   ?   ?   A . n 
A 1 18  GLY 18  -15 ?   ?   ?   A . n 
A 1 19  SER 19  -14 ?   ?   ?   A . n 
A 1 20  HIS 20  -13 ?   ?   ?   A . n 
A 1 21  MET 21  -12 ?   ?   ?   A . n 
A 1 22  ALA 22  -11 ?   ?   ?   A . n 
A 1 23  SER 23  -10 ?   ?   ?   A . n 
A 1 24  MET 24  -9  ?   ?   ?   A . n 
A 1 25  THR 25  -8  ?   ?   ?   A . n 
A 1 26  GLY 26  -7  ?   ?   ?   A . n 
A 1 27  GLY 27  -6  ?   ?   ?   A . n 
A 1 28  GLN 28  -5  ?   ?   ?   A . n 
A 1 29  GLN 29  -4  ?   ?   ?   A . n 
A 1 30  MET 30  -3  ?   ?   ?   A . n 
A 1 31  GLY 31  -2  ?   ?   ?   A . n 
A 1 32  ARG 32  -1  ?   ?   ?   A . n 
A 1 33  GLY 33  0   ?   ?   ?   A . n 
A 1 34  MET 34  1   ?   ?   ?   A . n 
A 1 35  GLY 35  2   ?   ?   ?   A . n 
A 1 36  SER 36  3   ?   ?   ?   A . n 
A 1 37  ARG 37  4   4   ARG ARG A . n 
A 1 38  ILE 38  5   5   ILE ILE A . n 
A 1 39  ARG 39  6   6   ARG ARG A . n 
A 1 40  GLY 40  7   7   GLY GLY A . n 
A 1 41  ALA 41  8   8   ALA ALA A . n 
A 1 42  PHE 42  9   9   PHE PHE A . n 
A 1 43  ILE 43  10  10  ILE ILE A . n 
A 1 44  VAL 44  11  11  VAL VAL A . n 
A 1 45  PHE 45  12  12  PHE PHE A . n 
A 1 46  GLU 46  13  13  GLU GLU A . n 
A 1 47  GLY 47  14  14  GLY GLY A . n 
A 1 48  CYS 48  15  15  CYS CYS A . n 
A 1 49  ASP 49  16  16  ASP ASP A . n 
A 1 50  ARG 50  17  17  ARG ARG A . n 
A 1 51  ALA 51  18  18  ALA ALA A . n 
A 1 52  GLY 52  19  19  GLY GLY A . n 
A 1 53  LYS 53  20  20  LYS LYS A . n 
A 1 54  SER 54  21  21  SER SER A . n 
A 1 55  LEU 55  22  22  LEU LEU A . n 
A 1 56  GLN 56  23  23  GLN GLN A . n 
A 1 57  SER 57  24  24  SER SER A . n 
A 1 58  ARG 58  25  25  ARG ARG A . n 
A 1 59  LYS 59  26  26  LYS LYS A . n 
A 1 60  LEU 60  27  27  LEU LEU A . n 
A 1 61  VAL 61  28  28  VAL VAL A . n 
A 1 62  GLU 62  29  29  GLU GLU A . n 
A 1 63  ARG 63  30  30  ARG ARG A . n 
A 1 64  ILE 64  31  31  ILE ILE A . n 
A 1 65  LYS 65  32  32  LYS LYS A . n 
A 1 66  ALA 66  33  33  ALA ALA A . n 
A 1 67  ALA 67  34  34  ALA ALA A . n 
A 1 68  GLY 68  35  35  GLY GLY A . n 
A 1 69  GLY 69  36  36  GLY GLY A . n 
A 1 70  ASP 70  37  37  ASP ASP A . n 
A 1 71  VAL 71  38  38  VAL VAL A . n 
A 1 72  ASP 72  39  39  ASP ASP A . n 
A 1 73  LEU 73  40  40  LEU LEU A . n 
A 1 74  ILE 74  41  41  ILE ILE A . n 
A 1 75  SER 75  42  42  SER SER A . n 
A 1 76  PHE 76  43  43  PHE PHE A . n 
A 1 77  PRO 77  44  44  PRO PRO A . n 
A 1 78  ASP 78  45  45  ASP ASP A . n 
A 1 79  ARG 79  46  46  ARG ARG A . n 
A 1 80  SER 80  47  47  SER SER A . n 
A 1 81  SER 81  48  48  SER SER A . n 
A 1 82  ASP 82  49  49  ASP ASP A . n 
A 1 83  LEU 83  50  50  LEU LEU A . n 
A 1 84  GLY 84  51  51  GLY GLY A . n 
A 1 85  LYS 85  52  52  LYS LYS A . n 
A 1 86  PHE 86  53  53  PHE PHE A . n 
A 1 87  ILE 87  54  54  ILE ILE A . n 
A 1 88  ASP 88  55  55  ASP ASP A . n 
A 1 89  ARG 89  56  56  ARG ARG A . n 
A 1 90  TYR 90  57  57  TYR TYR A . n 
A 1 91  LEU 91  58  58  LEU LEU A . n 
A 1 92  LYS 92  59  59  LYS LYS A . n 
A 1 93  LYS 93  60  60  LYS LYS A . n 
A 1 94  GLU 94  61  61  GLU GLU A . n 
A 1 95  VAL 95  62  62  VAL VAL A . n 
A 1 96  GLU 96  63  63  GLU GLU A . n 
A 1 97  MET 97  64  64  MET MET A . n 
A 1 98  ASP 98  65  65  ASP ASP A . n 
A 1 99  PRO 99  66  66  PRO PRO A . n 
A 1 100 LYS 100 67  67  LYS LYS A . n 
A 1 101 GLU 101 68  68  GLU GLU A . n 
A 1 102 ALA 102 69  69  ALA ALA A . n 
A 1 103 HIS 103 70  70  HIS HIS A . n 
A 1 104 LEU 104 71  71  LEU LEU A . n 
A 1 105 VAL 105 72  72  VAL VAL A . n 
A 1 106 PHE 106 73  73  PHE PHE A . n 
A 1 107 ALA 107 74  74  ALA ALA A . n 
A 1 108 ALA 108 75  75  ALA ALA A . n 
A 1 109 ASN 109 76  76  ASN ASN A . n 
A 1 110 ARG 110 77  77  ARG ARG A . n 
A 1 111 GLN 111 78  78  GLN GLN A . n 
A 1 112 ALA 112 79  79  ALA ALA A . n 
A 1 113 LEU 113 80  80  LEU LEU A . n 
A 1 114 MET 114 81  81  MET MET A . n 
A 1 115 PRO 115 82  82  PRO PRO A . n 
A 1 116 LEU 116 83  83  LEU LEU A . n 
A 1 117 MET 117 84  84  MET MET A . n 
A 1 118 MET 118 85  85  MET MET A . n 
A 1 119 LYS 119 86  86  LYS LYS A . n 
A 1 120 LYS 120 87  87  LYS LYS A . n 
A 1 121 LEU 121 88  88  LEU LEU A . n 
A 1 122 LEU 122 89  89  LEU LEU A . n 
A 1 123 LYS 123 90  90  LYS LYS A . n 
A 1 124 GLY 124 91  91  GLY GLY A . n 
A 1 125 THR 125 92  92  THR THR A . n 
A 1 126 HIS 126 93  93  HIS HIS A . n 
A 1 127 LEU 127 94  94  LEU LEU A . n 
A 1 128 VAL 128 95  95  VAL VAL A . n 
A 1 129 VAL 129 96  96  VAL VAL A . n 
A 1 130 ASP 130 97  97  ASP ASP A . n 
A 1 131 ARG 131 98  98  ARG ARG A . n 
A 1 132 TYR 132 99  99  TYR TYR A . n 
A 1 133 ALA 133 100 100 ALA ALA A . n 
A 1 134 TYR 134 101 101 TYR TYR A . n 
A 1 135 SER 135 102 102 SER SER A . n 
A 1 136 GLY 136 103 103 GLY GLY A . n 
A 1 137 ILE 137 104 104 ILE ILE A . n 
A 1 138 ALA 138 105 105 ALA ALA A . n 
A 1 139 TYR 139 106 106 TYR TYR A . n 
A 1 140 THR 140 107 107 THR THR A . n 
A 1 141 LEU 141 108 108 LEU LEU A . n 
A 1 142 ALA 142 109 109 ALA ALA A . n 
A 1 143 LYS 143 110 110 LYS LYS A . n 
A 1 144 GLY 144 111 111 GLY GLY A . n 
A 1 145 ALA 145 112 112 ALA ALA A . n 
A 1 146 ASP 146 113 113 ASP ASP A . n 
A 1 147 ASN 147 114 114 ASN ASN A . n 
A 1 148 ILE 148 115 115 ILE ILE A . n 
A 1 149 THR 149 116 116 THR THR A . n 
A 1 150 MET 150 117 117 MET MET A . n 
A 1 151 GLU 151 118 118 GLU GLU A . n 
A 1 152 TRP 152 119 119 TRP TRP A . n 
A 1 153 ALA 153 120 120 ALA ALA A . n 
A 1 154 LYS 154 121 121 LYS LYS A . n 
A 1 155 LEU 155 122 122 LEU LEU A . n 
A 1 156 ALA 156 123 123 ALA ALA A . n 
A 1 157 ASP 157 124 124 ASP ASP A . n 
A 1 158 MET 158 125 125 MET MET A . n 
A 1 159 GLY 159 126 126 GLY GLY A . n 
A 1 160 GLU 160 127 127 GLU GLU A . n 
A 1 161 LEU 161 128 128 LEU LEU A . n 
A 1 162 ARG 162 129 129 ARG ARG A . n 
A 1 163 PRO 163 130 130 PRO PRO A . n 
A 1 164 ASP 164 131 131 ASP ASP A . n 
A 1 165 CYS 165 132 132 CYS CYS A . n 
A 1 166 VAL 166 133 133 VAL VAL A . n 
A 1 167 ILE 167 134 134 ILE ILE A . n 
A 1 168 TYR 168 135 135 TYR TYR A . n 
A 1 169 PHE 169 136 136 PHE PHE A . n 
A 1 170 ASN 170 137 137 ASN ASN A . n 
A 1 171 LEU 171 138 138 LEU LEU A . n 
A 1 172 SER 172 139 ?   ?   ?   A . n 
A 1 173 PHE 173 140 ?   ?   ?   A . n 
A 1 174 GLU 174 141 ?   ?   ?   A . n 
A 1 175 GLU 175 142 ?   ?   ?   A . n 
A 1 176 ALA 176 143 ?   ?   ?   A . n 
A 1 177 GLN 177 144 ?   ?   ?   A . n 
A 1 178 LYS 178 145 ?   ?   ?   A . n 
A 1 179 ARG 179 146 ?   ?   ?   A . n 
A 1 180 SER 180 147 ?   ?   ?   A . n 
A 1 181 GLY 181 148 ?   ?   ?   A . n 
A 1 182 PHE 182 149 ?   ?   ?   A . n 
A 1 183 GLY 183 150 ?   ?   ?   A . n 
A 1 184 ASP 184 151 ?   ?   ?   A . n 
A 1 185 GLU 185 152 ?   ?   ?   A . n 
A 1 186 ARG 186 153 ?   ?   ?   A . n 
A 1 187 PHE 187 154 ?   ?   ?   A . n 
A 1 188 ASP 188 155 ?   ?   ?   A . n 
A 1 189 PHE 189 156 ?   ?   ?   A . n 
A 1 190 GLY 190 157 ?   ?   ?   A . n 
A 1 191 ASN 191 158 158 ASN ASN A . n 
A 1 192 PHE 192 159 159 PHE PHE A . n 
A 1 193 GLN 193 160 160 GLN GLN A . n 
A 1 194 GLY 194 161 161 GLY GLY A . n 
A 1 195 LYS 195 162 162 LYS LYS A . n 
A 1 196 VAL 196 163 163 VAL VAL A . n 
A 1 197 SER 197 164 164 SER SER A . n 
A 1 198 LYS 198 165 165 LYS LYS A . n 
A 1 199 VAL 199 166 166 VAL VAL A . n 
A 1 200 MET 200 167 167 MET MET A . n 
A 1 201 GLU 201 168 168 GLU GLU A . n 
A 1 202 GLN 202 169 169 GLN GLN A . n 
A 1 203 LEU 203 170 170 LEU LEU A . n 
A 1 204 ALA 204 171 171 ALA ALA A . n 
A 1 205 ASP 205 172 172 ASP ASP A . n 
A 1 206 GLU 206 173 173 GLU GLU A . n 
A 1 207 ASP 207 174 174 ASP ASP A . n 
A 1 208 ARG 208 175 175 ARG ARG A . n 
A 1 209 ASP 209 176 176 ASP ASP A . n 
A 1 210 LEU 210 177 177 LEU LEU A . n 
A 1 211 TRP 211 178 178 TRP TRP A . n 
A 1 212 LYS 212 179 179 LYS LYS A . n 
A 1 213 VAL 213 180 180 VAL VAL A . n 
A 1 214 VAL 214 181 181 VAL VAL A . n 
A 1 215 ASP 215 182 182 ASP ASP A . n 
A 1 216 ALA 216 183 183 ALA ALA A . n 
A 1 217 SER 217 184 184 SER SER A . n 
A 1 218 LEU 218 185 185 LEU LEU A . n 
A 1 219 THR 219 186 186 THR THR A . n 
A 1 220 VAL 220 187 187 VAL VAL A . n 
A 1 221 GLU 221 188 188 GLU GLU A . n 
A 1 222 GLU 222 189 189 GLU GLU A . n 
A 1 223 ILE 223 190 190 ILE ILE A . n 
A 1 224 SER 224 191 191 SER SER A . n 
A 1 225 GLU 225 192 192 GLU GLU A . n 
A 1 226 ASN 226 193 193 ASN ASN A . n 
A 1 227 VAL 227 194 194 VAL VAL A . n 
A 1 228 TRP 228 195 195 TRP TRP A . n 
A 1 229 ASN 229 196 196 ASN ASN A . n 
A 1 230 LEU 230 197 197 LEU LEU A . n 
A 1 231 VAL 231 198 198 VAL VAL A . n 
A 1 232 ALA 232 199 199 ALA ALA A . n 
A 1 233 PRO 233 200 200 PRO PRO A . n 
A 1 234 ILE 234 201 201 ILE ILE A . n 
A 1 235 LEU 235 202 202 LEU LEU A . n 
A 1 236 ASP 236 203 203 ASP ASP A . n 
A 1 237 ASN 237 204 204 ASN ASN A . n 
A 1 238 VAL 238 205 205 VAL VAL A . n 
A 1 239 SER 239 206 206 SER SER A . n 
A 1 240 ARG 240 207 ?   ?   ?   A . n 
A 1 241 LYS 241 208 208 LYS LYS A . n 
A 1 242 SER 242 209 209 SER SER A . n 
A 1 243 LEU 243 210 210 LEU LEU A . n 
A 1 244 MET 244 211 211 MET MET A . n 
A 1 245 PHE 245 212 212 PHE PHE A . n 
A 1 246 LEU 246 213 213 LEU LEU A . n 
A 1 247 HIS 247 214 ?   ?   ?   A . n 
A 1 248 HIS 248 215 ?   ?   ?   A . n 
A 1 249 HIS 249 216 ?   ?   ?   A . n 
A 1 250 HIS 250 217 ?   ?   ?   A . n 
A 1 251 HIS 251 218 ?   ?   ?   A . n 
A 1 252 HIS 252 219 ?   ?   ?   A . n 
# 
loop_
_pdbx_nonpoly_scheme.asym_id 
_pdbx_nonpoly_scheme.entity_id 
_pdbx_nonpoly_scheme.mon_id 
_pdbx_nonpoly_scheme.ndb_seq_num 
_pdbx_nonpoly_scheme.pdb_seq_num 
_pdbx_nonpoly_scheme.auth_seq_num 
_pdbx_nonpoly_scheme.pdb_mon_id 
_pdbx_nonpoly_scheme.auth_mon_id 
_pdbx_nonpoly_scheme.pdb_strand_id 
_pdbx_nonpoly_scheme.pdb_ins_code 
B 2 TMP 1  301 1  TMP TMP A . 
C 3 HOH 1  401 51 HOH HOH A . 
C 3 HOH 2  402 28 HOH HOH A . 
C 3 HOH 3  403 37 HOH HOH A . 
C 3 HOH 4  404 55 HOH HOH A . 
C 3 HOH 5  405 35 HOH HOH A . 
C 3 HOH 6  406 40 HOH HOH A . 
C 3 HOH 7  407 47 HOH HOH A . 
C 3 HOH 8  408 70 HOH HOH A . 
C 3 HOH 9  409 18 HOH HOH A . 
C 3 HOH 10 410 30 HOH HOH A . 
C 3 HOH 11 411 33 HOH HOH A . 
C 3 HOH 12 412 13 HOH HOH A . 
C 3 HOH 13 413 2  HOH HOH A . 
C 3 HOH 14 414 9  HOH HOH A . 
C 3 HOH 15 415 5  HOH HOH A . 
C 3 HOH 16 416 29 HOH HOH A . 
C 3 HOH 17 417 10 HOH HOH A . 
C 3 HOH 18 418 17 HOH HOH A . 
C 3 HOH 19 419 19 HOH HOH A . 
C 3 HOH 20 420 42 HOH HOH A . 
C 3 HOH 21 421 32 HOH HOH A . 
C 3 HOH 22 422 11 HOH HOH A . 
C 3 HOH 23 423 54 HOH HOH A . 
C 3 HOH 24 424 44 HOH HOH A . 
C 3 HOH 25 425 27 HOH HOH A . 
C 3 HOH 26 426 56 HOH HOH A . 
C 3 HOH 27 427 39 HOH HOH A . 
C 3 HOH 28 428 14 HOH HOH A . 
C 3 HOH 29 429 16 HOH HOH A . 
C 3 HOH 30 430 50 HOH HOH A . 
C 3 HOH 31 431 20 HOH HOH A . 
C 3 HOH 32 432 7  HOH HOH A . 
C 3 HOH 33 433 64 HOH HOH A . 
C 3 HOH 34 434 22 HOH HOH A . 
C 3 HOH 35 435 31 HOH HOH A . 
C 3 HOH 36 436 53 HOH HOH A . 
C 3 HOH 37 437 4  HOH HOH A . 
C 3 HOH 38 438 67 HOH HOH A . 
C 3 HOH 39 439 48 HOH HOH A . 
C 3 HOH 40 440 1  HOH HOH A . 
C 3 HOH 41 441 3  HOH HOH A . 
C 3 HOH 42 442 57 HOH HOH A . 
C 3 HOH 43 443 52 HOH HOH A . 
C 3 HOH 44 444 76 HOH HOH A . 
C 3 HOH 45 445 6  HOH HOH A . 
C 3 HOH 46 446 26 HOH HOH A . 
C 3 HOH 47 447 46 HOH HOH A . 
C 3 HOH 48 448 34 HOH HOH A . 
C 3 HOH 49 449 21 HOH HOH A . 
C 3 HOH 50 450 23 HOH HOH A . 
C 3 HOH 51 451 60 HOH HOH A . 
C 3 HOH 52 452 25 HOH HOH A . 
C 3 HOH 53 453 69 HOH HOH A . 
C 3 HOH 54 454 12 HOH HOH A . 
C 3 HOH 55 455 68 HOH HOH A . 
C 3 HOH 56 456 49 HOH HOH A . 
C 3 HOH 57 457 72 HOH HOH A . 
C 3 HOH 58 458 65 HOH HOH A . 
C 3 HOH 59 459 8  HOH HOH A . 
C 3 HOH 60 460 74 HOH HOH A . 
C 3 HOH 61 461 61 HOH HOH A . 
C 3 HOH 62 462 59 HOH HOH A . 
C 3 HOH 63 463 38 HOH HOH A . 
C 3 HOH 64 464 24 HOH HOH A . 
C 3 HOH 65 465 41 HOH HOH A . 
C 3 HOH 66 466 73 HOH HOH A . 
C 3 HOH 67 467 43 HOH HOH A . 
C 3 HOH 68 468 15 HOH HOH A . 
C 3 HOH 69 469 36 HOH HOH A . 
C 3 HOH 70 470 45 HOH HOH A . 
# 
_pdbx_struct_assembly.id                   1 
_pdbx_struct_assembly.details              author_and_software_defined_assembly 
_pdbx_struct_assembly.method_details       PISA 
_pdbx_struct_assembly.oligomeric_details   dimeric 
_pdbx_struct_assembly.oligomeric_count     2 
# 
_pdbx_struct_assembly_gen.assembly_id       1 
_pdbx_struct_assembly_gen.oper_expression   1,2 
_pdbx_struct_assembly_gen.asym_id_list      A,B,C 
# 
loop_
_pdbx_struct_assembly_prop.biol_id 
_pdbx_struct_assembly_prop.type 
_pdbx_struct_assembly_prop.value 
_pdbx_struct_assembly_prop.details 
1 'ABSA (A^2)' 3140  ? 
1 MORE         -16   ? 
1 'SSA (A^2)'  17060 ? 
# 
loop_
_pdbx_struct_oper_list.id 
_pdbx_struct_oper_list.type 
_pdbx_struct_oper_list.name 
_pdbx_struct_oper_list.symmetry_operation 
_pdbx_struct_oper_list.matrix[1][1] 
_pdbx_struct_oper_list.matrix[1][2] 
_pdbx_struct_oper_list.matrix[1][3] 
_pdbx_struct_oper_list.vector[1] 
_pdbx_struct_oper_list.matrix[2][1] 
_pdbx_struct_oper_list.matrix[2][2] 
_pdbx_struct_oper_list.matrix[2][3] 
_pdbx_struct_oper_list.vector[2] 
_pdbx_struct_oper_list.matrix[3][1] 
_pdbx_struct_oper_list.matrix[3][2] 
_pdbx_struct_oper_list.matrix[3][3] 
_pdbx_struct_oper_list.vector[3] 
1 'identity operation'         1_555 x,y,z      1.0000000000  0.0000000000 0.0000000000 0.0000000000   0.0000000000 1.0000000000 0.0000000000 0.0000000000 0.0000000000 0.0000000000 1.0000000000  0.0000000000 
2 'crystal symmetry operation' 7_465 y-1,x+1,-z -0.9599337892 0.2800759703 0.0091962589 -33.9045981151 0.2800759703 0.9578230037 0.0642848697 4.6380431270 0.0091962589 0.0642848697 -0.9978892145 6.4617956242 
# 
loop_
_pdbx_audit_revision_history.ordinal 
_pdbx_audit_revision_history.data_content_type 
_pdbx_audit_revision_history.major_revision 
_pdbx_audit_revision_history.minor_revision 
_pdbx_audit_revision_history.revision_date 
1 'Structure model' 1 0 2022-07-27 
2 'Structure model' 1 1 2023-11-29 
# 
_pdbx_audit_revision_details.ordinal             1 
_pdbx_audit_revision_details.revision_ordinal    1 
_pdbx_audit_revision_details.data_content_type   'Structure model' 
_pdbx_audit_revision_details.provider            repository 
_pdbx_audit_revision_details.type                'Initial release' 
_pdbx_audit_revision_details.description         ? 
_pdbx_audit_revision_details.details             ? 
# 
loop_
_pdbx_audit_revision_group.ordinal 
_pdbx_audit_revision_group.revision_ordinal 
_pdbx_audit_revision_group.data_content_type 
_pdbx_audit_revision_group.group 
1 2 'Structure model' 'Data collection'        
2 2 'Structure model' 'Refinement description' 
# 
loop_
_pdbx_audit_revision_category.ordinal 
_pdbx_audit_revision_category.revision_ordinal 
_pdbx_audit_revision_category.data_content_type 
_pdbx_audit_revision_category.category 
1 2 'Structure model' chem_comp_atom                
2 2 'Structure model' chem_comp_bond                
3 2 'Structure model' pdbx_initial_refinement_model 
# 
loop_
_software.citation_id 
_software.classification 
_software.compiler_name 
_software.compiler_version 
_software.contact_author 
_software.contact_author_email 
_software.date 
_software.description 
_software.dependencies 
_software.hardware 
_software.language 
_software.location 
_software.mods 
_software.name 
_software.os 
_software.os_version 
_software.type 
_software.version 
_software.pdbx_ordinal 
? refinement        ? ? ? ? ? ? ? ? ? ? ? PHENIX      ? ? ? '(1.14_3260: ???)' 1 
? 'data scaling'    ? ? ? ? ? ? ? ? ? ? ? Aimless     ? ? ? 7.0.072            2 
? 'data extraction' ? ? ? ? ? ? ? ? ? ? ? PDB_EXTRACT ? ? ? 3.27               3 
? 'data reduction'  ? ? ? ? ? ? ? ? ? ? ? iMOSFLM     ? ? ? 7.0.072            4 
? phasing           ? ? ? ? ? ? ? ? ? ? ? PHENIX      ? ? ? 2.8.2              5 
# 
_pdbx_entry_details.entry_id                 7FGQ 
_pdbx_entry_details.has_ligand_of_interest   Y 
_pdbx_entry_details.compound_details         ? 
_pdbx_entry_details.source_details           ? 
_pdbx_entry_details.nonpolymer_details       ? 
_pdbx_entry_details.sequence_details         ? 
# 
loop_
_pdbx_validate_rmsd_angle.id 
_pdbx_validate_rmsd_angle.PDB_model_num 
_pdbx_validate_rmsd_angle.auth_atom_id_1 
_pdbx_validate_rmsd_angle.auth_asym_id_1 
_pdbx_validate_rmsd_angle.auth_comp_id_1 
_pdbx_validate_rmsd_angle.auth_seq_id_1 
_pdbx_validate_rmsd_angle.PDB_ins_code_1 
_pdbx_validate_rmsd_angle.label_alt_id_1 
_pdbx_validate_rmsd_angle.auth_atom_id_2 
_pdbx_validate_rmsd_angle.auth_asym_id_2 
_pdbx_validate_rmsd_angle.auth_comp_id_2 
_pdbx_validate_rmsd_angle.auth_seq_id_2 
_pdbx_validate_rmsd_angle.PDB_ins_code_2 
_pdbx_validate_rmsd_angle.label_alt_id_2 
_pdbx_validate_rmsd_angle.auth_atom_id_3 
_pdbx_validate_rmsd_angle.auth_asym_id_3 
_pdbx_validate_rmsd_angle.auth_comp_id_3 
_pdbx_validate_rmsd_angle.auth_seq_id_3 
_pdbx_validate_rmsd_angle.PDB_ins_code_3 
_pdbx_validate_rmsd_angle.label_alt_id_3 
_pdbx_validate_rmsd_angle.angle_value 
_pdbx_validate_rmsd_angle.angle_target_value 
_pdbx_validate_rmsd_angle.angle_deviation 
_pdbx_validate_rmsd_angle.angle_standard_deviation 
_pdbx_validate_rmsd_angle.linker_flag 
1 1 CA A PRO 66  ? ? N  A PRO 66  ? ? CD A PRO 66  ? ? 103.20 111.70 -8.50  1.40 N 
2 1 CB A THR 186 ? ? CA A THR 186 ? ? C  A THR 186 ? ? 93.99  111.60 -17.61 2.70 N 
# 
loop_
_pdbx_validate_torsion.id 
_pdbx_validate_torsion.PDB_model_num 
_pdbx_validate_torsion.auth_comp_id 
_pdbx_validate_torsion.auth_asym_id 
_pdbx_validate_torsion.auth_seq_id 
_pdbx_validate_torsion.PDB_ins_code 
_pdbx_validate_torsion.label_alt_id 
_pdbx_validate_torsion.phi 
_pdbx_validate_torsion.psi 
1 1 ARG A 98  ? ? 77.75   147.53  
2 1 TYR A 99  ? ? -158.96 -154.88 
3 1 LEU A 185 ? ? -61.64  -176.74 
# 
_pdbx_distant_solvent_atoms.id                                1 
_pdbx_distant_solvent_atoms.PDB_model_num                     1 
_pdbx_distant_solvent_atoms.auth_atom_id                      O 
_pdbx_distant_solvent_atoms.label_alt_id                      ? 
_pdbx_distant_solvent_atoms.auth_asym_id                      A 
_pdbx_distant_solvent_atoms.auth_comp_id                      HOH 
_pdbx_distant_solvent_atoms.auth_seq_id                       470 
_pdbx_distant_solvent_atoms.PDB_ins_code                      ? 
_pdbx_distant_solvent_atoms.neighbor_macromolecule_distance   6.17 
_pdbx_distant_solvent_atoms.neighbor_ligand_distance          . 
# 
loop_
_pdbx_unobs_or_zero_occ_residues.id 
_pdbx_unobs_or_zero_occ_residues.PDB_model_num 
_pdbx_unobs_or_zero_occ_residues.polymer_flag 
_pdbx_unobs_or_zero_occ_residues.occupancy_flag 
_pdbx_unobs_or_zero_occ_residues.auth_asym_id 
_pdbx_unobs_or_zero_occ_residues.auth_comp_id 
_pdbx_unobs_or_zero_occ_residues.auth_seq_id 
_pdbx_unobs_or_zero_occ_residues.PDB_ins_code 
_pdbx_unobs_or_zero_occ_residues.label_asym_id 
_pdbx_unobs_or_zero_occ_residues.label_comp_id 
_pdbx_unobs_or_zero_occ_residues.label_seq_id 
1  1 Y 1 A MET -32 ? A MET 1   
2  1 Y 1 A GLY -31 ? A GLY 2   
3  1 Y 1 A SER -30 ? A SER 3   
4  1 Y 1 A SER -29 ? A SER 4   
5  1 Y 1 A HIS -28 ? A HIS 5   
6  1 Y 1 A HIS -27 ? A HIS 6   
7  1 Y 1 A HIS -26 ? A HIS 7   
8  1 Y 1 A HIS -25 ? A HIS 8   
9  1 Y 1 A HIS -24 ? A HIS 9   
10 1 Y 1 A HIS -23 ? A HIS 10  
11 1 Y 1 A SER -22 ? A SER 11  
12 1 Y 1 A SER -21 ? A SER 12  
13 1 Y 1 A GLY -20 ? A GLY 13  
14 1 Y 1 A LEU -19 ? A LEU 14  
15 1 Y 1 A VAL -18 ? A VAL 15  
16 1 Y 1 A PRO -17 ? A PRO 16  
17 1 Y 1 A ARG -16 ? A ARG 17  
18 1 Y 1 A GLY -15 ? A GLY 18  
19 1 Y 1 A SER -14 ? A SER 19  
20 1 Y 1 A HIS -13 ? A HIS 20  
21 1 Y 1 A MET -12 ? A MET 21  
22 1 Y 1 A ALA -11 ? A ALA 22  
23 1 Y 1 A SER -10 ? A SER 23  
24 1 Y 1 A MET -9  ? A MET 24  
25 1 Y 1 A THR -8  ? A THR 25  
26 1 Y 1 A GLY -7  ? A GLY 26  
27 1 Y 1 A GLY -6  ? A GLY 27  
28 1 Y 1 A GLN -5  ? A GLN 28  
29 1 Y 1 A GLN -4  ? A GLN 29  
30 1 Y 1 A MET -3  ? A MET 30  
31 1 Y 1 A GLY -2  ? A GLY 31  
32 1 Y 1 A ARG -1  ? A ARG 32  
33 1 Y 1 A GLY 0   ? A GLY 33  
34 1 Y 1 A MET 1   ? A MET 34  
35 1 Y 1 A GLY 2   ? A GLY 35  
36 1 Y 1 A SER 3   ? A SER 36  
37 1 Y 1 A SER 139 ? A SER 172 
38 1 Y 1 A PHE 140 ? A PHE 173 
39 1 Y 1 A GLU 141 ? A GLU 174 
40 1 Y 1 A GLU 142 ? A GLU 175 
41 1 Y 1 A ALA 143 ? A ALA 176 
42 1 Y 1 A GLN 144 ? A GLN 177 
43 1 Y 1 A LYS 145 ? A LYS 178 
44 1 Y 1 A ARG 146 ? A ARG 179 
45 1 Y 1 A SER 147 ? A SER 180 
46 1 Y 1 A GLY 148 ? A GLY 181 
47 1 Y 1 A PHE 149 ? A PHE 182 
48 1 Y 1 A GLY 150 ? A GLY 183 
49 1 Y 1 A ASP 151 ? A ASP 184 
50 1 Y 1 A GLU 152 ? A GLU 185 
51 1 Y 1 A ARG 153 ? A ARG 186 
52 1 Y 1 A PHE 154 ? A PHE 187 
53 1 Y 1 A ASP 155 ? A ASP 188 
54 1 Y 1 A PHE 156 ? A PHE 189 
55 1 Y 1 A GLY 157 ? A GLY 190 
56 1 Y 1 A ARG 207 ? A ARG 240 
57 1 Y 1 A HIS 214 ? A HIS 247 
58 1 Y 1 A HIS 215 ? A HIS 248 
59 1 Y 1 A HIS 216 ? A HIS 249 
60 1 Y 1 A HIS 217 ? A HIS 250 
61 1 Y 1 A HIS 218 ? A HIS 251 
62 1 Y 1 A HIS 219 ? A HIS 252 
# 
loop_
_chem_comp_atom.comp_id 
_chem_comp_atom.atom_id 
_chem_comp_atom.type_symbol 
_chem_comp_atom.pdbx_aromatic_flag 
_chem_comp_atom.pdbx_stereo_config 
_chem_comp_atom.pdbx_ordinal 
ALA N      N N N 1   
ALA CA     C N S 2   
ALA C      C N N 3   
ALA O      O N N 4   
ALA CB     C N N 5   
ALA OXT    O N N 6   
ALA H      H N N 7   
ALA H2     H N N 8   
ALA HA     H N N 9   
ALA HB1    H N N 10  
ALA HB2    H N N 11  
ALA HB3    H N N 12  
ALA HXT    H N N 13  
ARG N      N N N 14  
ARG CA     C N S 15  
ARG C      C N N 16  
ARG O      O N N 17  
ARG CB     C N N 18  
ARG CG     C N N 19  
ARG CD     C N N 20  
ARG NE     N N N 21  
ARG CZ     C N N 22  
ARG NH1    N N N 23  
ARG NH2    N N N 24  
ARG OXT    O N N 25  
ARG H      H N N 26  
ARG H2     H N N 27  
ARG HA     H N N 28  
ARG HB2    H N N 29  
ARG HB3    H N N 30  
ARG HG2    H N N 31  
ARG HG3    H N N 32  
ARG HD2    H N N 33  
ARG HD3    H N N 34  
ARG HE     H N N 35  
ARG HH11   H N N 36  
ARG HH12   H N N 37  
ARG HH21   H N N 38  
ARG HH22   H N N 39  
ARG HXT    H N N 40  
ASN N      N N N 41  
ASN CA     C N S 42  
ASN C      C N N 43  
ASN O      O N N 44  
ASN CB     C N N 45  
ASN CG     C N N 46  
ASN OD1    O N N 47  
ASN ND2    N N N 48  
ASN OXT    O N N 49  
ASN H      H N N 50  
ASN H2     H N N 51  
ASN HA     H N N 52  
ASN HB2    H N N 53  
ASN HB3    H N N 54  
ASN HD21   H N N 55  
ASN HD22   H N N 56  
ASN HXT    H N N 57  
ASP N      N N N 58  
ASP CA     C N S 59  
ASP C      C N N 60  
ASP O      O N N 61  
ASP CB     C N N 62  
ASP CG     C N N 63  
ASP OD1    O N N 64  
ASP OD2    O N N 65  
ASP OXT    O N N 66  
ASP H      H N N 67  
ASP H2     H N N 68  
ASP HA     H N N 69  
ASP HB2    H N N 70  
ASP HB3    H N N 71  
ASP HD2    H N N 72  
ASP HXT    H N N 73  
CYS N      N N N 74  
CYS CA     C N R 75  
CYS C      C N N 76  
CYS O      O N N 77  
CYS CB     C N N 78  
CYS SG     S N N 79  
CYS OXT    O N N 80  
CYS H      H N N 81  
CYS H2     H N N 82  
CYS HA     H N N 83  
CYS HB2    H N N 84  
CYS HB3    H N N 85  
CYS HG     H N N 86  
CYS HXT    H N N 87  
GLN N      N N N 88  
GLN CA     C N S 89  
GLN C      C N N 90  
GLN O      O N N 91  
GLN CB     C N N 92  
GLN CG     C N N 93  
GLN CD     C N N 94  
GLN OE1    O N N 95  
GLN NE2    N N N 96  
GLN OXT    O N N 97  
GLN H      H N N 98  
GLN H2     H N N 99  
GLN HA     H N N 100 
GLN HB2    H N N 101 
GLN HB3    H N N 102 
GLN HG2    H N N 103 
GLN HG3    H N N 104 
GLN HE21   H N N 105 
GLN HE22   H N N 106 
GLN HXT    H N N 107 
GLU N      N N N 108 
GLU CA     C N S 109 
GLU C      C N N 110 
GLU O      O N N 111 
GLU CB     C N N 112 
GLU CG     C N N 113 
GLU CD     C N N 114 
GLU OE1    O N N 115 
GLU OE2    O N N 116 
GLU OXT    O N N 117 
GLU H      H N N 118 
GLU H2     H N N 119 
GLU HA     H N N 120 
GLU HB2    H N N 121 
GLU HB3    H N N 122 
GLU HG2    H N N 123 
GLU HG3    H N N 124 
GLU HE2    H N N 125 
GLU HXT    H N N 126 
GLY N      N N N 127 
GLY CA     C N N 128 
GLY C      C N N 129 
GLY O      O N N 130 
GLY OXT    O N N 131 
GLY H      H N N 132 
GLY H2     H N N 133 
GLY HA2    H N N 134 
GLY HA3    H N N 135 
GLY HXT    H N N 136 
HIS N      N N N 137 
HIS CA     C N S 138 
HIS C      C N N 139 
HIS O      O N N 140 
HIS CB     C N N 141 
HIS CG     C Y N 142 
HIS ND1    N Y N 143 
HIS CD2    C Y N 144 
HIS CE1    C Y N 145 
HIS NE2    N Y N 146 
HIS OXT    O N N 147 
HIS H      H N N 148 
HIS H2     H N N 149 
HIS HA     H N N 150 
HIS HB2    H N N 151 
HIS HB3    H N N 152 
HIS HD1    H N N 153 
HIS HD2    H N N 154 
HIS HE1    H N N 155 
HIS HE2    H N N 156 
HIS HXT    H N N 157 
HOH O      O N N 158 
HOH H1     H N N 159 
HOH H2     H N N 160 
ILE N      N N N 161 
ILE CA     C N S 162 
ILE C      C N N 163 
ILE O      O N N 164 
ILE CB     C N S 165 
ILE CG1    C N N 166 
ILE CG2    C N N 167 
ILE CD1    C N N 168 
ILE OXT    O N N 169 
ILE H      H N N 170 
ILE H2     H N N 171 
ILE HA     H N N 172 
ILE HB     H N N 173 
ILE HG12   H N N 174 
ILE HG13   H N N 175 
ILE HG21   H N N 176 
ILE HG22   H N N 177 
ILE HG23   H N N 178 
ILE HD11   H N N 179 
ILE HD12   H N N 180 
ILE HD13   H N N 181 
ILE HXT    H N N 182 
LEU N      N N N 183 
LEU CA     C N S 184 
LEU C      C N N 185 
LEU O      O N N 186 
LEU CB     C N N 187 
LEU CG     C N N 188 
LEU CD1    C N N 189 
LEU CD2    C N N 190 
LEU OXT    O N N 191 
LEU H      H N N 192 
LEU H2     H N N 193 
LEU HA     H N N 194 
LEU HB2    H N N 195 
LEU HB3    H N N 196 
LEU HG     H N N 197 
LEU HD11   H N N 198 
LEU HD12   H N N 199 
LEU HD13   H N N 200 
LEU HD21   H N N 201 
LEU HD22   H N N 202 
LEU HD23   H N N 203 
LEU HXT    H N N 204 
LYS N      N N N 205 
LYS CA     C N S 206 
LYS C      C N N 207 
LYS O      O N N 208 
LYS CB     C N N 209 
LYS CG     C N N 210 
LYS CD     C N N 211 
LYS CE     C N N 212 
LYS NZ     N N N 213 
LYS OXT    O N N 214 
LYS H      H N N 215 
LYS H2     H N N 216 
LYS HA     H N N 217 
LYS HB2    H N N 218 
LYS HB3    H N N 219 
LYS HG2    H N N 220 
LYS HG3    H N N 221 
LYS HD2    H N N 222 
LYS HD3    H N N 223 
LYS HE2    H N N 224 
LYS HE3    H N N 225 
LYS HZ1    H N N 226 
LYS HZ2    H N N 227 
LYS HZ3    H N N 228 
LYS HXT    H N N 229 
MET N      N N N 230 
MET CA     C N S 231 
MET C      C N N 232 
MET O      O N N 233 
MET CB     C N N 234 
MET CG     C N N 235 
MET SD     S N N 236 
MET CE     C N N 237 
MET OXT    O N N 238 
MET H      H N N 239 
MET H2     H N N 240 
MET HA     H N N 241 
MET HB2    H N N 242 
MET HB3    H N N 243 
MET HG2    H N N 244 
MET HG3    H N N 245 
MET HE1    H N N 246 
MET HE2    H N N 247 
MET HE3    H N N 248 
MET HXT    H N N 249 
PHE N      N N N 250 
PHE CA     C N S 251 
PHE C      C N N 252 
PHE O      O N N 253 
PHE CB     C N N 254 
PHE CG     C Y N 255 
PHE CD1    C Y N 256 
PHE CD2    C Y N 257 
PHE CE1    C Y N 258 
PHE CE2    C Y N 259 
PHE CZ     C Y N 260 
PHE OXT    O N N 261 
PHE H      H N N 262 
PHE H2     H N N 263 
PHE HA     H N N 264 
PHE HB2    H N N 265 
PHE HB3    H N N 266 
PHE HD1    H N N 267 
PHE HD2    H N N 268 
PHE HE1    H N N 269 
PHE HE2    H N N 270 
PHE HZ     H N N 271 
PHE HXT    H N N 272 
PRO N      N N N 273 
PRO CA     C N S 274 
PRO C      C N N 275 
PRO O      O N N 276 
PRO CB     C N N 277 
PRO CG     C N N 278 
PRO CD     C N N 279 
PRO OXT    O N N 280 
PRO H      H N N 281 
PRO HA     H N N 282 
PRO HB2    H N N 283 
PRO HB3    H N N 284 
PRO HG2    H N N 285 
PRO HG3    H N N 286 
PRO HD2    H N N 287 
PRO HD3    H N N 288 
PRO HXT    H N N 289 
SER N      N N N 290 
SER CA     C N S 291 
SER C      C N N 292 
SER O      O N N 293 
SER CB     C N N 294 
SER OG     O N N 295 
SER OXT    O N N 296 
SER H      H N N 297 
SER H2     H N N 298 
SER HA     H N N 299 
SER HB2    H N N 300 
SER HB3    H N N 301 
SER HG     H N N 302 
SER HXT    H N N 303 
THR N      N N N 304 
THR CA     C N S 305 
THR C      C N N 306 
THR O      O N N 307 
THR CB     C N R 308 
THR OG1    O N N 309 
THR CG2    C N N 310 
THR OXT    O N N 311 
THR H      H N N 312 
THR H2     H N N 313 
THR HA     H N N 314 
THR HB     H N N 315 
THR HG1    H N N 316 
THR HG21   H N N 317 
THR HG22   H N N 318 
THR HG23   H N N 319 
THR HXT    H N N 320 
TMP P      P N N 321 
TMP O1P    O N N 322 
TMP O2P    O N N 323 
TMP O3P    O N N 324 
TMP "O5'"  O N N 325 
TMP "C5'"  C N N 326 
TMP "C4'"  C N R 327 
TMP "O4'"  O N N 328 
TMP "C3'"  C N S 329 
TMP "O3'"  O N N 330 
TMP "C2'"  C N N 331 
TMP "C1'"  C N R 332 
TMP N1     N N N 333 
TMP C2     C N N 334 
TMP O2     O N N 335 
TMP N3     N N N 336 
TMP C4     C N N 337 
TMP O4     O N N 338 
TMP C5     C N N 339 
TMP C5M    C N N 340 
TMP C6     C N N 341 
TMP HOP2   H N N 342 
TMP HOP3   H N N 343 
TMP "H5'1" H N N 344 
TMP "H5'2" H N N 345 
TMP "H4'"  H N N 346 
TMP "H3'"  H N N 347 
TMP "HO3'" H N N 348 
TMP "H2'1" H N N 349 
TMP "H2'2" H N N 350 
TMP "H1'"  H N N 351 
TMP HN3    H N N 352 
TMP H51    H N N 353 
TMP H52    H N N 354 
TMP H53    H N N 355 
TMP H6     H N N 356 
TRP N      N N N 357 
TRP CA     C N S 358 
TRP C      C N N 359 
TRP O      O N N 360 
TRP CB     C N N 361 
TRP CG     C Y N 362 
TRP CD1    C Y N 363 
TRP CD2    C Y N 364 
TRP NE1    N Y N 365 
TRP CE2    C Y N 366 
TRP CE3    C Y N 367 
TRP CZ2    C Y N 368 
TRP CZ3    C Y N 369 
TRP CH2    C Y N 370 
TRP OXT    O N N 371 
TRP H      H N N 372 
TRP H2     H N N 373 
TRP HA     H N N 374 
TRP HB2    H N N 375 
TRP HB3    H N N 376 
TRP HD1    H N N 377 
TRP HE1    H N N 378 
TRP HE3    H N N 379 
TRP HZ2    H N N 380 
TRP HZ3    H N N 381 
TRP HH2    H N N 382 
TRP HXT    H N N 383 
TYR N      N N N 384 
TYR CA     C N S 385 
TYR C      C N N 386 
TYR O      O N N 387 
TYR CB     C N N 388 
TYR CG     C Y N 389 
TYR CD1    C Y N 390 
TYR CD2    C Y N 391 
TYR CE1    C Y N 392 
TYR CE2    C Y N 393 
TYR CZ     C Y N 394 
TYR OH     O N N 395 
TYR OXT    O N N 396 
TYR H      H N N 397 
TYR H2     H N N 398 
TYR HA     H N N 399 
TYR HB2    H N N 400 
TYR HB3    H N N 401 
TYR HD1    H N N 402 
TYR HD2    H N N 403 
TYR HE1    H N N 404 
TYR HE2    H N N 405 
TYR HH     H N N 406 
TYR HXT    H N N 407 
VAL N      N N N 408 
VAL CA     C N S 409 
VAL C      C N N 410 
VAL O      O N N 411 
VAL CB     C N N 412 
VAL CG1    C N N 413 
VAL CG2    C N N 414 
VAL OXT    O N N 415 
VAL H      H N N 416 
VAL H2     H N N 417 
VAL HA     H N N 418 
VAL HB     H N N 419 
VAL HG11   H N N 420 
VAL HG12   H N N 421 
VAL HG13   H N N 422 
VAL HG21   H N N 423 
VAL HG22   H N N 424 
VAL HG23   H N N 425 
VAL HXT    H N N 426 
# 
loop_
_chem_comp_bond.comp_id 
_chem_comp_bond.atom_id_1 
_chem_comp_bond.atom_id_2 
_chem_comp_bond.value_order 
_chem_comp_bond.pdbx_aromatic_flag 
_chem_comp_bond.pdbx_stereo_config 
_chem_comp_bond.pdbx_ordinal 
ALA N     CA     sing N N 1   
ALA N     H      sing N N 2   
ALA N     H2     sing N N 3   
ALA CA    C      sing N N 4   
ALA CA    CB     sing N N 5   
ALA CA    HA     sing N N 6   
ALA C     O      doub N N 7   
ALA C     OXT    sing N N 8   
ALA CB    HB1    sing N N 9   
ALA CB    HB2    sing N N 10  
ALA CB    HB3    sing N N 11  
ALA OXT   HXT    sing N N 12  
ARG N     CA     sing N N 13  
ARG N     H      sing N N 14  
ARG N     H2     sing N N 15  
ARG CA    C      sing N N 16  
ARG CA    CB     sing N N 17  
ARG CA    HA     sing N N 18  
ARG C     O      doub N N 19  
ARG C     OXT    sing N N 20  
ARG CB    CG     sing N N 21  
ARG CB    HB2    sing N N 22  
ARG CB    HB3    sing N N 23  
ARG CG    CD     sing N N 24  
ARG CG    HG2    sing N N 25  
ARG CG    HG3    sing N N 26  
ARG CD    NE     sing N N 27  
ARG CD    HD2    sing N N 28  
ARG CD    HD3    sing N N 29  
ARG NE    CZ     sing N N 30  
ARG NE    HE     sing N N 31  
ARG CZ    NH1    sing N N 32  
ARG CZ    NH2    doub N N 33  
ARG NH1   HH11   sing N N 34  
ARG NH1   HH12   sing N N 35  
ARG NH2   HH21   sing N N 36  
ARG NH2   HH22   sing N N 37  
ARG OXT   HXT    sing N N 38  
ASN N     CA     sing N N 39  
ASN N     H      sing N N 40  
ASN N     H2     sing N N 41  
ASN CA    C      sing N N 42  
ASN CA    CB     sing N N 43  
ASN CA    HA     sing N N 44  
ASN C     O      doub N N 45  
ASN C     OXT    sing N N 46  
ASN CB    CG     sing N N 47  
ASN CB    HB2    sing N N 48  
ASN CB    HB3    sing N N 49  
ASN CG    OD1    doub N N 50  
ASN CG    ND2    sing N N 51  
ASN ND2   HD21   sing N N 52  
ASN ND2   HD22   sing N N 53  
ASN OXT   HXT    sing N N 54  
ASP N     CA     sing N N 55  
ASP N     H      sing N N 56  
ASP N     H2     sing N N 57  
ASP CA    C      sing N N 58  
ASP CA    CB     sing N N 59  
ASP CA    HA     sing N N 60  
ASP C     O      doub N N 61  
ASP C     OXT    sing N N 62  
ASP CB    CG     sing N N 63  
ASP CB    HB2    sing N N 64  
ASP CB    HB3    sing N N 65  
ASP CG    OD1    doub N N 66  
ASP CG    OD2    sing N N 67  
ASP OD2   HD2    sing N N 68  
ASP OXT   HXT    sing N N 69  
CYS N     CA     sing N N 70  
CYS N     H      sing N N 71  
CYS N     H2     sing N N 72  
CYS CA    C      sing N N 73  
CYS CA    CB     sing N N 74  
CYS CA    HA     sing N N 75  
CYS C     O      doub N N 76  
CYS C     OXT    sing N N 77  
CYS CB    SG     sing N N 78  
CYS CB    HB2    sing N N 79  
CYS CB    HB3    sing N N 80  
CYS SG    HG     sing N N 81  
CYS OXT   HXT    sing N N 82  
GLN N     CA     sing N N 83  
GLN N     H      sing N N 84  
GLN N     H2     sing N N 85  
GLN CA    C      sing N N 86  
GLN CA    CB     sing N N 87  
GLN CA    HA     sing N N 88  
GLN C     O      doub N N 89  
GLN C     OXT    sing N N 90  
GLN CB    CG     sing N N 91  
GLN CB    HB2    sing N N 92  
GLN CB    HB3    sing N N 93  
GLN CG    CD     sing N N 94  
GLN CG    HG2    sing N N 95  
GLN CG    HG3    sing N N 96  
GLN CD    OE1    doub N N 97  
GLN CD    NE2    sing N N 98  
GLN NE2   HE21   sing N N 99  
GLN NE2   HE22   sing N N 100 
GLN OXT   HXT    sing N N 101 
GLU N     CA     sing N N 102 
GLU N     H      sing N N 103 
GLU N     H2     sing N N 104 
GLU CA    C      sing N N 105 
GLU CA    CB     sing N N 106 
GLU CA    HA     sing N N 107 
GLU C     O      doub N N 108 
GLU C     OXT    sing N N 109 
GLU CB    CG     sing N N 110 
GLU CB    HB2    sing N N 111 
GLU CB    HB3    sing N N 112 
GLU CG    CD     sing N N 113 
GLU CG    HG2    sing N N 114 
GLU CG    HG3    sing N N 115 
GLU CD    OE1    doub N N 116 
GLU CD    OE2    sing N N 117 
GLU OE2   HE2    sing N N 118 
GLU OXT   HXT    sing N N 119 
GLY N     CA     sing N N 120 
GLY N     H      sing N N 121 
GLY N     H2     sing N N 122 
GLY CA    C      sing N N 123 
GLY CA    HA2    sing N N 124 
GLY CA    HA3    sing N N 125 
GLY C     O      doub N N 126 
GLY C     OXT    sing N N 127 
GLY OXT   HXT    sing N N 128 
HIS N     CA     sing N N 129 
HIS N     H      sing N N 130 
HIS N     H2     sing N N 131 
HIS CA    C      sing N N 132 
HIS CA    CB     sing N N 133 
HIS CA    HA     sing N N 134 
HIS C     O      doub N N 135 
HIS C     OXT    sing N N 136 
HIS CB    CG     sing N N 137 
HIS CB    HB2    sing N N 138 
HIS CB    HB3    sing N N 139 
HIS CG    ND1    sing Y N 140 
HIS CG    CD2    doub Y N 141 
HIS ND1   CE1    doub Y N 142 
HIS ND1   HD1    sing N N 143 
HIS CD2   NE2    sing Y N 144 
HIS CD2   HD2    sing N N 145 
HIS CE1   NE2    sing Y N 146 
HIS CE1   HE1    sing N N 147 
HIS NE2   HE2    sing N N 148 
HIS OXT   HXT    sing N N 149 
HOH O     H1     sing N N 150 
HOH O     H2     sing N N 151 
ILE N     CA     sing N N 152 
ILE N     H      sing N N 153 
ILE N     H2     sing N N 154 
ILE CA    C      sing N N 155 
ILE CA    CB     sing N N 156 
ILE CA    HA     sing N N 157 
ILE C     O      doub N N 158 
ILE C     OXT    sing N N 159 
ILE CB    CG1    sing N N 160 
ILE CB    CG2    sing N N 161 
ILE CB    HB     sing N N 162 
ILE CG1   CD1    sing N N 163 
ILE CG1   HG12   sing N N 164 
ILE CG1   HG13   sing N N 165 
ILE CG2   HG21   sing N N 166 
ILE CG2   HG22   sing N N 167 
ILE CG2   HG23   sing N N 168 
ILE CD1   HD11   sing N N 169 
ILE CD1   HD12   sing N N 170 
ILE CD1   HD13   sing N N 171 
ILE OXT   HXT    sing N N 172 
LEU N     CA     sing N N 173 
LEU N     H      sing N N 174 
LEU N     H2     sing N N 175 
LEU CA    C      sing N N 176 
LEU CA    CB     sing N N 177 
LEU CA    HA     sing N N 178 
LEU C     O      doub N N 179 
LEU C     OXT    sing N N 180 
LEU CB    CG     sing N N 181 
LEU CB    HB2    sing N N 182 
LEU CB    HB3    sing N N 183 
LEU CG    CD1    sing N N 184 
LEU CG    CD2    sing N N 185 
LEU CG    HG     sing N N 186 
LEU CD1   HD11   sing N N 187 
LEU CD1   HD12   sing N N 188 
LEU CD1   HD13   sing N N 189 
LEU CD2   HD21   sing N N 190 
LEU CD2   HD22   sing N N 191 
LEU CD2   HD23   sing N N 192 
LEU OXT   HXT    sing N N 193 
LYS N     CA     sing N N 194 
LYS N     H      sing N N 195 
LYS N     H2     sing N N 196 
LYS CA    C      sing N N 197 
LYS CA    CB     sing N N 198 
LYS CA    HA     sing N N 199 
LYS C     O      doub N N 200 
LYS C     OXT    sing N N 201 
LYS CB    CG     sing N N 202 
LYS CB    HB2    sing N N 203 
LYS CB    HB3    sing N N 204 
LYS CG    CD     sing N N 205 
LYS CG    HG2    sing N N 206 
LYS CG    HG3    sing N N 207 
LYS CD    CE     sing N N 208 
LYS CD    HD2    sing N N 209 
LYS CD    HD3    sing N N 210 
LYS CE    NZ     sing N N 211 
LYS CE    HE2    sing N N 212 
LYS CE    HE3    sing N N 213 
LYS NZ    HZ1    sing N N 214 
LYS NZ    HZ2    sing N N 215 
LYS NZ    HZ3    sing N N 216 
LYS OXT   HXT    sing N N 217 
MET N     CA     sing N N 218 
MET N     H      sing N N 219 
MET N     H2     sing N N 220 
MET CA    C      sing N N 221 
MET CA    CB     sing N N 222 
MET CA    HA     sing N N 223 
MET C     O      doub N N 224 
MET C     OXT    sing N N 225 
MET CB    CG     sing N N 226 
MET CB    HB2    sing N N 227 
MET CB    HB3    sing N N 228 
MET CG    SD     sing N N 229 
MET CG    HG2    sing N N 230 
MET CG    HG3    sing N N 231 
MET SD    CE     sing N N 232 
MET CE    HE1    sing N N 233 
MET CE    HE2    sing N N 234 
MET CE    HE3    sing N N 235 
MET OXT   HXT    sing N N 236 
PHE N     CA     sing N N 237 
PHE N     H      sing N N 238 
PHE N     H2     sing N N 239 
PHE CA    C      sing N N 240 
PHE CA    CB     sing N N 241 
PHE CA    HA     sing N N 242 
PHE C     O      doub N N 243 
PHE C     OXT    sing N N 244 
PHE CB    CG     sing N N 245 
PHE CB    HB2    sing N N 246 
PHE CB    HB3    sing N N 247 
PHE CG    CD1    doub Y N 248 
PHE CG    CD2    sing Y N 249 
PHE CD1   CE1    sing Y N 250 
PHE CD1   HD1    sing N N 251 
PHE CD2   CE2    doub Y N 252 
PHE CD2   HD2    sing N N 253 
PHE CE1   CZ     doub Y N 254 
PHE CE1   HE1    sing N N 255 
PHE CE2   CZ     sing Y N 256 
PHE CE2   HE2    sing N N 257 
PHE CZ    HZ     sing N N 258 
PHE OXT   HXT    sing N N 259 
PRO N     CA     sing N N 260 
PRO N     CD     sing N N 261 
PRO N     H      sing N N 262 
PRO CA    C      sing N N 263 
PRO CA    CB     sing N N 264 
PRO CA    HA     sing N N 265 
PRO C     O      doub N N 266 
PRO C     OXT    sing N N 267 
PRO CB    CG     sing N N 268 
PRO CB    HB2    sing N N 269 
PRO CB    HB3    sing N N 270 
PRO CG    CD     sing N N 271 
PRO CG    HG2    sing N N 272 
PRO CG    HG3    sing N N 273 
PRO CD    HD2    sing N N 274 
PRO CD    HD3    sing N N 275 
PRO OXT   HXT    sing N N 276 
SER N     CA     sing N N 277 
SER N     H      sing N N 278 
SER N     H2     sing N N 279 
SER CA    C      sing N N 280 
SER CA    CB     sing N N 281 
SER CA    HA     sing N N 282 
SER C     O      doub N N 283 
SER C     OXT    sing N N 284 
SER CB    OG     sing N N 285 
SER CB    HB2    sing N N 286 
SER CB    HB3    sing N N 287 
SER OG    HG     sing N N 288 
SER OXT   HXT    sing N N 289 
THR N     CA     sing N N 290 
THR N     H      sing N N 291 
THR N     H2     sing N N 292 
THR CA    C      sing N N 293 
THR CA    CB     sing N N 294 
THR CA    HA     sing N N 295 
THR C     O      doub N N 296 
THR C     OXT    sing N N 297 
THR CB    OG1    sing N N 298 
THR CB    CG2    sing N N 299 
THR CB    HB     sing N N 300 
THR OG1   HG1    sing N N 301 
THR CG2   HG21   sing N N 302 
THR CG2   HG22   sing N N 303 
THR CG2   HG23   sing N N 304 
THR OXT   HXT    sing N N 305 
TMP P     O1P    doub N N 306 
TMP P     O2P    sing N N 307 
TMP P     O3P    sing N N 308 
TMP P     "O5'"  sing N N 309 
TMP O2P   HOP2   sing N N 310 
TMP O3P   HOP3   sing N N 311 
TMP "O5'" "C5'"  sing N N 312 
TMP "C5'" "C4'"  sing N N 313 
TMP "C5'" "H5'1" sing N N 314 
TMP "C5'" "H5'2" sing N N 315 
TMP "C4'" "O4'"  sing N N 316 
TMP "C4'" "C3'"  sing N N 317 
TMP "C4'" "H4'"  sing N N 318 
TMP "O4'" "C1'"  sing N N 319 
TMP "C3'" "O3'"  sing N N 320 
TMP "C3'" "C2'"  sing N N 321 
TMP "C3'" "H3'"  sing N N 322 
TMP "O3'" "HO3'" sing N N 323 
TMP "C2'" "C1'"  sing N N 324 
TMP "C2'" "H2'1" sing N N 325 
TMP "C2'" "H2'2" sing N N 326 
TMP "C1'" N1     sing N N 327 
TMP "C1'" "H1'"  sing N N 328 
TMP N1    C2     sing N N 329 
TMP N1    C6     sing N N 330 
TMP C2    O2     doub N N 331 
TMP C2    N3     sing N N 332 
TMP N3    C4     sing N N 333 
TMP N3    HN3    sing N N 334 
TMP C4    O4     doub N N 335 
TMP C4    C5     sing N N 336 
TMP C5    C5M    sing N N 337 
TMP C5    C6     doub N N 338 
TMP C5M   H51    sing N N 339 
TMP C5M   H52    sing N N 340 
TMP C5M   H53    sing N N 341 
TMP C6    H6     sing N N 342 
TRP N     CA     sing N N 343 
TRP N     H      sing N N 344 
TRP N     H2     sing N N 345 
TRP CA    C      sing N N 346 
TRP CA    CB     sing N N 347 
TRP CA    HA     sing N N 348 
TRP C     O      doub N N 349 
TRP C     OXT    sing N N 350 
TRP CB    CG     sing N N 351 
TRP CB    HB2    sing N N 352 
TRP CB    HB3    sing N N 353 
TRP CG    CD1    doub Y N 354 
TRP CG    CD2    sing Y N 355 
TRP CD1   NE1    sing Y N 356 
TRP CD1   HD1    sing N N 357 
TRP CD2   CE2    doub Y N 358 
TRP CD2   CE3    sing Y N 359 
TRP NE1   CE2    sing Y N 360 
TRP NE1   HE1    sing N N 361 
TRP CE2   CZ2    sing Y N 362 
TRP CE3   CZ3    doub Y N 363 
TRP CE3   HE3    sing N N 364 
TRP CZ2   CH2    doub Y N 365 
TRP CZ2   HZ2    sing N N 366 
TRP CZ3   CH2    sing Y N 367 
TRP CZ3   HZ3    sing N N 368 
TRP CH2   HH2    sing N N 369 
TRP OXT   HXT    sing N N 370 
TYR N     CA     sing N N 371 
TYR N     H      sing N N 372 
TYR N     H2     sing N N 373 
TYR CA    C      sing N N 374 
TYR CA    CB     sing N N 375 
TYR CA    HA     sing N N 376 
TYR C     O      doub N N 377 
TYR C     OXT    sing N N 378 
TYR CB    CG     sing N N 379 
TYR CB    HB2    sing N N 380 
TYR CB    HB3    sing N N 381 
TYR CG    CD1    doub Y N 382 
TYR CG    CD2    sing Y N 383 
TYR CD1   CE1    sing Y N 384 
TYR CD1   HD1    sing N N 385 
TYR CD2   CE2    doub Y N 386 
TYR CD2   HD2    sing N N 387 
TYR CE1   CZ     doub Y N 388 
TYR CE1   HE1    sing N N 389 
TYR CE2   CZ     sing Y N 390 
TYR CE2   HE2    sing N N 391 
TYR CZ    OH     sing N N 392 
TYR OH    HH     sing N N 393 
TYR OXT   HXT    sing N N 394 
VAL N     CA     sing N N 395 
VAL N     H      sing N N 396 
VAL N     H2     sing N N 397 
VAL CA    C      sing N N 398 
VAL CA    CB     sing N N 399 
VAL CA    HA     sing N N 400 
VAL C     O      doub N N 401 
VAL C     OXT    sing N N 402 
VAL CB    CG1    sing N N 403 
VAL CB    CG2    sing N N 404 
VAL CB    HB     sing N N 405 
VAL CG1   HG11   sing N N 406 
VAL CG1   HG12   sing N N 407 
VAL CG1   HG13   sing N N 408 
VAL CG2   HG21   sing N N 409 
VAL CG2   HG22   sing N N 410 
VAL CG2   HG23   sing N N 411 
VAL OXT   HXT    sing N N 412 
# 
_pdbx_audit_support.funding_organization   'Council of Scientific & Industrial Research (CSIR)' 
_pdbx_audit_support.country                India 
_pdbx_audit_support.grant_number           ? 
_pdbx_audit_support.ordinal                1 
# 
_pdbx_entity_instance_feature.ordinal        1 
_pdbx_entity_instance_feature.comp_id        TMP 
_pdbx_entity_instance_feature.asym_id        ? 
_pdbx_entity_instance_feature.seq_num        ? 
_pdbx_entity_instance_feature.auth_comp_id   TMP 
_pdbx_entity_instance_feature.auth_asym_id   ? 
_pdbx_entity_instance_feature.auth_seq_num   ? 
_pdbx_entity_instance_feature.feature_type   'SUBJECT OF INVESTIGATION' 
_pdbx_entity_instance_feature.details        ? 
# 
loop_
_pdbx_entity_nonpoly.entity_id 
_pdbx_entity_nonpoly.name 
_pdbx_entity_nonpoly.comp_id 
2 "THYMIDINE-5'-PHOSPHATE" TMP 
3 water                    HOH 
# 
_pdbx_initial_refinement_model.id               1 
_pdbx_initial_refinement_model.entity_id_list   ? 
_pdbx_initial_refinement_model.type             'experimental model' 
_pdbx_initial_refinement_model.source_name      PDB 
_pdbx_initial_refinement_model.accession_code   1E9C 
_pdbx_initial_refinement_model.details          ? 
# 
_pdbx_struct_assembly_auth_evidence.id                     1 
_pdbx_struct_assembly_auth_evidence.assembly_id            1 
_pdbx_struct_assembly_auth_evidence.experimental_support   'gel filtration' 
_pdbx_struct_assembly_auth_evidence.details                Small-Angle-Xray-Scattering 
# 
